data_4JWK
# 
_entry.id   4JWK 
# 
_audit_conform.dict_name       mmcif_pdbx.dic 
_audit_conform.dict_version    5.381 
_audit_conform.dict_location   http://mmcif.pdb.org/dictionaries/ascii/mmcif_pdbx.dic 
# 
loop_
_database_2.database_id 
_database_2.database_code 
_database_2.pdbx_database_accession 
_database_2.pdbx_DOI 
PDB   4JWK         pdb_00004jwk 10.2210/pdb4jwk/pdb 
RCSB  RCSB078594   ?            ?                   
WWPDB D_1000078594 ?            ?                   
# 
loop_
_pdbx_database_related.db_name 
_pdbx_database_related.db_id 
_pdbx_database_related.details 
_pdbx_database_related.content_type 
PDB 4IKO 'Structure of Peptidyl- tRNA Hydrolase from Acinetobacter baumannii at 1.90 A resolution' unspecified 
PDB 4JX9 .                                                                                         unspecified 
PDB 4JY7 .                                                                                         unspecified 
PDB 4HOY .                                                                                         unspecified 
PDB 4FOT .                                                                                         unspecified 
PDB 4FOP .                                                                                         unspecified 
# 
_pdbx_database_status.status_code                     REL 
_pdbx_database_status.entry_id                        4JWK 
_pdbx_database_status.recvd_initial_deposition_date   2013-03-27 
_pdbx_database_status.deposit_site                    RCSB 
_pdbx_database_status.process_site                    PDBJ 
_pdbx_database_status.methods_development_category    ? 
_pdbx_database_status.status_code_sf                  REL 
_pdbx_database_status.status_code_mr                  ? 
_pdbx_database_status.SG_entry                        ? 
_pdbx_database_status.status_code_cs                  ? 
_pdbx_database_status.pdb_format_compatible           Y 
_pdbx_database_status.status_code_nmr_data            ? 
# 
loop_
_audit_author.name 
_audit_author.pdbx_ordinal 
'Kaushik, S.' 1 
'Singh, N.'   2 
'Yamini, S.'  3 
'Singh, A.'   4 
'Sinha, M.'   5 
'Kaur, P.'    6 
'Sharma, S.'  7 
'Singh, T.P.' 8 
# 
_citation.id                        primary 
_citation.title                     
;The Mode of Inhibitor Binding to Peptidyl-tRNA Hydrolase: Binding Studies and Structure Determination of Unbound and Bound Peptidyl-tRNA Hydrolase from Acinetobacter baumannii
;
_citation.journal_abbrev            'Plos One' 
_citation.journal_volume            8 
_citation.page_first                e67547 
_citation.page_last                 e67547 
_citation.year                      2013 
_citation.journal_id_ASTM           ? 
_citation.country                   US 
_citation.journal_id_ISSN           1932-6203 
_citation.journal_id_CSD            ? 
_citation.book_publisher            ? 
_citation.pdbx_database_id_PubMed   23844024 
_citation.pdbx_database_id_DOI      10.1371/journal.pone.0067547 
# 
loop_
_citation_author.citation_id 
_citation_author.name 
_citation_author.ordinal 
_citation_author.identifier_ORCID 
primary 'Kaushik, S.' 1 ? 
primary 'Singh, N.'   2 ? 
primary 'Yamini, S.'  3 ? 
primary 'Singh, A.'   4 ? 
primary 'Sinha, M.'   5 ? 
primary 'Arora, A.'   6 ? 
primary 'Kaur, P.'    7 ? 
primary 'Sharma, S.'  8 ? 
primary 'Singh, T.P.' 9 ? 
# 
_cell.entry_id           4JWK 
_cell.length_a           34.257 
_cell.length_b           64.391 
_cell.length_c           78.612 
_cell.angle_alpha        90.00 
_cell.angle_beta         90.00 
_cell.angle_gamma        90.00 
_cell.Z_PDB              4 
_cell.pdbx_unique_axis   ? 
_cell.length_a_esd       ? 
_cell.length_b_esd       ? 
_cell.length_c_esd       ? 
_cell.angle_alpha_esd    ? 
_cell.angle_beta_esd     ? 
_cell.angle_gamma_esd    ? 
# 
_symmetry.entry_id                         4JWK 
_symmetry.space_group_name_H-M             'P 21 21 21' 
_symmetry.pdbx_full_space_group_name_H-M   ? 
_symmetry.cell_setting                     ? 
_symmetry.Int_Tables_number                19 
_symmetry.space_group_name_Hall            ? 
# 
loop_
_entity.id 
_entity.type 
_entity.src_method 
_entity.pdbx_description 
_entity.formula_weight 
_entity.pdbx_number_of_molecules 
_entity.pdbx_ec 
_entity.pdbx_mutation 
_entity.pdbx_fragment 
_entity.details 
1 polymer     man 'Peptidyl-tRNA hydrolase'                           20967.957 1   3.1.1.29 ? 'Peptidyl-tRNA hydrolase' ? 
2 non-polymer syn '4-AMINO-1-BETA-D-RIBOFURANOSYL-2(1H)-PYRIMIDINONE' 243.217   1   ?        ? ?                         ? 
3 water       nat water                                               18.015    136 ?        ? ?                         ? 
# 
_entity_name_com.entity_id   1 
_entity_name_com.name        PTH 
# 
_entity_poly.entity_id                      1 
_entity_poly.type                           'polypeptide(L)' 
_entity_poly.nstd_linkage                   no 
_entity_poly.nstd_monomer                   no 
_entity_poly.pdbx_seq_one_letter_code       
;MSNISLIVGLGNPGSEYAQTRHNAGFWFVEQLADKYGITLKNDPKFHGISGRGNIEGHDVRLLLPMTYMNRSGQSVVPFS
KFYQIAPEAILIAHDELDMNPGVIRLKTGGGHGGHNGLRDIVPHIGPNFHRLRIGIGHPGSKERVSGHVLGKAPSNEQSL
MDGAIDHALSKVKLLVQGQVPQAMNQINAYKPA
;
_entity_poly.pdbx_seq_one_letter_code_can   
;MSNISLIVGLGNPGSEYAQTRHNAGFWFVEQLADKYGITLKNDPKFHGISGRGNIEGHDVRLLLPMTYMNRSGQSVVPFS
KFYQIAPEAILIAHDELDMNPGVIRLKTGGGHGGHNGLRDIVPHIGPNFHRLRIGIGHPGSKERVSGHVLGKAPSNEQSL
MDGAIDHALSKVKLLVQGQVPQAMNQINAYKPA
;
_entity_poly.pdbx_strand_id                 A 
_entity_poly.pdbx_target_identifier         ? 
# 
loop_
_entity_poly_seq.entity_id 
_entity_poly_seq.num 
_entity_poly_seq.mon_id 
_entity_poly_seq.hetero 
1 1   MET n 
1 2   SER n 
1 3   ASN n 
1 4   ILE n 
1 5   SER n 
1 6   LEU n 
1 7   ILE n 
1 8   VAL n 
1 9   GLY n 
1 10  LEU n 
1 11  GLY n 
1 12  ASN n 
1 13  PRO n 
1 14  GLY n 
1 15  SER n 
1 16  GLU n 
1 17  TYR n 
1 18  ALA n 
1 19  GLN n 
1 20  THR n 
1 21  ARG n 
1 22  HIS n 
1 23  ASN n 
1 24  ALA n 
1 25  GLY n 
1 26  PHE n 
1 27  TRP n 
1 28  PHE n 
1 29  VAL n 
1 30  GLU n 
1 31  GLN n 
1 32  LEU n 
1 33  ALA n 
1 34  ASP n 
1 35  LYS n 
1 36  TYR n 
1 37  GLY n 
1 38  ILE n 
1 39  THR n 
1 40  LEU n 
1 41  LYS n 
1 42  ASN n 
1 43  ASP n 
1 44  PRO n 
1 45  LYS n 
1 46  PHE n 
1 47  HIS n 
1 48  GLY n 
1 49  ILE n 
1 50  SER n 
1 51  GLY n 
1 52  ARG n 
1 53  GLY n 
1 54  ASN n 
1 55  ILE n 
1 56  GLU n 
1 57  GLY n 
1 58  HIS n 
1 59  ASP n 
1 60  VAL n 
1 61  ARG n 
1 62  LEU n 
1 63  LEU n 
1 64  LEU n 
1 65  PRO n 
1 66  MET n 
1 67  THR n 
1 68  TYR n 
1 69  MET n 
1 70  ASN n 
1 71  ARG n 
1 72  SER n 
1 73  GLY n 
1 74  GLN n 
1 75  SER n 
1 76  VAL n 
1 77  VAL n 
1 78  PRO n 
1 79  PHE n 
1 80  SER n 
1 81  LYS n 
1 82  PHE n 
1 83  TYR n 
1 84  GLN n 
1 85  ILE n 
1 86  ALA n 
1 87  PRO n 
1 88  GLU n 
1 89  ALA n 
1 90  ILE n 
1 91  LEU n 
1 92  ILE n 
1 93  ALA n 
1 94  HIS n 
1 95  ASP n 
1 96  GLU n 
1 97  LEU n 
1 98  ASP n 
1 99  MET n 
1 100 ASN n 
1 101 PRO n 
1 102 GLY n 
1 103 VAL n 
1 104 ILE n 
1 105 ARG n 
1 106 LEU n 
1 107 LYS n 
1 108 THR n 
1 109 GLY n 
1 110 GLY n 
1 111 GLY n 
1 112 HIS n 
1 113 GLY n 
1 114 GLY n 
1 115 HIS n 
1 116 ASN n 
1 117 GLY n 
1 118 LEU n 
1 119 ARG n 
1 120 ASP n 
1 121 ILE n 
1 122 VAL n 
1 123 PRO n 
1 124 HIS n 
1 125 ILE n 
1 126 GLY n 
1 127 PRO n 
1 128 ASN n 
1 129 PHE n 
1 130 HIS n 
1 131 ARG n 
1 132 LEU n 
1 133 ARG n 
1 134 ILE n 
1 135 GLY n 
1 136 ILE n 
1 137 GLY n 
1 138 HIS n 
1 139 PRO n 
1 140 GLY n 
1 141 SER n 
1 142 LYS n 
1 143 GLU n 
1 144 ARG n 
1 145 VAL n 
1 146 SER n 
1 147 GLY n 
1 148 HIS n 
1 149 VAL n 
1 150 LEU n 
1 151 GLY n 
1 152 LYS n 
1 153 ALA n 
1 154 PRO n 
1 155 SER n 
1 156 ASN n 
1 157 GLU n 
1 158 GLN n 
1 159 SER n 
1 160 LEU n 
1 161 MET n 
1 162 ASP n 
1 163 GLY n 
1 164 ALA n 
1 165 ILE n 
1 166 ASP n 
1 167 HIS n 
1 168 ALA n 
1 169 LEU n 
1 170 SER n 
1 171 LYS n 
1 172 VAL n 
1 173 LYS n 
1 174 LEU n 
1 175 LEU n 
1 176 VAL n 
1 177 GLN n 
1 178 GLY n 
1 179 GLN n 
1 180 VAL n 
1 181 PRO n 
1 182 GLN n 
1 183 ALA n 
1 184 MET n 
1 185 ASN n 
1 186 GLN n 
1 187 ILE n 
1 188 ASN n 
1 189 ALA n 
1 190 TYR n 
1 191 LYS n 
1 192 PRO n 
1 193 ALA n 
# 
_entity_src_gen.entity_id                          1 
_entity_src_gen.pdbx_src_id                        1 
_entity_src_gen.pdbx_alt_source_flag               sample 
_entity_src_gen.pdbx_seq_type                      ? 
_entity_src_gen.pdbx_beg_seq_num                   ? 
_entity_src_gen.pdbx_end_seq_num                   ? 
_entity_src_gen.gene_src_common_name               ? 
_entity_src_gen.gene_src_genus                     ? 
_entity_src_gen.pdbx_gene_src_gene                 'HMPREF0010_01329, pth' 
_entity_src_gen.gene_src_species                   ? 
_entity_src_gen.gene_src_strain                    ? 
_entity_src_gen.gene_src_tissue                    ? 
_entity_src_gen.gene_src_tissue_fraction           ? 
_entity_src_gen.gene_src_details                   ? 
_entity_src_gen.pdbx_gene_src_fragment             ? 
_entity_src_gen.pdbx_gene_src_scientific_name      'Acinetobacter baumannii ATCC 19606 = CIP 70.34' 
_entity_src_gen.pdbx_gene_src_ncbi_taxonomy_id     575584 
_entity_src_gen.pdbx_gene_src_variant              ? 
_entity_src_gen.pdbx_gene_src_cell_line            ? 
_entity_src_gen.pdbx_gene_src_atcc                 ? 
_entity_src_gen.pdbx_gene_src_organ                ? 
_entity_src_gen.pdbx_gene_src_organelle            ? 
_entity_src_gen.pdbx_gene_src_cell                 ? 
_entity_src_gen.pdbx_gene_src_cellular_location    ? 
_entity_src_gen.host_org_common_name               ? 
_entity_src_gen.pdbx_host_org_scientific_name      'Escherichia coli' 
_entity_src_gen.pdbx_host_org_ncbi_taxonomy_id     562 
_entity_src_gen.host_org_genus                     ? 
_entity_src_gen.pdbx_host_org_gene                 ? 
_entity_src_gen.pdbx_host_org_organ                ? 
_entity_src_gen.host_org_species                   ? 
_entity_src_gen.pdbx_host_org_tissue               ? 
_entity_src_gen.pdbx_host_org_tissue_fraction      ? 
_entity_src_gen.pdbx_host_org_strain               ? 
_entity_src_gen.pdbx_host_org_variant              ? 
_entity_src_gen.pdbx_host_org_cell_line            ? 
_entity_src_gen.pdbx_host_org_atcc                 ? 
_entity_src_gen.pdbx_host_org_culture_collection   ? 
_entity_src_gen.pdbx_host_org_cell                 ? 
_entity_src_gen.pdbx_host_org_organelle            ? 
_entity_src_gen.pdbx_host_org_cellular_location    ? 
_entity_src_gen.pdbx_host_org_vector_type          ? 
_entity_src_gen.pdbx_host_org_vector               ? 
_entity_src_gen.host_org_details                   ? 
_entity_src_gen.expression_system_id               ? 
_entity_src_gen.plasmid_name                       ? 
_entity_src_gen.plasmid_details                    ? 
_entity_src_gen.pdbx_description                   ? 
# 
_struct_ref.id                         1 
_struct_ref.db_name                    UNP 
_struct_ref.db_code                    D0C9L6_ACIBA 
_struct_ref.pdbx_db_accession          D0C9L6 
_struct_ref.entity_id                  1 
_struct_ref.pdbx_seq_one_letter_code   
;MSNISLIVGLGNPGSEYAQTRHNAGFWFVEQLADKYGITLKNDPKFHGISGRGNIEGHDVRLLLPMTYMNRSGQSVVPFS
KFYQIAPEAILIAHDELDMNPGVIRLKTGGGHGGHNGLRDIVPHIGPNFHRLRIGIGHPGSKERVSGHVLGKAPSNEQSL
MDGAIDHALSKVKLLVQGQVPQAMNQINAYKPA
;
_struct_ref.pdbx_align_begin           1 
_struct_ref.pdbx_db_isoform            ? 
# 
_struct_ref_seq.align_id                      1 
_struct_ref_seq.ref_id                        1 
_struct_ref_seq.pdbx_PDB_id_code              4JWK 
_struct_ref_seq.pdbx_strand_id                A 
_struct_ref_seq.seq_align_beg                 1 
_struct_ref_seq.pdbx_seq_align_beg_ins_code   ? 
_struct_ref_seq.seq_align_end                 193 
_struct_ref_seq.pdbx_seq_align_end_ins_code   ? 
_struct_ref_seq.pdbx_db_accession             D0C9L6 
_struct_ref_seq.db_align_beg                  1 
_struct_ref_seq.pdbx_db_align_beg_ins_code    ? 
_struct_ref_seq.db_align_end                  193 
_struct_ref_seq.pdbx_db_align_end_ins_code    ? 
_struct_ref_seq.pdbx_auth_seq_align_beg       1 
_struct_ref_seq.pdbx_auth_seq_align_end       193 
# 
loop_
_chem_comp.id 
_chem_comp.type 
_chem_comp.mon_nstd_flag 
_chem_comp.name 
_chem_comp.pdbx_synonyms 
_chem_comp.formula 
_chem_comp.formula_weight 
ALA 'L-peptide linking' y ALANINE                                             ?        'C3 H7 N O2'     89.093  
ARG 'L-peptide linking' y ARGININE                                            ?        'C6 H15 N4 O2 1' 175.209 
ASN 'L-peptide linking' y ASPARAGINE                                          ?        'C4 H8 N2 O3'    132.118 
ASP 'L-peptide linking' y 'ASPARTIC ACID'                                     ?        'C4 H7 N O4'     133.103 
CTN non-polymer         . '4-AMINO-1-BETA-D-RIBOFURANOSYL-2(1H)-PYRIMIDINONE' CYTIDINE 'C9 H13 N3 O5'   243.217 
GLN 'L-peptide linking' y GLUTAMINE                                           ?        'C5 H10 N2 O3'   146.144 
GLU 'L-peptide linking' y 'GLUTAMIC ACID'                                     ?        'C5 H9 N O4'     147.129 
GLY 'peptide linking'   y GLYCINE                                             ?        'C2 H5 N O2'     75.067  
HIS 'L-peptide linking' y HISTIDINE                                           ?        'C6 H10 N3 O2 1' 156.162 
HOH non-polymer         . WATER                                               ?        'H2 O'           18.015  
ILE 'L-peptide linking' y ISOLEUCINE                                          ?        'C6 H13 N O2'    131.173 
LEU 'L-peptide linking' y LEUCINE                                             ?        'C6 H13 N O2'    131.173 
LYS 'L-peptide linking' y LYSINE                                              ?        'C6 H15 N2 O2 1' 147.195 
MET 'L-peptide linking' y METHIONINE                                          ?        'C5 H11 N O2 S'  149.211 
PHE 'L-peptide linking' y PHENYLALANINE                                       ?        'C9 H11 N O2'    165.189 
PRO 'L-peptide linking' y PROLINE                                             ?        'C5 H9 N O2'     115.130 
SER 'L-peptide linking' y SERINE                                              ?        'C3 H7 N O3'     105.093 
THR 'L-peptide linking' y THREONINE                                           ?        'C4 H9 N O3'     119.119 
TRP 'L-peptide linking' y TRYPTOPHAN                                          ?        'C11 H12 N2 O2'  204.225 
TYR 'L-peptide linking' y TYROSINE                                            ?        'C9 H11 N O3'    181.189 
VAL 'L-peptide linking' y VALINE                                              ?        'C5 H11 N O2'    117.146 
# 
_exptl.entry_id          4JWK 
_exptl.method            'X-RAY DIFFRACTION' 
_exptl.crystals_number   1 
# 
_exptl_crystal.id                    1 
_exptl_crystal.density_meas          ? 
_exptl_crystal.density_Matthews      2.07 
_exptl_crystal.density_percent_sol   40.51 
_exptl_crystal.description           ? 
_exptl_crystal.F_000                 ? 
_exptl_crystal.preparation           ? 
# 
_exptl_crystal_grow.crystal_id      1 
_exptl_crystal_grow.method          'VAPOR DIFFUSION, HANGING DROP' 
_exptl_crystal_grow.temp            298 
_exptl_crystal_grow.temp_details    ? 
_exptl_crystal_grow.pH              6.5 
_exptl_crystal_grow.pdbx_details    '0.2M HEPES, 25% PEG400, 12% PEG1500, pH 6.5, VAPOR DIFFUSION, HANGING DROP, temperature 298K' 
_exptl_crystal_grow.pdbx_pH_range   . 
# 
_diffrn.id                     1 
_diffrn.ambient_temp           77 
_diffrn.ambient_temp_details   ? 
_diffrn.crystal_id             1 
# 
_diffrn_detector.diffrn_id              1 
_diffrn_detector.detector               CCD 
_diffrn_detector.type                   MARRESEARCH 
_diffrn_detector.pdbx_collection_date   2012-11-20 
_diffrn_detector.details                ? 
# 
_diffrn_radiation.diffrn_id                        1 
_diffrn_radiation.wavelength_id                    1 
_diffrn_radiation.pdbx_monochromatic_or_laue_m_l   M 
_diffrn_radiation.monochromator                    Graphite 
_diffrn_radiation.pdbx_diffrn_protocol             'SINGLE WAVELENGTH' 
_diffrn_radiation.pdbx_scattering_type             x-ray 
# 
_diffrn_radiation_wavelength.id           1 
_diffrn_radiation_wavelength.wavelength   0.97 
_diffrn_radiation_wavelength.wt           1.0 
# 
_diffrn_source.diffrn_id                   1 
_diffrn_source.source                      SYNCHROTRON 
_diffrn_source.type                        'ESRF BEAMLINE BM14' 
_diffrn_source.pdbx_synchrotron_site       ESRF 
_diffrn_source.pdbx_synchrotron_beamline   BM14 
_diffrn_source.pdbx_wavelength             ? 
_diffrn_source.pdbx_wavelength_list        0.97 
# 
_reflns.entry_id                     4JWK 
_reflns.observed_criterion_sigma_I   0 
_reflns.observed_criterion_sigma_F   0 
_reflns.d_resolution_low             33.57 
_reflns.d_resolution_high            1.87 
_reflns.number_obs                   14269 
_reflns.number_all                   14968 
_reflns.percent_possible_obs         99.6 
_reflns.pdbx_Rmerge_I_obs            ? 
_reflns.pdbx_Rsym_value              ? 
_reflns.pdbx_netI_over_sigmaI        ? 
_reflns.B_iso_Wilson_estimate        ? 
_reflns.pdbx_redundancy              ? 
_reflns.R_free_details               ? 
_reflns.limit_h_max                  ? 
_reflns.limit_h_min                  ? 
_reflns.limit_k_max                  ? 
_reflns.limit_k_min                  ? 
_reflns.limit_l_max                  ? 
_reflns.limit_l_min                  ? 
_reflns.observed_criterion_F_max     ? 
_reflns.observed_criterion_F_min     ? 
_reflns.pdbx_chi_squared             ? 
_reflns.pdbx_scaling_rejects         ? 
_reflns.pdbx_ordinal                 1 
_reflns.pdbx_diffrn_id               1 
# 
_reflns_shell.d_res_high                  1.87 
_reflns_shell.d_res_low                   1.9 
_reflns_shell.percent_possible_all        100 
_reflns_shell.Rmerge_I_obs                ? 
_reflns_shell.pdbx_Rsym_value             ? 
_reflns_shell.meanI_over_sigI_obs         ? 
_reflns_shell.pdbx_redundancy             ? 
_reflns_shell.percent_possible_obs        ? 
_reflns_shell.number_unique_all           ? 
_reflns_shell.number_measured_all         ? 
_reflns_shell.number_measured_obs         ? 
_reflns_shell.number_unique_obs           ? 
_reflns_shell.pdbx_chi_squared            ? 
_reflns_shell.pdbx_rejects                ? 
_reflns_shell.pdbx_netI_over_sigmaI_obs   ? 
_reflns_shell.number_possible             ? 
_reflns_shell.Rmerge_F_all                ? 
_reflns_shell.Rmerge_F_obs                ? 
_reflns_shell.Rmerge_I_all                ? 
_reflns_shell.meanI_over_sigI_all         ? 
_reflns_shell.pdbx_Rrim_I_all             ? 
_reflns_shell.pdbx_Rpim_I_all             ? 
_reflns_shell.pdbx_ordinal                1 
_reflns_shell.pdbx_diffrn_id              1 
# 
_refine.entry_id                                 4JWK 
_refine.ls_number_reflns_obs                     14269 
_refine.ls_number_reflns_all                     14968 
_refine.pdbx_ls_sigma_I                          ? 
_refine.pdbx_ls_sigma_F                          0 
_refine.pdbx_data_cutoff_high_absF               ? 
_refine.pdbx_data_cutoff_low_absF                ? 
_refine.pdbx_data_cutoff_high_rms_absF           ? 
_refine.ls_d_res_low                             33.57 
_refine.ls_d_res_high                            1.87 
_refine.ls_percent_reflns_obs                    99.66 
_refine.ls_R_factor_obs                          0.18072 
_refine.ls_R_factor_all                          ? 
_refine.ls_R_factor_R_work                       0.17867 
_refine.ls_R_factor_R_free                       0.22156 
_refine.ls_R_factor_R_free_error                 ? 
_refine.ls_R_factor_R_free_error_details         ? 
_refine.ls_percent_reflns_R_free                 5.0 
_refine.ls_number_reflns_R_free                  756 
_refine.ls_number_parameters                     ? 
_refine.ls_number_restraints                     ? 
_refine.occupancy_min                            ? 
_refine.occupancy_max                            ? 
_refine.correlation_coeff_Fo_to_Fc               0.957 
_refine.correlation_coeff_Fo_to_Fc_free          0.932 
_refine.B_iso_mean                               27.862 
_refine.aniso_B[1][1]                            -1.21 
_refine.aniso_B[2][2]                            0.13 
_refine.aniso_B[3][3]                            1.08 
_refine.aniso_B[1][2]                            -0.00 
_refine.aniso_B[1][3]                            -0.00 
_refine.aniso_B[2][3]                            -0.00 
_refine.solvent_model_details                    MASK 
_refine.solvent_model_param_ksol                 ? 
_refine.solvent_model_param_bsol                 ? 
_refine.pdbx_solvent_vdw_probe_radii             1.20 
_refine.pdbx_solvent_ion_probe_radii             0.80 
_refine.pdbx_solvent_shrinkage_radii             0.80 
_refine.pdbx_ls_cross_valid_method               THROUGHOUT 
_refine.details                                  'HYDROGENS HAVE BEEN ADDED IN THE RIDING POSITIONS' 
_refine.pdbx_starting_model                      4IKO 
_refine.pdbx_method_to_determine_struct          'MOLECULAR REPLACEMENT' 
_refine.pdbx_isotropic_thermal_model             ? 
_refine.pdbx_stereochemistry_target_values       'MAXIMUM LIKELIHOOD' 
_refine.pdbx_stereochem_target_val_spec_case     ? 
_refine.pdbx_R_Free_selection_details            RANDOM 
_refine.pdbx_overall_ESU_R                       0.156 
_refine.pdbx_overall_ESU_R_Free                  0.142 
_refine.overall_SU_ML                            0.083 
_refine.pdbx_overall_phase_error                 ? 
_refine.overall_SU_B                             2.714 
_refine.overall_SU_R_Cruickshank_DPI             ? 
_refine.ls_redundancy_reflns_obs                 ? 
_refine.B_iso_min                                ? 
_refine.B_iso_max                                ? 
_refine.overall_SU_R_free                        ? 
_refine.ls_wR_factor_R_free                      ? 
_refine.ls_wR_factor_R_work                      ? 
_refine.overall_FOM_free_R_set                   ? 
_refine.overall_FOM_work_R_set                   ? 
_refine.pdbx_diffrn_id                           1 
_refine.pdbx_refine_id                           'X-RAY DIFFRACTION' 
_refine.pdbx_TLS_residual_ADP_flag               ? 
_refine.pdbx_overall_SU_R_free_Cruickshank_DPI   ? 
_refine.pdbx_overall_SU_R_Blow_DPI               ? 
_refine.pdbx_overall_SU_R_free_Blow_DPI          ? 
# 
_refine_hist.pdbx_refine_id                   'X-RAY DIFFRACTION' 
_refine_hist.cycle_id                         LAST 
_refine_hist.pdbx_number_atoms_protein        1476 
_refine_hist.pdbx_number_atoms_nucleic_acid   0 
_refine_hist.pdbx_number_atoms_ligand         17 
_refine_hist.number_atoms_solvent             136 
_refine_hist.number_atoms_total               1629 
_refine_hist.d_res_high                       1.87 
_refine_hist.d_res_low                        33.57 
# 
loop_
_refine_ls_restr.type 
_refine_ls_restr.dev_ideal 
_refine_ls_restr.dev_ideal_target 
_refine_ls_restr.weight 
_refine_ls_restr.number 
_refine_ls_restr.pdbx_restraint_function 
_refine_ls_restr.pdbx_refine_id 
r_bond_refined_d             0.005  0.019  ? 1529 ? 'X-RAY DIFFRACTION' 
r_bond_other_d               0.002  0.020  ? 1474 ? 'X-RAY DIFFRACTION' 
r_angle_refined_deg          1.113  1.966  ? 2068 ? 'X-RAY DIFFRACTION' 
r_angle_other_deg            0.734  3.000  ? 3388 ? 'X-RAY DIFFRACTION' 
r_dihedral_angle_1_deg       5.214  5.000  ? 192  ? 'X-RAY DIFFRACTION' 
r_dihedral_angle_2_deg       36.427 23.971 ? 68   ? 'X-RAY DIFFRACTION' 
r_dihedral_angle_3_deg       13.545 15.000 ? 252  ? 'X-RAY DIFFRACTION' 
r_dihedral_angle_4_deg       16.204 15.000 ? 9    ? 'X-RAY DIFFRACTION' 
r_chiral_restr               0.062  0.200  ? 220  ? 'X-RAY DIFFRACTION' 
r_gen_planes_refined         0.003  0.021  ? 1760 ? 'X-RAY DIFFRACTION' 
r_gen_planes_other           0.001  0.020  ? 364  ? 'X-RAY DIFFRACTION' 
r_nbd_refined                ?      ?      ? ?    ? 'X-RAY DIFFRACTION' 
r_nbd_other                  ?      ?      ? ?    ? 'X-RAY DIFFRACTION' 
r_nbtor_refined              ?      ?      ? ?    ? 'X-RAY DIFFRACTION' 
r_nbtor_other                ?      ?      ? ?    ? 'X-RAY DIFFRACTION' 
r_xyhbond_nbd_refined        ?      ?      ? ?    ? 'X-RAY DIFFRACTION' 
r_xyhbond_nbd_other          ?      ?      ? ?    ? 'X-RAY DIFFRACTION' 
r_metal_ion_refined          ?      ?      ? ?    ? 'X-RAY DIFFRACTION' 
r_metal_ion_other            ?      ?      ? ?    ? 'X-RAY DIFFRACTION' 
r_symmetry_vdw_refined       ?      ?      ? ?    ? 'X-RAY DIFFRACTION' 
r_symmetry_vdw_other         ?      ?      ? ?    ? 'X-RAY DIFFRACTION' 
r_symmetry_hbond_refined     ?      ?      ? ?    ? 'X-RAY DIFFRACTION' 
r_symmetry_hbond_other       ?      ?      ? ?    ? 'X-RAY DIFFRACTION' 
r_symmetry_metal_ion_refined ?      ?      ? ?    ? 'X-RAY DIFFRACTION' 
r_symmetry_metal_ion_other   ?      ?      ? ?    ? 'X-RAY DIFFRACTION' 
r_mcbond_it                  ?      ?      ? ?    ? 'X-RAY DIFFRACTION' 
r_mcbond_other               ?      ?      ? ?    ? 'X-RAY DIFFRACTION' 
r_mcangle_it                 ?      ?      ? ?    ? 'X-RAY DIFFRACTION' 
r_scbond_it                  ?      ?      ? ?    ? 'X-RAY DIFFRACTION' 
r_scangle_it                 ?      ?      ? ?    ? 'X-RAY DIFFRACTION' 
r_rigid_bond_restr           ?      ?      ? ?    ? 'X-RAY DIFFRACTION' 
r_sphericity_free            ?      ?      ? ?    ? 'X-RAY DIFFRACTION' 
r_sphericity_bonded          ?      ?      ? ?    ? 'X-RAY DIFFRACTION' 
# 
_refine_ls_shell.pdbx_refine_id                   'X-RAY DIFFRACTION' 
_refine_ls_shell.pdbx_total_number_of_bins_used   20 
_refine_ls_shell.d_res_high                       1.87 
_refine_ls_shell.d_res_low                        1.915 
_refine_ls_shell.number_reflns_R_work             1011 
_refine_ls_shell.R_factor_R_work                  0.213 
_refine_ls_shell.percent_reflns_obs               95.94 
_refine_ls_shell.R_factor_R_free                  0.242 
_refine_ls_shell.R_factor_R_free_error            ? 
_refine_ls_shell.percent_reflns_R_free            ? 
_refine_ls_shell.number_reflns_R_free             53 
_refine_ls_shell.number_reflns_all                ? 
_refine_ls_shell.R_factor_all                     ? 
_refine_ls_shell.number_reflns_obs                ? 
_refine_ls_shell.redundancy_reflns_obs            ? 
# 
_struct.entry_id                  4JWK 
_struct.title                     
'Crystal structure of the complex of peptidyl-tRNA hydrolase from Acinetobacter baumannii with cytidine at 1.87 A resolution' 
_struct.pdbx_model_details        ? 
_struct.pdbx_CASP_flag            ? 
_struct.pdbx_model_type_details   ? 
# 
_struct_keywords.entry_id        4JWK 
_struct_keywords.pdbx_keywords   HYDROLASE 
_struct_keywords.text            'Protein synthesis, complex, HYDROLASE' 
# 
loop_
_struct_asym.id 
_struct_asym.pdbx_blank_PDB_chainid_flag 
_struct_asym.pdbx_modified 
_struct_asym.entity_id 
_struct_asym.details 
A N N 1 ? 
B N N 2 ? 
C N N 3 ? 
# 
_struct_biol.id        1 
_struct_biol.details   ? 
# 
loop_
_struct_conf.conf_type_id 
_struct_conf.id 
_struct_conf.pdbx_PDB_helix_id 
_struct_conf.beg_label_comp_id 
_struct_conf.beg_label_asym_id 
_struct_conf.beg_label_seq_id 
_struct_conf.pdbx_beg_PDB_ins_code 
_struct_conf.end_label_comp_id 
_struct_conf.end_label_asym_id 
_struct_conf.end_label_seq_id 
_struct_conf.pdbx_end_PDB_ins_code 
_struct_conf.beg_auth_comp_id 
_struct_conf.beg_auth_asym_id 
_struct_conf.beg_auth_seq_id 
_struct_conf.end_auth_comp_id 
_struct_conf.end_auth_asym_id 
_struct_conf.end_auth_seq_id 
_struct_conf.pdbx_PDB_helix_class 
_struct_conf.details 
_struct_conf.pdbx_PDB_helix_length 
HELX_P HELX_P1  1  THR A 20  ? HIS A 22  ? THR A 20  HIS A 22  5 ? 3  
HELX_P HELX_P2  2  ASN A 23  ? GLY A 37  ? ASN A 23  GLY A 37  1 ? 15 
HELX_P HELX_P3  3  PRO A 44  ? PHE A 46  ? PRO A 44  PHE A 46  5 ? 3  
HELX_P HELX_P4  4  TYR A 68  ? ARG A 71  ? TYR A 68  ARG A 71  5 ? 4  
HELX_P HELX_P5  5  SER A 72  ? TYR A 83  ? SER A 72  TYR A 83  1 ? 12 
HELX_P HELX_P6  6  ALA A 86  ? GLU A 88  ? ALA A 86  GLU A 88  5 ? 3  
HELX_P HELX_P7  7  HIS A 115 ? ASP A 120 ? HIS A 115 ASP A 120 1 ? 6  
HELX_P HELX_P8  8  ILE A 121 ? GLY A 126 ? ILE A 121 GLY A 126 1 ? 6  
HELX_P HELX_P9  9  ARG A 144 ? LEU A 150 ? ARG A 144 LEU A 150 1 ? 7  
HELX_P HELX_P10 10 PRO A 154 ? SER A 170 ? PRO A 154 SER A 170 1 ? 17 
HELX_P HELX_P11 11 LYS A 171 ? GLN A 177 ? LYS A 171 GLN A 177 1 ? 7  
HELX_P HELX_P12 12 GLN A 179 ? ALA A 189 ? GLN A 179 ALA A 189 1 ? 11 
# 
_struct_conf_type.id          HELX_P 
_struct_conf_type.criteria    ? 
_struct_conf_type.reference   ? 
# 
_struct_sheet.id               A 
_struct_sheet.type             ? 
_struct_sheet.number_strands   7 
_struct_sheet.details          ? 
# 
loop_
_struct_sheet_order.sheet_id 
_struct_sheet_order.range_id_1 
_struct_sheet_order.range_id_2 
_struct_sheet_order.offset 
_struct_sheet_order.sense 
A 1 2 ? anti-parallel 
A 2 3 ? anti-parallel 
A 3 4 ? parallel      
A 4 5 ? parallel      
A 5 6 ? parallel      
A 6 7 ? anti-parallel 
# 
loop_
_struct_sheet_range.sheet_id 
_struct_sheet_range.id 
_struct_sheet_range.beg_label_comp_id 
_struct_sheet_range.beg_label_asym_id 
_struct_sheet_range.beg_label_seq_id 
_struct_sheet_range.pdbx_beg_PDB_ins_code 
_struct_sheet_range.end_label_comp_id 
_struct_sheet_range.end_label_asym_id 
_struct_sheet_range.end_label_seq_id 
_struct_sheet_range.pdbx_end_PDB_ins_code 
_struct_sheet_range.beg_auth_comp_id 
_struct_sheet_range.beg_auth_asym_id 
_struct_sheet_range.beg_auth_seq_id 
_struct_sheet_range.end_auth_comp_id 
_struct_sheet_range.end_auth_asym_id 
_struct_sheet_range.end_auth_seq_id 
A 1 LYS A 41  ? ASP A 43  ? LYS A 41  ASP A 43  
A 2 GLY A 48  ? ILE A 55  ? GLY A 48  ILE A 55  
A 3 HIS A 58  ? PRO A 65  ? HIS A 58  PRO A 65  
A 4 LEU A 6   ? GLY A 9   ? LEU A 6   GLY A 9   
A 5 ILE A 90  ? GLU A 96  ? ILE A 90  GLU A 96  
A 6 HIS A 130 ? GLY A 135 ? HIS A 130 GLY A 135 
A 7 ILE A 104 ? THR A 108 ? ILE A 104 THR A 108 
# 
loop_
_pdbx_struct_sheet_hbond.sheet_id 
_pdbx_struct_sheet_hbond.range_id_1 
_pdbx_struct_sheet_hbond.range_id_2 
_pdbx_struct_sheet_hbond.range_1_label_atom_id 
_pdbx_struct_sheet_hbond.range_1_label_comp_id 
_pdbx_struct_sheet_hbond.range_1_label_asym_id 
_pdbx_struct_sheet_hbond.range_1_label_seq_id 
_pdbx_struct_sheet_hbond.range_1_PDB_ins_code 
_pdbx_struct_sheet_hbond.range_1_auth_atom_id 
_pdbx_struct_sheet_hbond.range_1_auth_comp_id 
_pdbx_struct_sheet_hbond.range_1_auth_asym_id 
_pdbx_struct_sheet_hbond.range_1_auth_seq_id 
_pdbx_struct_sheet_hbond.range_2_label_atom_id 
_pdbx_struct_sheet_hbond.range_2_label_comp_id 
_pdbx_struct_sheet_hbond.range_2_label_asym_id 
_pdbx_struct_sheet_hbond.range_2_label_seq_id 
_pdbx_struct_sheet_hbond.range_2_PDB_ins_code 
_pdbx_struct_sheet_hbond.range_2_auth_atom_id 
_pdbx_struct_sheet_hbond.range_2_auth_comp_id 
_pdbx_struct_sheet_hbond.range_2_auth_asym_id 
_pdbx_struct_sheet_hbond.range_2_auth_seq_id 
A 1 2 N ASP A 43  ? N ASP A 43  O GLY A 48  ? O GLY A 48  
A 2 3 N ILE A 49  ? N ILE A 49  O LEU A 64  ? O LEU A 64  
A 3 4 O ARG A 61  ? O ARG A 61  N ILE A 7   ? N ILE A 7   
A 4 5 N VAL A 8   ? N VAL A 8   O ALA A 93  ? O ALA A 93  
A 5 6 N HIS A 94  ? N HIS A 94  O ILE A 134 ? O ILE A 134 
A 6 7 O ARG A 131 ? O ARG A 131 N LYS A 107 ? N LYS A 107 
# 
_struct_site.id                   AC1 
_struct_site.pdbx_evidence_code   Software 
_struct_site.pdbx_auth_asym_id    A 
_struct_site.pdbx_auth_comp_id    CTN 
_struct_site.pdbx_auth_seq_id     201 
_struct_site.pdbx_auth_ins_code   ? 
_struct_site.pdbx_num_residues    6 
_struct_site.details              'BINDING SITE FOR RESIDUE CTN A 201' 
# 
loop_
_struct_site_gen.id 
_struct_site_gen.site_id 
_struct_site_gen.pdbx_num_res 
_struct_site_gen.label_comp_id 
_struct_site_gen.label_asym_id 
_struct_site_gen.label_seq_id 
_struct_site_gen.pdbx_auth_ins_code 
_struct_site_gen.auth_comp_id 
_struct_site_gen.auth_asym_id 
_struct_site_gen.auth_seq_id 
_struct_site_gen.label_atom_id 
_struct_site_gen.label_alt_id 
_struct_site_gen.symmetry 
_struct_site_gen.details 
1 AC1 6 HIS A 22  ? HIS A 22  . ? 1_555 ? 
2 AC1 6 TYR A 68  ? TYR A 68  . ? 1_555 ? 
3 AC1 6 MET A 69  ? MET A 69  . ? 1_555 ? 
4 AC1 6 ASN A 70  ? ASN A 70  . ? 1_555 ? 
5 AC1 6 ASN A 116 ? ASN A 116 . ? 1_555 ? 
6 AC1 6 GLY A 117 ? GLY A 117 . ? 1_555 ? 
# 
_atom_sites.entry_id                    4JWK 
_atom_sites.fract_transf_matrix[1][1]   0.02717001 
_atom_sites.fract_transf_matrix[1][2]   -0.00907702 
_atom_sites.fract_transf_matrix[1][3]   -0.00561360 
_atom_sites.fract_transf_matrix[2][1]   0.00494816 
_atom_sites.fract_transf_matrix[2][2]   0.00670728 
_atom_sites.fract_transf_matrix[2][3]   0.01310378 
_atom_sites.fract_transf_matrix[3][1]   -0.00228110 
_atom_sites.fract_transf_matrix[3][2]   -0.01076995 
_atom_sites.fract_transf_matrix[3][3]   0.00637406 
_atom_sites.fract_transf_vector[1]      0.216269 
_atom_sites.fract_transf_vector[2]      0.144797 
_atom_sites.fract_transf_vector[3]      0.207261 
# 
loop_
_atom_type.symbol 
C 
N 
O 
S 
# 
loop_
_atom_site.group_PDB 
_atom_site.id 
_atom_site.type_symbol 
_atom_site.label_atom_id 
_atom_site.label_alt_id 
_atom_site.label_comp_id 
_atom_site.label_asym_id 
_atom_site.label_entity_id 
_atom_site.label_seq_id 
_atom_site.pdbx_PDB_ins_code 
_atom_site.Cartn_x 
_atom_site.Cartn_y 
_atom_site.Cartn_z 
_atom_site.occupancy 
_atom_site.B_iso_or_equiv 
_atom_site.pdbx_formal_charge 
_atom_site.auth_seq_id 
_atom_site.auth_comp_id 
_atom_site.auth_asym_id 
_atom_site.auth_atom_id 
_atom_site.pdbx_PDB_model_num 
ATOM   1    N N     . MET A 1 1   ? 3.165   19.055  -5.279  1.00 54.58 ? 1   MET A N     1 
ATOM   2    C CA    . MET A 1 1   ? 2.250   18.643  -6.390  1.00 54.55 ? 1   MET A CA    1 
ATOM   3    C C     . MET A 1 1   ? 1.846   17.165  -6.277  1.00 51.63 ? 1   MET A C     1 
ATOM   4    O O     . MET A 1 1   ? 2.112   16.519  -5.261  1.00 51.29 ? 1   MET A O     1 
ATOM   5    C CB    . MET A 1 1   ? 2.903   18.927  -7.750  1.00 57.22 ? 1   MET A CB    1 
ATOM   6    C CG    . MET A 1 1   ? 3.159   20.402  -8.020  1.00 59.07 ? 1   MET A CG    1 
ATOM   7    S SD    . MET A 1 1   ? 3.023   20.798  -9.774  1.00 63.20 ? 1   MET A SD    1 
ATOM   8    C CE    . MET A 1 1   ? 2.989   22.587  -9.733  1.00 62.47 ? 1   MET A CE    1 
ATOM   9    N N     . SER A 1 2   ? 1.196   16.642  -7.318  1.00 48.49 ? 2   SER A N     1 
ATOM   10   C CA    . SER A 1 2   ? 0.740   15.248  -7.343  1.00 45.57 ? 2   SER A CA    1 
ATOM   11   C C     . SER A 1 2   ? 1.826   14.256  -7.785  1.00 40.88 ? 2   SER A C     1 
ATOM   12   O O     . SER A 1 2   ? 1.528   13.101  -8.093  1.00 39.96 ? 2   SER A O     1 
ATOM   13   C CB    . SER A 1 2   ? -0.502  15.110  -8.231  1.00 46.68 ? 2   SER A CB    1 
ATOM   14   O OG    . SER A 1 2   ? -1.587  15.842  -7.684  1.00 48.72 ? 2   SER A OG    1 
ATOM   15   N N     . ASN A 1 3   ? 3.078   14.706  -7.820  1.00 36.66 ? 3   ASN A N     1 
ATOM   16   C CA    . ASN A 1 3   ? 4.198   13.783  -7.770  1.00 33.90 ? 3   ASN A CA    1 
ATOM   17   C C     . ASN A 1 3   ? 4.085   13.042  -6.444  1.00 30.40 ? 3   ASN A C     1 
ATOM   18   O O     . ASN A 1 3   ? 3.827   13.658  -5.408  1.00 29.79 ? 3   ASN A O     1 
ATOM   19   C CB    . ASN A 1 3   ? 5.536   14.517  -7.827  1.00 35.42 ? 3   ASN A CB    1 
ATOM   20   C CG    . ASN A 1 3   ? 5.739   15.268  -9.127  1.00 37.26 ? 3   ASN A CG    1 
ATOM   21   O OD1   . ASN A 1 3   ? 5.257   16.390  -9.285  1.00 40.22 ? 3   ASN A OD1   1 
ATOM   22   N ND2   . ASN A 1 3   ? 6.466   14.664  -10.059 1.00 37.76 ? 3   ASN A ND2   1 
ATOM   23   N N     . ILE A 1 4   ? 4.242   11.726  -6.481  1.00 26.68 ? 4   ILE A N     1 
ATOM   24   C CA    . ILE A 1 4   ? 4.208   10.920  -5.273  1.00 24.62 ? 4   ILE A CA    1 
ATOM   25   C C     . ILE A 1 4   ? 5.575   10.993  -4.602  1.00 22.95 ? 4   ILE A C     1 
ATOM   26   O O     . ILE A 1 4   ? 6.586   10.666  -5.221  1.00 23.50 ? 4   ILE A O     1 
ATOM   27   C CB    . ILE A 1 4   ? 3.861   9.450   -5.586  1.00 23.92 ? 4   ILE A CB    1 
ATOM   28   C CG1   . ILE A 1 4   ? 2.456   9.339   -6.199  1.00 24.44 ? 4   ILE A CG1   1 
ATOM   29   C CG2   . ILE A 1 4   ? 3.969   8.590   -4.337  1.00 23.97 ? 4   ILE A CG2   1 
ATOM   30   C CD1   . ILE A 1 4   ? 1.353   10.003  -5.400  1.00 25.07 ? 4   ILE A CD1   1 
ATOM   31   N N     . SER A 1 5   ? 5.611   11.417  -3.343  1.00 21.47 ? 5   SER A N     1 
ATOM   32   C CA    . SER A 1 5   ? 6.877   11.467  -2.608  1.00 20.79 ? 5   SER A CA    1 
ATOM   33   C C     . SER A 1 5   ? 6.925   10.568  -1.360  1.00 18.90 ? 5   SER A C     1 
ATOM   34   O O     . SER A 1 5   ? 7.981   10.424  -0.756  1.00 18.11 ? 5   SER A O     1 
ATOM   35   C CB    . SER A 1 5   ? 7.225   12.915  -2.251  1.00 21.65 ? 5   SER A CB    1 
ATOM   36   O OG    . SER A 1 5   ? 6.428   13.393  -1.191  1.00 22.72 ? 5   SER A OG    1 
ATOM   37   N N     . LEU A 1 6   ? 5.793   9.970   -0.986  1.00 17.30 ? 6   LEU A N     1 
ATOM   38   C CA    . LEU A 1 6   ? 5.742   8.992   0.096   1.00 16.56 ? 6   LEU A CA    1 
ATOM   39   C C     . LEU A 1 6   ? 4.883   7.812   -0.350  1.00 16.03 ? 6   LEU A C     1 
ATOM   40   O O     . LEU A 1 6   ? 3.753   8.000   -0.804  1.00 15.31 ? 6   LEU A O     1 
ATOM   41   C CB    . LEU A 1 6   ? 5.142   9.609   1.359   1.00 16.50 ? 6   LEU A CB    1 
ATOM   42   C CG    . LEU A 1 6   ? 4.881   8.668   2.540   1.00 16.42 ? 6   LEU A CG    1 
ATOM   43   C CD1   . LEU A 1 6   ? 6.154   7.928   2.936   1.00 16.69 ? 6   LEU A CD1   1 
ATOM   44   C CD2   . LEU A 1 6   ? 4.318   9.440   3.724   1.00 16.24 ? 6   LEU A CD2   1 
ATOM   45   N N     . ILE A 1 7   ? 5.433   6.611   -0.239  1.00 15.80 ? 7   ILE A N     1 
ATOM   46   C CA    . ILE A 1 7   ? 4.682   5.400   -0.518  1.00 15.18 ? 7   ILE A CA    1 
ATOM   47   C C     . ILE A 1 7   ? 4.638   4.588   0.756   1.00 15.18 ? 7   ILE A C     1 
ATOM   48   O O     . ILE A 1 7   ? 5.675   4.175   1.286   1.00 15.19 ? 7   ILE A O     1 
ATOM   49   C CB    . ILE A 1 7   ? 5.279   4.588   -1.682  1.00 15.28 ? 7   ILE A CB    1 
ATOM   50   C CG1   . ILE A 1 7   ? 5.319   5.458   -2.940  1.00 15.36 ? 7   ILE A CG1   1 
ATOM   51   C CG2   . ILE A 1 7   ? 4.435   3.340   -1.940  1.00 15.05 ? 7   ILE A CG2   1 
ATOM   52   C CD1   . ILE A 1 7   ? 5.968   4.800   -4.134  1.00 15.67 ? 7   ILE A CD1   1 
ATOM   53   N N     . VAL A 1 8   ? 3.419   4.372   1.235   1.00 14.90 ? 8   VAL A N     1 
ATOM   54   C CA    . VAL A 1 8   ? 3.166   3.660   2.462   1.00 14.65 ? 8   VAL A CA    1 
ATOM   55   C C     . VAL A 1 8   ? 2.633   2.287   2.081   1.00 14.81 ? 8   VAL A C     1 
ATOM   56   O O     . VAL A 1 8   ? 1.800   2.172   1.179   1.00 14.48 ? 8   VAL A O     1 
ATOM   57   C CB    . VAL A 1 8   ? 2.101   4.384   3.308   1.00 14.63 ? 8   VAL A CB    1 
ATOM   58   C CG1   . VAL A 1 8   ? 1.828   3.630   4.599   1.00 14.58 ? 8   VAL A CG1   1 
ATOM   59   C CG2   . VAL A 1 8   ? 2.523   5.817   3.605   1.00 14.45 ? 8   VAL A CG2   1 
ATOM   60   N N     . GLY A 1 9   ? 3.127   1.256   2.757   1.00 14.88 ? 9   GLY A N     1 
ATOM   61   C CA    . GLY A 1 9   ? 2.565   -0.092  2.643   1.00 15.14 ? 9   GLY A CA    1 
ATOM   62   C C     . GLY A 1 9   ? 1.952   -0.467  3.976   1.00 15.18 ? 9   GLY A C     1 
ATOM   63   O O     . GLY A 1 9   ? 2.620   -0.383  5.009   1.00 16.04 ? 9   GLY A O     1 
ATOM   64   N N     . LEU A 1 10  ? 0.686   -0.879  3.966   1.00 15.19 ? 10  LEU A N     1 
ATOM   65   C CA    . LEU A 1 10  ? 0.001   -1.252  5.196   1.00 15.32 ? 10  LEU A CA    1 
ATOM   66   C C     . LEU A 1 10  ? 0.103   -2.755  5.461   1.00 15.57 ? 10  LEU A C     1 
ATOM   67   O O     . LEU A 1 10  ? 0.198   -3.561  4.538   1.00 15.55 ? 10  LEU A O     1 
ATOM   68   C CB    . LEU A 1 10  ? -1.465  -0.809  5.170   1.00 15.22 ? 10  LEU A CB    1 
ATOM   69   C CG    . LEU A 1 10  ? -1.744  0.694   5.001   1.00 15.00 ? 10  LEU A CG    1 
ATOM   70   C CD1   . LEU A 1 10  ? -3.240  0.944   5.095   1.00 15.01 ? 10  LEU A CD1   1 
ATOM   71   C CD2   . LEU A 1 10  ? -1.016  1.561   6.018   1.00 15.13 ? 10  LEU A CD2   1 
ATOM   72   N N     . GLY A 1 11  ? 0.092   -3.115  6.734   1.00 15.94 ? 11  GLY A N     1 
ATOM   73   C CA    . GLY A 1 11  ? 0.222   -4.501  7.139   1.00 16.73 ? 11  GLY A CA    1 
ATOM   74   C C     . GLY A 1 11  ? 0.435   -4.622  8.629   1.00 17.51 ? 11  GLY A C     1 
ATOM   75   O O     . GLY A 1 11  ? 0.345   -3.634  9.366   1.00 16.74 ? 11  GLY A O     1 
ATOM   76   N N     . ASN A 1 12  ? 0.704   -5.847  9.065   1.00 18.71 ? 12  ASN A N     1 
ATOM   77   C CA    . ASN A 1 12  ? 0.996   -6.148  10.455  1.00 19.92 ? 12  ASN A CA    1 
ATOM   78   C C     . ASN A 1 12  ? 2.437   -6.617  10.592  1.00 20.80 ? 12  ASN A C     1 
ATOM   79   O O     . ASN A 1 12  ? 2.962   -7.241  9.683   1.00 20.98 ? 12  ASN A O     1 
ATOM   80   C CB    . ASN A 1 12  ? 0.058   -7.243  10.960  1.00 20.07 ? 12  ASN A CB    1 
ATOM   81   C CG    . ASN A 1 12  ? -1.322  -6.720  11.288  1.00 20.11 ? 12  ASN A CG    1 
ATOM   82   O OD1   . ASN A 1 12  ? -1.466  -5.764  12.056  1.00 20.81 ? 12  ASN A OD1   1 
ATOM   83   N ND2   . ASN A 1 12  ? -2.348  -7.354  10.736  1.00 20.21 ? 12  ASN A ND2   1 
ATOM   84   N N     . PRO A 1 13  ? 3.084   -6.311  11.729  1.00 22.26 ? 13  PRO A N     1 
ATOM   85   C CA    . PRO A 1 13  ? 4.453   -6.760  11.963  1.00 23.68 ? 13  PRO A CA    1 
ATOM   86   C C     . PRO A 1 13  ? 4.471   -8.201  12.440  1.00 25.21 ? 13  PRO A C     1 
ATOM   87   O O     . PRO A 1 13  ? 3.474   -8.674  12.982  1.00 24.18 ? 13  PRO A O     1 
ATOM   88   C CB    . PRO A 1 13  ? 4.927   -5.839  13.083  1.00 23.38 ? 13  PRO A CB    1 
ATOM   89   C CG    . PRO A 1 13  ? 3.687   -5.563  13.859  1.00 23.08 ? 13  PRO A CG    1 
ATOM   90   C CD    . PRO A 1 13  ? 2.576   -5.509  12.852  1.00 22.34 ? 13  PRO A CD    1 
ATOM   91   N N     . GLY A 1 14  ? 5.594   -8.882  12.239  1.00 27.94 ? 14  GLY A N     1 
ATOM   92   C CA    . GLY A 1 14  ? 5.800   -10.228 12.778  1.00 29.17 ? 14  GLY A CA    1 
ATOM   93   C C     . GLY A 1 14  ? 5.732   -11.282 11.697  1.00 31.03 ? 14  GLY A C     1 
ATOM   94   O O     . GLY A 1 14  ? 4.911   -11.194 10.786  1.00 30.74 ? 14  GLY A O     1 
ATOM   95   N N     . SER A 1 15  ? 6.584   -12.300 11.810  1.00 32.64 ? 15  SER A N     1 
ATOM   96   C CA    . SER A 1 15  ? 6.644   -13.361 10.808  1.00 33.35 ? 15  SER A CA    1 
ATOM   97   C C     . SER A 1 15  ? 5.304   -14.083 10.649  1.00 33.17 ? 15  SER A C     1 
ATOM   98   O O     . SER A 1 15  ? 5.007   -14.597 9.574   1.00 35.03 ? 15  SER A O     1 
ATOM   99   C CB    . SER A 1 15  ? 7.745   -14.370 11.152  1.00 34.76 ? 15  SER A CB    1 
ATOM   100  O OG    . SER A 1 15  ? 7.426   -15.081 12.336  1.00 36.13 ? 15  SER A OG    1 
ATOM   101  N N     . GLU A 1 16  ? 4.496   -14.106 11.707  1.00 33.32 ? 16  GLU A N     1 
ATOM   102  C CA    . GLU A 1 16  ? 3.193   -14.780 11.666  1.00 34.37 ? 16  GLU A CA    1 
ATOM   103  C C     . GLU A 1 16  ? 2.136   -14.047 10.822  1.00 33.20 ? 16  GLU A C     1 
ATOM   104  O O     . GLU A 1 16  ? 1.118   -14.642 10.459  1.00 33.20 ? 16  GLU A O     1 
ATOM   105  C CB    . GLU A 1 16  ? 2.661   -15.049 13.089  1.00 36.55 ? 16  GLU A CB    1 
ATOM   106  C CG    . GLU A 1 16  ? 2.057   -13.857 13.833  1.00 38.18 ? 16  GLU A CG    1 
ATOM   107  C CD    . GLU A 1 16  ? 3.075   -13.016 14.586  1.00 39.42 ? 16  GLU A CD    1 
ATOM   108  O OE1   . GLU A 1 16  ? 4.268   -13.017 14.212  1.00 41.04 ? 16  GLU A OE1   1 
ATOM   109  O OE2   . GLU A 1 16  ? 2.673   -12.346 15.562  1.00 41.51 ? 16  GLU A OE2   1 
ATOM   110  N N     . TYR A 1 17  ? 2.372   -12.770 10.520  1.00 30.94 ? 17  TYR A N     1 
ATOM   111  C CA    . TYR A 1 17  ? 1.464   -11.985 9.671   1.00 30.43 ? 17  TYR A CA    1 
ATOM   112  C C     . TYR A 1 17  ? 2.033   -11.703 8.283   1.00 28.71 ? 17  TYR A C     1 
ATOM   113  O O     . TYR A 1 17  ? 1.305   -11.258 7.393   1.00 27.15 ? 17  TYR A O     1 
ATOM   114  C CB    . TYR A 1 17  ? 1.132   -10.653 10.346  1.00 30.90 ? 17  TYR A CB    1 
ATOM   115  C CG    . TYR A 1 17  ? 0.291   -10.801 11.588  1.00 31.75 ? 17  TYR A CG    1 
ATOM   116  C CD1   . TYR A 1 17  ? -1.045  -11.171 11.502  1.00 33.02 ? 17  TYR A CD1   1 
ATOM   117  C CD2   . TYR A 1 17  ? 0.831   -10.574 12.851  1.00 32.53 ? 17  TYR A CD2   1 
ATOM   118  C CE1   . TYR A 1 17  ? -1.823  -11.315 12.637  1.00 33.89 ? 17  TYR A CE1   1 
ATOM   119  C CE2   . TYR A 1 17  ? 0.061   -10.710 13.992  1.00 33.35 ? 17  TYR A CE2   1 
ATOM   120  C CZ    . TYR A 1 17  ? -1.264  -11.080 13.881  1.00 34.13 ? 17  TYR A CZ    1 
ATOM   121  O OH    . TYR A 1 17  ? -2.033  -11.219 15.013  1.00 35.68 ? 17  TYR A OH    1 
ATOM   122  N N     . ALA A 1 18  ? 3.325   -11.970 8.103   1.00 28.68 ? 18  ALA A N     1 
ATOM   123  C CA    . ALA A 1 18  ? 4.052   -11.570 6.898   1.00 28.63 ? 18  ALA A CA    1 
ATOM   124  C C     . ALA A 1 18  ? 3.420   -12.080 5.604   1.00 28.90 ? 18  ALA A C     1 
ATOM   125  O O     . ALA A 1 18  ? 3.427   -11.376 4.598   1.00 28.25 ? 18  ALA A O     1 
ATOM   126  C CB    . ALA A 1 18  ? 5.502   -12.022 6.986   1.00 29.16 ? 18  ALA A CB    1 
ATOM   127  N N     . GLN A 1 19  ? 2.877   -13.295 5.636   1.00 29.46 ? 19  GLN A N     1 
ATOM   128  C CA    . GLN A 1 19  ? 2.320   -13.925 4.438   1.00 30.06 ? 19  GLN A CA    1 
ATOM   129  C C     . GLN A 1 19  ? 0.793   -13.838 4.360   1.00 27.86 ? 19  GLN A C     1 
ATOM   130  O O     . GLN A 1 19  ? 0.184   -14.412 3.456   1.00 27.74 ? 19  GLN A O     1 
ATOM   131  C CB    . GLN A 1 19  ? 2.776   -15.387 4.362   1.00 32.00 ? 19  GLN A CB    1 
ATOM   132  C CG    . GLN A 1 19  ? 4.292   -15.543 4.309   1.00 33.96 ? 19  GLN A CG    1 
ATOM   133  C CD    . GLN A 1 19  ? 4.741   -16.997 4.289   1.00 36.48 ? 19  GLN A CD    1 
ATOM   134  O OE1   . GLN A 1 19  ? 5.441   -17.428 3.370   1.00 38.99 ? 19  GLN A OE1   1 
ATOM   135  N NE2   . GLN A 1 19  ? 4.342   -17.758 5.301   1.00 36.87 ? 19  GLN A NE2   1 
ATOM   136  N N     . THR A 1 20  ? 0.172   -13.119 5.293   1.00 25.66 ? 20  THR A N     1 
ATOM   137  C CA    . THR A 1 20  ? -1.280  -12.988 5.304   1.00 24.10 ? 20  THR A CA    1 
ATOM   138  C C     . THR A 1 20  ? -1.742  -11.903 4.327   1.00 23.72 ? 20  THR A C     1 
ATOM   139  O O     . THR A 1 20  ? -0.992  -10.978 4.000   1.00 21.94 ? 20  THR A O     1 
ATOM   140  C CB    . THR A 1 20  ? -1.832  -12.723 6.722   1.00 24.27 ? 20  THR A CB    1 
ATOM   141  O OG1   . THR A 1 20  ? -1.390  -11.447 7.204   1.00 23.41 ? 20  THR A OG1   1 
ATOM   142  C CG2   . THR A 1 20  ? -1.374  -13.823 7.683   1.00 24.27 ? 20  THR A CG2   1 
ATOM   143  N N     . ARG A 1 21  ? -2.985  -12.031 3.870   1.00 23.62 ? 21  ARG A N     1 
ATOM   144  C CA    . ARG A 1 21  ? -3.552  -11.137 2.853   1.00 23.12 ? 21  ARG A CA    1 
ATOM   145  C C     . ARG A 1 21  ? -3.550  -9.665  3.273   1.00 21.76 ? 21  ARG A C     1 
ATOM   146  O O     . ARG A 1 21  ? -3.407  -8.771  2.432   1.00 20.93 ? 21  ARG A O     1 
ATOM   147  C CB    . ARG A 1 21  ? -4.992  -11.542 2.535   1.00 24.11 ? 21  ARG A CB    1 
ATOM   148  C CG    . ARG A 1 21  ? -5.169  -12.927 1.927   1.00 25.07 ? 21  ARG A CG    1 
ATOM   149  C CD    . ARG A 1 21  ? -6.643  -13.175 1.632   1.00 25.84 ? 21  ARG A CD    1 
ATOM   150  N NE    . ARG A 1 21  ? -6.895  -14.508 1.093   1.00 27.65 ? 21  ARG A NE    1 
ATOM   151  C CZ    . ARG A 1 21  ? -7.137  -15.604 1.817   1.00 30.00 ? 21  ARG A CZ    1 
ATOM   152  N NH1   . ARG A 1 21  ? -7.161  -15.562 3.147   1.00 30.05 ? 21  ARG A NH1   1 
ATOM   153  N NH2   . ARG A 1 21  ? -7.355  -16.762 1.200   1.00 31.03 ? 21  ARG A NH2   1 
ATOM   154  N N     . HIS A 1 22  ? -3.710  -9.424  4.571   1.00 20.67 ? 22  HIS A N     1 
ATOM   155  C CA    . HIS A 1 22  ? -3.728  -8.068  5.119   1.00 20.34 ? 22  HIS A CA    1 
ATOM   156  C C     . HIS A 1 22  ? -2.384  -7.355  4.976   1.00 19.53 ? 22  HIS A C     1 
ATOM   157  O O     . HIS A 1 22  ? -2.299  -6.148  5.211   1.00 19.21 ? 22  HIS A O     1 
ATOM   158  C CB    . HIS A 1 22  ? -4.141  -8.091  6.597   1.00 20.64 ? 22  HIS A CB    1 
ATOM   159  C CG    . HIS A 1 22  ? -5.122  -7.029  6.971   1.00 21.12 ? 22  HIS A CG    1 
ATOM   160  N ND1   . HIS A 1 22  ? -6.034  -6.512  6.079   1.00 21.58 ? 22  HIS A ND1   1 
ATOM   161  C CD2   . HIS A 1 22  ? -5.365  -6.413  8.152   1.00 21.86 ? 22  HIS A CD2   1 
ATOM   162  C CE1   . HIS A 1 22  ? -6.786  -5.614  6.683   1.00 21.55 ? 22  HIS A CE1   1 
ATOM   163  N NE2   . HIS A 1 22  ? -6.398  -5.532  7.939   1.00 22.45 ? 22  HIS A NE2   1 
ATOM   164  N N     . ASN A 1 23  ? -1.342  -8.097  4.599   1.00 18.57 ? 23  ASN A N     1 
ATOM   165  C CA    . ASN A 1 23  ? -0.020  -7.516  4.374   1.00 18.41 ? 23  ASN A CA    1 
ATOM   166  C C     . ASN A 1 23  ? 0.299   -7.226  2.906   1.00 18.18 ? 23  ASN A C     1 
ATOM   167  O O     . ASN A 1 23  ? 1.453   -6.973  2.565   1.00 18.07 ? 23  ASN A O     1 
ATOM   168  C CB    . ASN A 1 23  ? 1.066   -8.402  5.003   1.00 18.76 ? 23  ASN A CB    1 
ATOM   169  C CG    . ASN A 1 23  ? 1.304   -8.077  6.464   1.00 18.86 ? 23  ASN A CG    1 
ATOM   170  O OD1   . ASN A 1 23  ? 0.362   -7.837  7.220   1.00 18.50 ? 23  ASN A OD1   1 
ATOM   171  N ND2   . ASN A 1 23  ? 2.570   -8.047  6.869   1.00 19.79 ? 23  ASN A ND2   1 
ATOM   172  N N     . ALA A 1 24  ? -0.718  -7.219  2.043   1.00 17.57 ? 24  ALA A N     1 
ATOM   173  C CA    . ALA A 1 24  ? -0.500  -6.981  0.618   1.00 17.58 ? 24  ALA A CA    1 
ATOM   174  C C     . ALA A 1 24  ? 0.260   -5.675  0.361   1.00 16.97 ? 24  ALA A C     1 
ATOM   175  O O     . ALA A 1 24  ? 1.122   -5.612  -0.522  1.00 16.62 ? 24  ALA A O     1 
ATOM   176  C CB    . ALA A 1 24  ? -1.823  -6.993  -0.131  1.00 18.01 ? 24  ALA A CB    1 
ATOM   177  N N     . GLY A 1 25  ? -0.052  -4.642  1.140   1.00 16.44 ? 25  GLY A N     1 
ATOM   178  C CA    . GLY A 1 25  ? 0.666   -3.371  1.061   1.00 16.28 ? 25  GLY A CA    1 
ATOM   179  C C     . GLY A 1 25  ? 2.157   -3.498  1.358   1.00 16.36 ? 25  GLY A C     1 
ATOM   180  O O     . GLY A 1 25  ? 2.976   -2.905  0.660   1.00 15.36 ? 25  GLY A O     1 
ATOM   181  N N     . PHE A 1 26  ? 2.500   -4.254  2.406   1.00 16.77 ? 26  PHE A N     1 
ATOM   182  C CA    . PHE A 1 26  ? 3.901   -4.567  2.736   1.00 17.15 ? 26  PHE A CA    1 
ATOM   183  C C     . PHE A 1 26  ? 4.603   -5.254  1.562   1.00 17.47 ? 26  PHE A C     1 
ATOM   184  O O     . PHE A 1 26  ? 5.732   -4.910  1.232   1.00 17.04 ? 26  PHE A O     1 
ATOM   185  C CB    . PHE A 1 26  ? 3.995   -5.511  3.944   1.00 17.44 ? 26  PHE A CB    1 
ATOM   186  C CG    . PHE A 1 26  ? 3.952   -4.834  5.291   1.00 17.78 ? 26  PHE A CG    1 
ATOM   187  C CD1   . PHE A 1 26  ? 3.339   -3.598  5.487   1.00 17.60 ? 26  PHE A CD1   1 
ATOM   188  C CD2   . PHE A 1 26  ? 4.500   -5.485  6.393   1.00 18.07 ? 26  PHE A CD2   1 
ATOM   189  C CE1   . PHE A 1 26  ? 3.309   -3.019  6.746   1.00 17.45 ? 26  PHE A CE1   1 
ATOM   190  C CE2   . PHE A 1 26  ? 4.461   -4.914  7.652   1.00 17.96 ? 26  PHE A CE2   1 
ATOM   191  C CZ    . PHE A 1 26  ? 3.865   -3.680  7.828   1.00 18.16 ? 26  PHE A CZ    1 
ATOM   192  N N     . TRP A 1 27  ? 3.941   -6.247  0.958   1.00 17.93 ? 27  TRP A N     1 
ATOM   193  C CA    . TRP A 1 27  ? 4.528   -6.986  -0.169  1.00 18.03 ? 27  TRP A CA    1 
ATOM   194  C C     . TRP A 1 27  ? 4.911   -6.025  -1.287  1.00 17.68 ? 27  TRP A C     1 
ATOM   195  O O     . TRP A 1 27  ? 6.019   -6.092  -1.818  1.00 17.60 ? 27  TRP A O     1 
ATOM   196  C CB    . TRP A 1 27  ? 3.573   -8.034  -0.755  1.00 18.42 ? 27  TRP A CB    1 
ATOM   197  C CG    . TRP A 1 27  ? 2.977   -9.013  0.200   1.00 18.81 ? 27  TRP A CG    1 
ATOM   198  C CD1   . TRP A 1 27  ? 3.468   -9.401  1.412   1.00 19.30 ? 27  TRP A CD1   1 
ATOM   199  C CD2   . TRP A 1 27  ? 1.778   -9.759  -0.006  1.00 19.27 ? 27  TRP A CD2   1 
ATOM   200  N NE1   . TRP A 1 27  ? 2.634   -10.337 1.982   1.00 19.62 ? 27  TRP A NE1   1 
ATOM   201  C CE2   . TRP A 1 27  ? 1.583   -10.565 1.133   1.00 19.64 ? 27  TRP A CE2   1 
ATOM   202  C CE3   . TRP A 1 27  ? 0.832   -9.808  -1.040  1.00 19.44 ? 27  TRP A CE3   1 
ATOM   203  C CZ2   . TRP A 1 27  ? 0.484   -11.414 1.264   1.00 19.83 ? 27  TRP A CZ2   1 
ATOM   204  C CZ3   . TRP A 1 27  ? -0.255  -10.647 -0.907  1.00 19.24 ? 27  TRP A CZ3   1 
ATOM   205  C CH2   . TRP A 1 27  ? -0.418  -11.443 0.234   1.00 19.69 ? 27  TRP A CH2   1 
ATOM   206  N N     . PHE A 1 28  ? 3.999   -5.117  -1.627  1.00 17.26 ? 28  PHE A N     1 
ATOM   207  C CA    . PHE A 1 28  ? 4.245   -4.157  -2.694  1.00 17.35 ? 28  PHE A CA    1 
ATOM   208  C C     . PHE A 1 28  ? 5.442   -3.265  -2.390  1.00 17.13 ? 28  PHE A C     1 
ATOM   209  O O     . PHE A 1 28  ? 6.339   -3.130  -3.224  1.00 17.33 ? 28  PHE A O     1 
ATOM   210  C CB    . PHE A 1 28  ? 3.007   -3.294  -2.971  1.00 17.31 ? 28  PHE A CB    1 
ATOM   211  C CG    . PHE A 1 28  ? 3.257   -2.184  -3.945  1.00 17.47 ? 28  PHE A CG    1 
ATOM   212  C CD1   . PHE A 1 28  ? 3.314   -2.435  -5.312  1.00 17.65 ? 28  PHE A CD1   1 
ATOM   213  C CD2   . PHE A 1 28  ? 3.461   -0.886  -3.500  1.00 17.73 ? 28  PHE A CD2   1 
ATOM   214  C CE1   . PHE A 1 28  ? 3.559   -1.414  -6.210  1.00 17.92 ? 28  PHE A CE1   1 
ATOM   215  C CE2   . PHE A 1 28  ? 3.711   0.139   -4.391  1.00 18.16 ? 28  PHE A CE2   1 
ATOM   216  C CZ    . PHE A 1 28  ? 3.762   -0.122  -5.750  1.00 17.79 ? 28  PHE A CZ    1 
ATOM   217  N N     . VAL A 1 29  ? 5.451   -2.658  -1.203  1.00 17.32 ? 29  VAL A N     1 
ATOM   218  C CA    . VAL A 1 29  ? 6.492   -1.686  -0.851  1.00 17.53 ? 29  VAL A CA    1 
ATOM   219  C C     . VAL A 1 29  ? 7.853   -2.368  -0.664  1.00 18.55 ? 29  VAL A C     1 
ATOM   220  O O     . VAL A 1 29  ? 8.881   -1.819  -1.060  1.00 18.19 ? 29  VAL A O     1 
ATOM   221  C CB    . VAL A 1 29  ? 6.089   -0.859  0.396   1.00 17.32 ? 29  VAL A CB    1 
ATOM   222  C CG1   . VAL A 1 29  ? 7.234   0.022   0.884   1.00 17.40 ? 29  VAL A CG1   1 
ATOM   223  C CG2   . VAL A 1 29  ? 4.877   -0.002  0.077   1.00 17.11 ? 29  VAL A CG2   1 
ATOM   224  N N     . GLU A 1 30  ? 7.860   -3.559  -0.070  1.00 19.51 ? 30  GLU A N     1 
ATOM   225  C CA    . GLU A 1 30  ? 9.100   -4.320  0.084   1.00 21.31 ? 30  GLU A CA    1 
ATOM   226  C C     . GLU A 1 30  ? 9.717   -4.654  -1.272  1.00 21.11 ? 30  GLU A C     1 
ATOM   227  O O     . GLU A 1 30  ? 10.925  -4.537  -1.455  1.00 20.65 ? 30  GLU A O     1 
ATOM   228  C CB    . GLU A 1 30  ? 8.858   -5.606  0.879   1.00 23.21 ? 30  GLU A CB    1 
ATOM   229  C CG    . GLU A 1 30  ? 8.665   -5.369  2.366   1.00 25.34 ? 30  GLU A CG    1 
ATOM   230  C CD    . GLU A 1 30  ? 8.224   -6.614  3.115   1.00 28.15 ? 30  GLU A CD    1 
ATOM   231  O OE1   . GLU A 1 30  ? 8.292   -7.729  2.547   1.00 31.68 ? 30  GLU A OE1   1 
ATOM   232  O OE2   . GLU A 1 30  ? 7.805   -6.478  4.281   1.00 30.82 ? 30  GLU A OE2   1 
ATOM   233  N N     . GLN A 1 31  ? 8.886   -5.065  -2.223  1.00 20.93 ? 31  GLN A N     1 
ATOM   234  C CA    . GLN A 1 31  ? 9.377   -5.389  -3.552  1.00 21.83 ? 31  GLN A CA    1 
ATOM   235  C C     . GLN A 1 31  ? 9.786   -4.124  -4.314  1.00 20.50 ? 31  GLN A C     1 
ATOM   236  O O     . GLN A 1 31  ? 10.744  -4.149  -5.095  1.00 20.07 ? 31  GLN A O     1 
ATOM   237  C CB    . GLN A 1 31  ? 8.335   -6.198  -4.323  1.00 23.23 ? 31  GLN A CB    1 
ATOM   238  C CG    . GLN A 1 31  ? 8.076   -7.561  -3.696  1.00 25.58 ? 31  GLN A CG    1 
ATOM   239  C CD    . GLN A 1 31  ? 6.847   -8.235  -4.258  1.00 28.05 ? 31  GLN A CD    1 
ATOM   240  O OE1   . GLN A 1 31  ? 6.582   -8.150  -5.454  1.00 30.24 ? 31  GLN A OE1   1 
ATOM   241  N NE2   . GLN A 1 31  ? 6.091   -8.921  -3.399  1.00 30.64 ? 31  GLN A NE2   1 
ATOM   242  N N     . LEU A 1 32  ? 9.081   -3.018  -4.072  1.00 19.52 ? 32  LEU A N     1 
ATOM   243  C CA    . LEU A 1 32  ? 9.459   -1.736  -4.667  1.00 19.32 ? 32  LEU A CA    1 
ATOM   244  C C     . LEU A 1 32  ? 10.836  -1.308  -4.170  1.00 19.14 ? 32  LEU A C     1 
ATOM   245  O O     . LEU A 1 32  ? 11.660  -0.858  -4.956  1.00 18.82 ? 32  LEU A O     1 
ATOM   246  C CB    . LEU A 1 32  ? 8.439   -0.638  -4.344  1.00 19.11 ? 32  LEU A CB    1 
ATOM   247  C CG    . LEU A 1 32  ? 8.695   0.756   -4.933  1.00 19.55 ? 32  LEU A CG    1 
ATOM   248  C CD1   . LEU A 1 32  ? 8.736   0.714   -6.451  1.00 19.88 ? 32  LEU A CD1   1 
ATOM   249  C CD2   . LEU A 1 32  ? 7.626   1.734   -4.457  1.00 19.80 ? 32  LEU A CD2   1 
ATOM   250  N N     . ALA A 1 33  ? 11.060  -1.446  -2.865  1.00 19.52 ? 33  ALA A N     1 
ATOM   251  C CA    . ALA A 1 33  ? 12.320  -1.055  -2.241  1.00 20.60 ? 33  ALA A CA    1 
ATOM   252  C C     . ALA A 1 33  ? 13.498  -1.848  -2.814  1.00 21.40 ? 33  ALA A C     1 
ATOM   253  O O     . ALA A 1 33  ? 14.558  -1.280  -3.101  1.00 22.26 ? 33  ALA A O     1 
ATOM   254  C CB    . ALA A 1 33  ? 12.235  -1.239  -0.731  1.00 20.41 ? 33  ALA A CB    1 
ATOM   255  N N     . ASP A 1 34  ? 13.298  -3.149  -2.999  1.00 22.29 ? 34  ASP A N     1 
ATOM   256  C CA    . ASP A 1 34  ? 14.316  -4.019  -3.600  1.00 22.96 ? 34  ASP A CA    1 
ATOM   257  C C     . ASP A 1 34  ? 14.585  -3.677  -5.060  1.00 22.91 ? 34  ASP A C     1 
ATOM   258  O O     . ASP A 1 34  ? 15.741  -3.662  -5.491  1.00 22.43 ? 34  ASP A O     1 
ATOM   259  C CB    . ASP A 1 34  ? 13.906  -5.490  -3.493  1.00 23.69 ? 34  ASP A CB    1 
ATOM   260  C CG    . ASP A 1 34  ? 15.004  -6.436  -3.948  1.00 24.87 ? 34  ASP A CG    1 
ATOM   261  O OD1   . ASP A 1 34  ? 16.065  -6.465  -3.292  1.00 24.22 ? 34  ASP A OD1   1 
ATOM   262  O OD2   . ASP A 1 34  ? 14.810  -7.144  -4.963  1.00 26.31 ? 34  ASP A OD2   1 
ATOM   263  N N     . LYS A 1 35  ? 13.525  -3.408  -5.819  1.00 22.40 ? 35  LYS A N     1 
ATOM   264  C CA    . LYS A 1 35  ? 13.649  -3.049  -7.232  1.00 22.87 ? 35  LYS A CA    1 
ATOM   265  C C     . LYS A 1 35  ? 14.550  -1.832  -7.422  1.00 22.93 ? 35  LYS A C     1 
ATOM   266  O O     . LYS A 1 35  ? 15.390  -1.807  -8.327  1.00 21.13 ? 35  LYS A O     1 
ATOM   267  C CB    . LYS A 1 35  ? 12.270  -2.769  -7.841  1.00 24.16 ? 35  LYS A CB    1 
ATOM   268  C CG    . LYS A 1 35  ? 12.291  -2.391  -9.313  1.00 25.24 ? 35  LYS A CG    1 
ATOM   269  C CD    . LYS A 1 35  ? 10.879  -2.262  -9.859  1.00 26.93 ? 35  LYS A CD    1 
ATOM   270  C CE    . LYS A 1 35  ? 10.866  -1.774  -11.296 1.00 27.92 ? 35  LYS A CE    1 
ATOM   271  N NZ    . LYS A 1 35  ? 11.245  -2.848  -12.251 1.00 28.65 ? 35  LYS A NZ    1 
ATOM   272  N N     . TYR A 1 36  ? 14.371  -0.825  -6.567  1.00 22.08 ? 36  TYR A N     1 
ATOM   273  C CA    . TYR A 1 36  ? 15.129  0.421   -6.685  1.00 22.30 ? 36  TYR A CA    1 
ATOM   274  C C     . TYR A 1 36  ? 16.302  0.534   -5.709  1.00 22.23 ? 36  TYR A C     1 
ATOM   275  O O     . TYR A 1 36  ? 16.953  1.565   -5.655  1.00 22.89 ? 36  TYR A O     1 
ATOM   276  C CB    . TYR A 1 36  ? 14.173  1.615   -6.573  1.00 22.08 ? 36  TYR A CB    1 
ATOM   277  C CG    . TYR A 1 36  ? 13.333  1.752   -7.818  1.00 22.32 ? 36  TYR A CG    1 
ATOM   278  C CD1   . TYR A 1 36  ? 13.863  2.324   -8.965  1.00 22.36 ? 36  TYR A CD1   1 
ATOM   279  C CD2   . TYR A 1 36  ? 12.033  1.250   -7.873  1.00 22.36 ? 36  TYR A CD2   1 
ATOM   280  C CE1   . TYR A 1 36  ? 13.114  2.427   -10.123 1.00 22.74 ? 36  TYR A CE1   1 
ATOM   281  C CE2   . TYR A 1 36  ? 11.275  1.352   -9.028  1.00 22.58 ? 36  TYR A CE2   1 
ATOM   282  C CZ    . TYR A 1 36  ? 11.822  1.937   -10.151 1.00 22.69 ? 36  TYR A CZ    1 
ATOM   283  O OH    . TYR A 1 36  ? 11.086  2.044   -11.303 1.00 24.08 ? 36  TYR A OH    1 
ATOM   284  N N     . GLY A 1 37  ? 16.595  -0.531  -4.968  1.00 22.27 ? 37  GLY A N     1 
ATOM   285  C CA    . GLY A 1 37  ? 17.681  -0.517  -3.993  1.00 22.30 ? 37  GLY A CA    1 
ATOM   286  C C     . GLY A 1 37  ? 17.515  0.529   -2.906  1.00 22.68 ? 37  GLY A C     1 
ATOM   287  O O     . GLY A 1 37  ? 18.483  1.183   -2.506  1.00 22.76 ? 37  GLY A O     1 
ATOM   288  N N     . ILE A 1 38  ? 16.283  0.702   -2.437  1.00 22.11 ? 38  ILE A N     1 
ATOM   289  C CA    . ILE A 1 38  ? 16.011  1.578   -1.312  1.00 22.52 ? 38  ILE A CA    1 
ATOM   290  C C     . ILE A 1 38  ? 16.079  0.748   -0.044  1.00 22.73 ? 38  ILE A C     1 
ATOM   291  O O     . ILE A 1 38  ? 15.420  -0.290  0.079   1.00 22.87 ? 38  ILE A O     1 
ATOM   292  C CB    . ILE A 1 38  ? 14.644  2.284   -1.445  1.00 22.84 ? 38  ILE A CB    1 
ATOM   293  C CG1   . ILE A 1 38  ? 14.651  3.150   -2.707  1.00 23.22 ? 38  ILE A CG1   1 
ATOM   294  C CG2   . ILE A 1 38  ? 14.364  3.150   -0.220  1.00 22.61 ? 38  ILE A CG2   1 
ATOM   295  C CD1   . ILE A 1 38  ? 13.287  3.589   -3.179  1.00 23.87 ? 38  ILE A CD1   1 
ATOM   296  N N     . THR A 1 39  ? 16.897  1.209   0.891   1.00 22.48 ? 39  THR A N     1 
ATOM   297  C CA    . THR A 1 39  ? 17.070  0.533   2.158   1.00 23.33 ? 39  THR A CA    1 
ATOM   298  C C     . THR A 1 39  ? 15.895  0.836   3.074   1.00 23.28 ? 39  THR A C     1 
ATOM   299  O O     . THR A 1 39  ? 15.605  2.002   3.347   1.00 23.37 ? 39  THR A O     1 
ATOM   300  C CB    . THR A 1 39  ? 18.379  0.978   2.836   1.00 24.14 ? 39  THR A CB    1 
ATOM   301  O OG1   . THR A 1 39  ? 19.487  0.551   2.030   1.00 24.90 ? 39  THR A OG1   1 
ATOM   302  C CG2   . THR A 1 39  ? 18.510  0.366   4.205   1.00 24.17 ? 39  THR A CG2   1 
ATOM   303  N N     . LEU A 1 40  ? 15.226  -0.219  3.530   1.00 22.84 ? 40  LEU A N     1 
ATOM   304  C CA    . LEU A 1 40  ? 14.185  -0.111  4.545   1.00 23.27 ? 40  LEU A CA    1 
ATOM   305  C C     . LEU A 1 40  ? 14.787  -0.449  5.901   1.00 23.31 ? 40  LEU A C     1 
ATOM   306  O O     . LEU A 1 40  ? 15.297  -1.547  6.096   1.00 24.10 ? 40  LEU A O     1 
ATOM   307  C CB    . LEU A 1 40  ? 13.027  -1.057  4.224   1.00 23.13 ? 40  LEU A CB    1 
ATOM   308  C CG    . LEU A 1 40  ? 12.218  -0.703  2.973   1.00 23.12 ? 40  LEU A CG    1 
ATOM   309  C CD1   . LEU A 1 40  ? 11.297  -1.851  2.596   1.00 23.63 ? 40  LEU A CD1   1 
ATOM   310  C CD2   . LEU A 1 40  ? 11.426  0.577   3.186   1.00 23.30 ? 40  LEU A CD2   1 
ATOM   311  N N     . LYS A 1 41  ? 14.691  0.470   6.821   1.00 23.94 ? 41  LYS A N     1 
ATOM   312  C CA    . LYS A 1 41  ? 15.236  0.228   8.129   1.00 25.06 ? 41  LYS A CA    1 
ATOM   313  C C     . LYS A 1 41  ? 14.382  0.662   9.294   1.00 24.82 ? 41  LYS A C     1 
ATOM   314  O O     . LYS A 1 41  ? 13.540  1.475   9.142   1.00 22.56 ? 41  LYS A O     1 
ATOM   315  C CB    . LYS A 1 41  ? 16.632  0.766   8.218   1.00 26.62 ? 41  LYS A CB    1 
ATOM   316  C CG    . LYS A 1 41  ? 16.742  2.193   8.532   1.00 28.60 ? 41  LYS A CG    1 
ATOM   317  C CD    . LYS A 1 41  ? 16.295  3.089   7.442   1.00 30.43 ? 41  LYS A CD    1 
ATOM   318  C CE    . LYS A 1 41  ? 16.308  4.521   7.940   1.00 32.34 ? 41  LYS A CE    1 
ATOM   319  N NZ    . LYS A 1 41  ? 15.130  5.345   7.591   1.00 33.54 ? 41  LYS A NZ    1 
ATOM   320  N N     . ASN A 1 42  ? 14.620  0.066   10.449  1.00 24.80 ? 42  ASN A N     1 
ATOM   321  C CA    . ASN A 1 42  ? 13.822  0.366   11.632  1.00 26.66 ? 42  ASN A CA    1 
ATOM   322  C C     . ASN A 1 42  ? 13.840  1.866   11.898  1.00 25.06 ? 42  ASN A C     1 
ATOM   323  O O     . ASN A 1 42  ? 14.902  2.489   11.910  1.00 24.57 ? 42  ASN A O     1 
ATOM   324  C CB    . ASN A 1 42  ? 14.340  -0.404  12.860  1.00 28.55 ? 42  ASN A CB    1 
ATOM   325  C CG    . ASN A 1 42  ? 13.438  -0.248  14.079  1.00 31.92 ? 42  ASN A CG    1 
ATOM   326  O OD1   . ASN A 1 42  ? 12.214  -0.175  13.957  1.00 35.37 ? 42  ASN A OD1   1 
ATOM   327  N ND2   . ASN A 1 42  ? 14.042  -0.201  15.267  1.00 33.53 ? 42  ASN A ND2   1 
ATOM   328  N N     . ASP A 1 43  ? 12.655  2.437   12.079  1.00 24.39 ? 43  ASP A N     1 
ATOM   329  C CA    . ASP A 1 43  ? 12.490  3.867   12.295  1.00 25.00 ? 43  ASP A CA    1 
ATOM   330  C C     . ASP A 1 43  ? 11.608  4.039   13.535  1.00 24.52 ? 43  ASP A C     1 
ATOM   331  O O     . ASP A 1 43  ? 10.422  4.382   13.430  1.00 23.90 ? 43  ASP A O     1 
ATOM   332  C CB    . ASP A 1 43  ? 11.857  4.498   11.052  1.00 26.07 ? 43  ASP A CB    1 
ATOM   333  C CG    . ASP A 1 43  ? 11.927  6.019   11.048  1.00 28.00 ? 43  ASP A CG    1 
ATOM   334  O OD1   . ASP A 1 43  ? 12.230  6.638   12.092  1.00 29.45 ? 43  ASP A OD1   1 
ATOM   335  O OD2   . ASP A 1 43  ? 11.659  6.604   9.977   1.00 28.31 ? 43  ASP A OD2   1 
ATOM   336  N N     . PRO A 1 44  ? 12.178  3.772   14.722  1.00 23.79 ? 44  PRO A N     1 
ATOM   337  C CA    . PRO A 1 44  ? 11.374  3.770   15.945  1.00 23.51 ? 44  PRO A CA    1 
ATOM   338  C C     . PRO A 1 44  ? 10.695  5.108   16.268  1.00 22.85 ? 44  PRO A C     1 
ATOM   339  O O     . PRO A 1 44  ? 9.611   5.110   16.846  1.00 22.21 ? 44  PRO A O     1 
ATOM   340  C CB    . PRO A 1 44  ? 12.385  3.376   17.038  1.00 23.53 ? 44  PRO A CB    1 
ATOM   341  C CG    . PRO A 1 44  ? 13.726  3.662   16.452  1.00 23.93 ? 44  PRO A CG    1 
ATOM   342  C CD    . PRO A 1 44  ? 13.581  3.405   14.986  1.00 23.73 ? 44  PRO A CD    1 
ATOM   343  N N     . LYS A 1 45  ? 11.308  6.225   15.890  1.00 23.07 ? 45  LYS A N     1 
ATOM   344  C CA    . LYS A 1 45  ? 10.706  7.540   16.132  1.00 24.41 ? 45  LYS A CA    1 
ATOM   345  C C     . LYS A 1 45  ? 9.315   7.640   15.492  1.00 22.89 ? 45  LYS A C     1 
ATOM   346  O O     . LYS A 1 45  ? 8.424   8.301   16.027  1.00 21.94 ? 45  LYS A O     1 
ATOM   347  C CB    . LYS A 1 45  ? 11.612  8.657   15.598  1.00 26.90 ? 45  LYS A CB    1 
ATOM   348  C CG    . LYS A 1 45  ? 11.070  10.067  15.788  1.00 29.60 ? 45  LYS A CG    1 
ATOM   349  C CD    . LYS A 1 45  ? 11.910  11.091  15.034  1.00 32.74 ? 45  LYS A CD    1 
ATOM   350  C CE    . LYS A 1 45  ? 11.455  12.511  15.330  1.00 34.73 ? 45  LYS A CE    1 
ATOM   351  N NZ    . LYS A 1 45  ? 12.304  13.526  14.647  1.00 36.54 ? 45  LYS A NZ    1 
ATOM   352  N N     . PHE A 1 46  ? 9.136   6.966   14.360  1.00 21.68 ? 46  PHE A N     1 
ATOM   353  C CA    . PHE A 1 46  ? 7.867   6.982   13.645  1.00 21.43 ? 46  PHE A CA    1 
ATOM   354  C C     . PHE A 1 46  ? 7.173   5.627   13.658  1.00 20.48 ? 46  PHE A C     1 
ATOM   355  O O     . PHE A 1 46  ? 6.338   5.353   12.801  1.00 20.22 ? 46  PHE A O     1 
ATOM   356  C CB    . PHE A 1 46  ? 8.090   7.451   12.207  1.00 21.44 ? 46  PHE A CB    1 
ATOM   357  C CG    . PHE A 1 46  ? 8.603   8.858   12.109  1.00 21.75 ? 46  PHE A CG    1 
ATOM   358  C CD1   . PHE A 1 46  ? 7.823   9.919   12.535  1.00 22.56 ? 46  PHE A CD1   1 
ATOM   359  C CD2   . PHE A 1 46  ? 9.865   9.123   11.600  1.00 22.09 ? 46  PHE A CD2   1 
ATOM   360  C CE1   . PHE A 1 46  ? 8.290   11.222  12.453  1.00 22.30 ? 46  PHE A CE1   1 
ATOM   361  C CE2   . PHE A 1 46  ? 10.338  10.422  11.513  1.00 22.16 ? 46  PHE A CE2   1 
ATOM   362  C CZ    . PHE A 1 46  ? 9.549   11.472  11.940  1.00 21.79 ? 46  PHE A CZ    1 
ATOM   363  N N     . HIS A 1 47  ? 7.512   4.784   14.632  1.00 20.28 ? 47  HIS A N     1 
ATOM   364  C CA    . HIS A 1 47  ? 6.809   3.523   14.843  1.00 20.62 ? 47  HIS A CA    1 
ATOM   365  C C     . HIS A 1 47  ? 6.681   2.706   13.567  1.00 20.23 ? 47  HIS A C     1 
ATOM   366  O O     . HIS A 1 47  ? 5.633   2.130   13.286  1.00 19.11 ? 47  HIS A O     1 
ATOM   367  C CB    . HIS A 1 47  ? 5.422   3.798   15.423  1.00 21.40 ? 47  HIS A CB    1 
ATOM   368  C CG    . HIS A 1 47  ? 5.454   4.644   16.651  1.00 23.00 ? 47  HIS A CG    1 
ATOM   369  N ND1   . HIS A 1 47  ? 5.693   4.124   17.902  1.00 24.13 ? 47  HIS A ND1   1 
ATOM   370  C CD2   . HIS A 1 47  ? 5.316   5.980   16.816  1.00 23.91 ? 47  HIS A CD2   1 
ATOM   371  C CE1   . HIS A 1 47  ? 5.686   5.102   18.790  1.00 24.44 ? 47  HIS A CE1   1 
ATOM   372  N NE2   . HIS A 1 47  ? 5.461   6.237   18.156  1.00 24.10 ? 47  HIS A NE2   1 
ATOM   373  N N     . GLY A 1 48  ? 7.757   2.648   12.795  1.00 20.36 ? 48  GLY A N     1 
ATOM   374  C CA    . GLY A 1 48  ? 7.719   1.912   11.543  1.00 20.32 ? 48  GLY A CA    1 
ATOM   375  C C     . GLY A 1 48  ? 9.081   1.548   11.015  1.00 20.67 ? 48  GLY A C     1 
ATOM   376  O O     . GLY A 1 48  ? 10.090  1.650   11.714  1.00 20.42 ? 48  GLY A O     1 
ATOM   377  N N     . ILE A 1 49  ? 9.070   1.083   9.775   1.00 19.78 ? 49  ILE A N     1 
ATOM   378  C CA    . ILE A 1 49  ? 10.262  0.799   9.014   1.00 19.80 ? 49  ILE A CA    1 
ATOM   379  C C     . ILE A 1 49  ? 10.197  1.750   7.830   1.00 19.38 ? 49  ILE A C     1 
ATOM   380  O O     . ILE A 1 49  ? 9.150   1.859   7.178   1.00 19.45 ? 49  ILE A O     1 
ATOM   381  C CB    . ILE A 1 49  ? 10.268  -0.674  8.566   1.00 20.40 ? 49  ILE A CB    1 
ATOM   382  C CG1   . ILE A 1 49  ? 10.654  -1.560  9.757   1.00 20.82 ? 49  ILE A CG1   1 
ATOM   383  C CG2   . ILE A 1 49  ? 11.199  -0.880  7.383   1.00 20.79 ? 49  ILE A CG2   1 
ATOM   384  C CD1   . ILE A 1 49  ? 10.501  -3.045  9.507   1.00 21.73 ? 49  ILE A CD1   1 
ATOM   385  N N     . SER A 1 50  ? 11.287  2.461   7.565   1.00 18.36 ? 50  SER A N     1 
ATOM   386  C CA    . SER A 1 50  ? 11.263  3.490   6.537   1.00 18.80 ? 50  SER A CA    1 
ATOM   387  C C     . SER A 1 50  ? 12.531  3.514   5.689   1.00 18.82 ? 50  SER A C     1 
ATOM   388  O O     . SER A 1 50  ? 13.567  2.977   6.067   1.00 18.39 ? 50  SER A O     1 
ATOM   389  C CB    . SER A 1 50  ? 11.014  4.870   7.158   1.00 18.81 ? 50  SER A CB    1 
ATOM   390  O OG    . SER A 1 50  ? 12.165  5.358   7.825   1.00 19.21 ? 50  SER A OG    1 
ATOM   391  N N     . GLY A 1 51  ? 12.419  4.149   4.533   1.00 18.72 ? 51  GLY A N     1 
ATOM   392  C CA    . GLY A 1 51  ? 13.551  4.330   3.642   1.00 19.16 ? 51  GLY A CA    1 
ATOM   393  C C     . GLY A 1 51  ? 13.361  5.559   2.788   1.00 19.25 ? 51  GLY A C     1 
ATOM   394  O O     . GLY A 1 51  ? 12.279  6.144   2.746   1.00 18.67 ? 51  GLY A O     1 
ATOM   395  N N     . ARG A 1 52  ? 14.431  5.965   2.125   1.00 20.11 ? 52  ARG A N     1 
ATOM   396  C CA    . ARG A 1 52  ? 14.386  7.084   1.206   1.00 21.06 ? 52  ARG A CA    1 
ATOM   397  C C     . ARG A 1 52  ? 15.365  6.806   0.093   1.00 21.43 ? 52  ARG A C     1 
ATOM   398  O O     . ARG A 1 52  ? 16.471  6.326   0.339   1.00 21.00 ? 52  ARG A O     1 
ATOM   399  C CB    . ARG A 1 52  ? 14.760  8.380   1.923   1.00 22.84 ? 52  ARG A CB    1 
ATOM   400  C CG    . ARG A 1 52  ? 14.835  9.605   1.033   1.00 23.93 ? 52  ARG A CG    1 
ATOM   401  C CD    . ARG A 1 52  ? 15.597  10.713  1.736   1.00 25.67 ? 52  ARG A CD    1 
ATOM   402  N NE    . ARG A 1 52  ? 15.609  11.937  0.950   1.00 28.25 ? 52  ARG A NE    1 
ATOM   403  C CZ    . ARG A 1 52  ? 16.252  13.047  1.300   1.00 29.63 ? 52  ARG A CZ    1 
ATOM   404  N NH1   . ARG A 1 52  ? 16.942  13.099  2.435   1.00 30.35 ? 52  ARG A NH1   1 
ATOM   405  N NH2   . ARG A 1 52  ? 16.197  14.113  0.513   1.00 31.12 ? 52  ARG A NH2   1 
ATOM   406  N N     . GLY A 1 53  ? 14.960  7.093   -1.135  1.00 21.15 ? 53  GLY A N     1 
ATOM   407  C CA    . GLY A 1 53  ? 15.855  6.900   -2.251  1.00 21.68 ? 53  GLY A CA    1 
ATOM   408  C C     . GLY A 1 53  ? 15.289  7.395   -3.551  1.00 21.73 ? 53  GLY A C     1 
ATOM   409  O O     . GLY A 1 53  ? 14.181  7.937   -3.610  1.00 21.71 ? 53  GLY A O     1 
ATOM   410  N N     . ASN A 1 54  ? 16.078  7.195   -4.595  1.00 22.07 ? 54  ASN A N     1 
ATOM   411  C CA    . ASN A 1 54  ? 15.756  7.673   -5.920  1.00 22.35 ? 54  ASN A CA    1 
ATOM   412  C C     . ASN A 1 54  ? 14.935  6.641   -6.673  1.00 22.14 ? 54  ASN A C     1 
ATOM   413  O O     . ASN A 1 54  ? 15.368  5.502   -6.852  1.00 22.60 ? 54  ASN A O     1 
ATOM   414  C CB    . ASN A 1 54  ? 17.054  7.979   -6.672  1.00 22.62 ? 54  ASN A CB    1 
ATOM   415  C CG    . ASN A 1 54  ? 16.813  8.674   -7.995  1.00 22.68 ? 54  ASN A CG    1 
ATOM   416  O OD1   . ASN A 1 54  ? 15.994  8.234   -8.797  1.00 23.04 ? 54  ASN A OD1   1 
ATOM   417  N ND2   . ASN A 1 54  ? 17.537  9.763   -8.234  1.00 22.93 ? 54  ASN A ND2   1 
ATOM   418  N N     . ILE A 1 55  ? 13.737  7.039   -7.082  1.00 21.76 ? 55  ILE A N     1 
ATOM   419  C CA    . ILE A 1 55  ? 12.909  6.237   -7.967  1.00 22.35 ? 55  ILE A CA    1 
ATOM   420  C C     . ILE A 1 55  ? 12.708  7.045   -9.233  1.00 23.06 ? 55  ILE A C     1 
ATOM   421  O O     . ILE A 1 55  ? 11.985  8.047   -9.234  1.00 23.21 ? 55  ILE A O     1 
ATOM   422  C CB    . ILE A 1 55  ? 11.546  5.874   -7.332  1.00 22.38 ? 55  ILE A CB    1 
ATOM   423  C CG1   . ILE A 1 55  ? 11.768  5.013   -6.086  1.00 22.57 ? 55  ILE A CG1   1 
ATOM   424  C CG2   . ILE A 1 55  ? 10.660  5.156   -8.344  1.00 22.78 ? 55  ILE A CG2   1 
ATOM   425  C CD1   . ILE A 1 55  ? 10.502  4.582   -5.372  1.00 22.64 ? 55  ILE A CD1   1 
ATOM   426  N N     . GLU A 1 56  ? 13.393  6.622   -10.293 1.00 24.37 ? 56  GLU A N     1 
ATOM   427  C CA    . GLU A 1 56  ? 13.244  7.207   -11.619 1.00 25.05 ? 56  GLU A CA    1 
ATOM   428  C C     . GLU A 1 56  ? 13.479  8.724   -11.617 1.00 24.54 ? 56  GLU A C     1 
ATOM   429  O O     . GLU A 1 56  ? 12.753  9.467   -12.270 1.00 24.29 ? 56  GLU A O     1 
ATOM   430  C CB    . GLU A 1 56  ? 11.855  6.873   -12.184 1.00 26.79 ? 56  GLU A CB    1 
ATOM   431  C CG    . GLU A 1 56  ? 11.530  5.382   -12.217 1.00 27.82 ? 56  GLU A CG    1 
ATOM   432  C CD    . GLU A 1 56  ? 12.304  4.623   -13.282 1.00 29.27 ? 56  GLU A CD    1 
ATOM   433  O OE1   . GLU A 1 56  ? 12.924  5.267   -14.156 1.00 31.28 ? 56  GLU A OE1   1 
ATOM   434  O OE2   . GLU A 1 56  ? 12.290  3.376   -13.247 1.00 28.84 ? 56  GLU A OE2   1 
ATOM   435  N N     . GLY A 1 57  ? 14.491  9.176   -10.880 1.00 24.09 ? 57  GLY A N     1 
ATOM   436  C CA    . GLY A 1 57  ? 14.839  10.605  -10.840 1.00 23.57 ? 57  GLY A CA    1 
ATOM   437  C C     . GLY A 1 57  ? 14.069  11.428  -9.815  1.00 23.45 ? 57  GLY A C     1 
ATOM   438  O O     . GLY A 1 57  ? 14.136  12.662  -9.818  1.00 22.23 ? 57  GLY A O     1 
ATOM   439  N N     . HIS A 1 58  ? 13.339  10.752  -8.933  1.00 22.98 ? 58  HIS A N     1 
ATOM   440  C CA    . HIS A 1 58  ? 12.544  11.423  -7.913  1.00 23.65 ? 58  HIS A CA    1 
ATOM   441  C C     . HIS A 1 58  ? 12.893  10.899  -6.530  1.00 22.37 ? 58  HIS A C     1 
ATOM   442  O O     . HIS A 1 58  ? 13.105  9.703   -6.342  1.00 21.72 ? 58  HIS A O     1 
ATOM   443  C CB    . HIS A 1 58  ? 11.057  11.245  -8.199  1.00 24.84 ? 58  HIS A CB    1 
ATOM   444  C CG    . HIS A 1 58  ? 10.631  11.851  -9.497  1.00 27.27 ? 58  HIS A CG    1 
ATOM   445  N ND1   . HIS A 1 58  ? 10.275  13.178  -9.616  1.00 28.51 ? 58  HIS A ND1   1 
ATOM   446  C CD2   . HIS A 1 58  ? 10.543  11.326  -10.740 1.00 28.60 ? 58  HIS A CD2   1 
ATOM   447  C CE1   . HIS A 1 58  ? 9.969   13.437  -10.874 1.00 28.89 ? 58  HIS A CE1   1 
ATOM   448  N NE2   . HIS A 1 58  ? 10.120  12.329  -11.577 1.00 30.09 ? 58  HIS A NE2   1 
ATOM   449  N N     . ASP A 1 59  ? 12.971  11.822  -5.581  1.00 22.06 ? 59  ASP A N     1 
ATOM   450  C CA    . ASP A 1 59  ? 13.272  11.522  -4.191  1.00 22.02 ? 59  ASP A CA    1 
ATOM   451  C C     . ASP A 1 59  ? 11.987  11.019  -3.534  1.00 20.97 ? 59  ASP A C     1 
ATOM   452  O O     . ASP A 1 59  ? 11.024  11.770  -3.394  1.00 20.60 ? 59  ASP A O     1 
ATOM   453  C CB    . ASP A 1 59  ? 13.765  12.803  -3.517  1.00 23.92 ? 59  ASP A CB    1 
ATOM   454  C CG    . ASP A 1 59  ? 14.139  12.614  -2.064  1.00 25.89 ? 59  ASP A CG    1 
ATOM   455  O OD1   . ASP A 1 59  ? 14.652  11.539  -1.684  1.00 27.05 ? 59  ASP A OD1   1 
ATOM   456  O OD2   . ASP A 1 59  ? 13.936  13.574  -1.294  1.00 29.02 ? 59  ASP A OD2   1 
ATOM   457  N N     . VAL A 1 60  ? 11.970  9.748   -3.150  1.00 19.15 ? 60  VAL A N     1 
ATOM   458  C CA    . VAL A 1 60  ? 10.776  9.133   -2.581  1.00 18.49 ? 60  VAL A CA    1 
ATOM   459  C C     . VAL A 1 60  ? 11.088  8.476   -1.242  1.00 17.95 ? 60  VAL A C     1 
ATOM   460  O O     . VAL A 1 60  ? 12.122  7.821   -1.088  1.00 17.27 ? 60  VAL A O     1 
ATOM   461  C CB    . VAL A 1 60  ? 10.192  8.088   -3.545  1.00 17.87 ? 60  VAL A CB    1 
ATOM   462  C CG1   . VAL A 1 60  ? 8.884   7.516   -3.007  1.00 18.06 ? 60  VAL A CG1   1 
ATOM   463  C CG2   . VAL A 1 60  ? 9.961   8.719   -4.910  1.00 18.25 ? 60  VAL A CG2   1 
ATOM   464  N N     . ARG A 1 61  ? 10.183  8.663   -0.283  1.00 17.44 ? 61  ARG A N     1 
ATOM   465  C CA    . ARG A 1 61  ? 10.255  7.979   0.995   1.00 17.41 ? 61  ARG A CA    1 
ATOM   466  C C     . ARG A 1 61  ? 9.288   6.793   0.998   1.00 16.99 ? 61  ARG A C     1 
ATOM   467  O O     . ARG A 1 61  ? 8.230   6.840   0.366   1.00 16.43 ? 61  ARG A O     1 
ATOM   468  C CB    . ARG A 1 61  ? 9.932   8.939   2.140   1.00 18.13 ? 61  ARG A CB    1 
ATOM   469  C CG    . ARG A 1 61  ? 10.987  10.020  2.314   1.00 19.01 ? 61  ARG A CG    1 
ATOM   470  C CD    . ARG A 1 61  ? 10.632  11.005  3.410   1.00 20.29 ? 61  ARG A CD    1 
ATOM   471  N NE    . ARG A 1 61  ? 11.610  12.091  3.478   1.00 21.67 ? 61  ARG A NE    1 
ATOM   472  C CZ    . ARG A 1 61  ? 12.805  12.010  4.061   1.00 22.50 ? 61  ARG A CZ    1 
ATOM   473  N NH1   . ARG A 1 61  ? 13.206  10.890  4.645   1.00 23.61 ? 61  ARG A NH1   1 
ATOM   474  N NH2   . ARG A 1 61  ? 13.612  13.068  4.053   1.00 23.66 ? 61  ARG A NH2   1 
ATOM   475  N N     . LEU A 1 62  ? 9.679   5.735   1.697   1.00 16.35 ? 62  LEU A N     1 
ATOM   476  C CA    . LEU A 1 62  ? 8.864   4.544   1.850   1.00 16.35 ? 62  LEU A CA    1 
ATOM   477  C C     . LEU A 1 62  ? 8.616   4.322   3.327   1.00 16.08 ? 62  LEU A C     1 
ATOM   478  O O     . LEU A 1 62  ? 9.516   4.506   4.138   1.00 16.37 ? 62  LEU A O     1 
ATOM   479  C CB    . LEU A 1 62  ? 9.587   3.324   1.286   1.00 16.23 ? 62  LEU A CB    1 
ATOM   480  C CG    . LEU A 1 62  ? 10.047  3.379   -0.164  1.00 16.24 ? 62  LEU A CG    1 
ATOM   481  C CD1   . LEU A 1 62  ? 10.653  2.037   -0.546  1.00 16.43 ? 62  LEU A CD1   1 
ATOM   482  C CD2   . LEU A 1 62  ? 8.909   3.745   -1.092  1.00 16.26 ? 62  LEU A CD2   1 
ATOM   483  N N     . LEU A 1 63  ? 7.405   3.904   3.674   1.00 16.23 ? 63  LEU A N     1 
ATOM   484  C CA    . LEU A 1 63  ? 7.063   3.665   5.064   1.00 15.93 ? 63  LEU A CA    1 
ATOM   485  C C     . LEU A 1 63  ? 6.201   2.425   5.247   1.00 16.02 ? 63  LEU A C     1 
ATOM   486  O O     . LEU A 1 63  ? 5.195   2.250   4.565   1.00 15.54 ? 63  LEU A O     1 
ATOM   487  C CB    . LEU A 1 63  ? 6.340   4.878   5.641   1.00 15.89 ? 63  LEU A CB    1 
ATOM   488  C CG    . LEU A 1 63  ? 5.858   4.740   7.089   1.00 15.90 ? 63  LEU A CG    1 
ATOM   489  C CD1   . LEU A 1 63  ? 7.038   4.682   8.046   1.00 15.84 ? 63  LEU A CD1   1 
ATOM   490  C CD2   . LEU A 1 63  ? 4.937   5.901   7.431   1.00 16.03 ? 63  LEU A CD2   1 
ATOM   491  N N     . LEU A 1 64  ? 6.612   1.576   6.182   1.00 16.33 ? 64  LEU A N     1 
ATOM   492  C CA    . LEU A 1 64  ? 5.820   0.445   6.643   1.00 16.82 ? 64  LEU A CA    1 
ATOM   493  C C     . LEU A 1 64  ? 5.542   0.665   8.124   1.00 17.12 ? 64  LEU A C     1 
ATOM   494  O O     . LEU A 1 64  ? 6.456   0.548   8.942   1.00 17.08 ? 64  LEU A O     1 
ATOM   495  C CB    . LEU A 1 64  ? 6.589   -0.869  6.471   1.00 17.23 ? 64  LEU A CB    1 
ATOM   496  C CG    . LEU A 1 64  ? 7.151   -1.226  5.101   1.00 17.88 ? 64  LEU A CG    1 
ATOM   497  C CD1   . LEU A 1 64  ? 7.983   -2.501  5.203   1.00 18.19 ? 64  LEU A CD1   1 
ATOM   498  C CD2   . LEU A 1 64  ? 6.036   -1.397  4.097   1.00 18.13 ? 64  LEU A CD2   1 
ATOM   499  N N     . PRO A 1 65  ? 4.291   1.008   8.481   1.00 17.41 ? 65  PRO A N     1 
ATOM   500  C CA    . PRO A 1 65  ? 3.983   1.130   9.903   1.00 17.74 ? 65  PRO A CA    1 
ATOM   501  C C     . PRO A 1 65  ? 4.197   -0.195  10.634  1.00 18.54 ? 65  PRO A C     1 
ATOM   502  O O     . PRO A 1 65  ? 3.855   -1.246  10.098  1.00 18.17 ? 65  PRO A O     1 
ATOM   503  C CB    . PRO A 1 65  ? 2.504   1.525   9.911   1.00 17.76 ? 65  PRO A CB    1 
ATOM   504  C CG    . PRO A 1 65  ? 2.283   2.176   8.586   1.00 17.51 ? 65  PRO A CG    1 
ATOM   505  C CD    . PRO A 1 65  ? 3.139   1.380   7.644   1.00 17.57 ? 65  PRO A CD    1 
ATOM   506  N N     . MET A 1 66  ? 4.776   -0.136  11.831  1.00 19.82 ? 66  MET A N     1 
ATOM   507  C CA    . MET A 1 66  ? 5.008   -1.324  12.664  1.00 21.25 ? 66  MET A CA    1 
ATOM   508  C C     . MET A 1 66  ? 4.138   -1.258  13.920  1.00 21.68 ? 66  MET A C     1 
ATOM   509  O O     . MET A 1 66  ? 4.503   -1.759  14.993  1.00 22.23 ? 66  MET A O     1 
ATOM   510  C CB    . MET A 1 66  ? 6.494   -1.410  13.028  1.00 22.42 ? 66  MET A CB    1 
ATOM   511  C CG    . MET A 1 66  ? 7.382   -1.755  11.843  1.00 23.32 ? 66  MET A CG    1 
ATOM   512  S SD    . MET A 1 66  ? 7.027   -3.399  11.210  1.00 26.72 ? 66  MET A SD    1 
ATOM   513  C CE    . MET A 1 66  ? 6.821   -3.060  9.471   1.00 26.72 ? 66  MET A CE    1 
ATOM   514  N N     . THR A 1 67  ? 2.963   -0.665  13.752  1.00 21.31 ? 67  THR A N     1 
ATOM   515  C CA    . THR A 1 67  ? 2.053   -0.339  14.837  1.00 20.95 ? 67  THR A CA    1 
ATOM   516  C C     . THR A 1 67  ? 0.968   -1.394  15.042  1.00 20.80 ? 67  THR A C     1 
ATOM   517  O O     . THR A 1 67  ? 0.213   -1.314  16.005  1.00 21.34 ? 67  THR A O     1 
ATOM   518  C CB    . THR A 1 67  ? 1.309   0.962   14.498  1.00 20.74 ? 67  THR A CB    1 
ATOM   519  O OG1   . THR A 1 67  ? 0.714   0.833   13.200  1.00 20.43 ? 67  THR A OG1   1 
ATOM   520  C CG2   . THR A 1 67  ? 2.255   2.154   14.493  1.00 21.10 ? 67  THR A CG2   1 
ATOM   521  N N     . TYR A 1 68  ? 0.921   -2.375  14.142  1.00 21.08 ? 68  TYR A N     1 
ATOM   522  C CA    . TYR A 1 68  ? -0.267  -3.183  13.853  1.00 21.51 ? 68  TYR A CA    1 
ATOM   523  C C     . TYR A 1 68  ? -1.254  -2.352  13.050  1.00 20.46 ? 68  TYR A C     1 
ATOM   524  O O     . TYR A 1 68  ? -1.325  -1.129  13.187  1.00 19.86 ? 68  TYR A O     1 
ATOM   525  C CB    . TYR A 1 68  ? -0.916  -3.798  15.105  1.00 22.97 ? 68  TYR A CB    1 
ATOM   526  C CG    . TYR A 1 68  ? -0.033  -4.852  15.722  1.00 24.33 ? 68  TYR A CG    1 
ATOM   527  C CD1   . TYR A 1 68  ? -0.020  -6.146  15.222  1.00 25.71 ? 68  TYR A CD1   1 
ATOM   528  C CD2   . TYR A 1 68  ? 0.820   -4.543  16.777  1.00 26.19 ? 68  TYR A CD2   1 
ATOM   529  C CE1   . TYR A 1 68  ? 0.804   -7.119  15.768  1.00 26.55 ? 68  TYR A CE1   1 
ATOM   530  C CE2   . TYR A 1 68  ? 1.644   -5.508  17.334  1.00 26.69 ? 68  TYR A CE2   1 
ATOM   531  C CZ    . TYR A 1 68  ? 1.630   -6.794  16.825  1.00 27.60 ? 68  TYR A CZ    1 
ATOM   532  O OH    . TYR A 1 68  ? 2.453   -7.758  17.368  1.00 29.25 ? 68  TYR A OH    1 
ATOM   533  N N     . MET A 1 69  ? -2.009  -3.039  12.207  1.00 19.81 ? 69  MET A N     1 
ATOM   534  C CA    . MET A 1 69  ? -2.799  -2.399  11.162  1.00 19.66 ? 69  MET A CA    1 
ATOM   535  C C     . MET A 1 69  ? -3.743  -1.310  11.661  1.00 19.81 ? 69  MET A C     1 
ATOM   536  O O     . MET A 1 69  ? -3.803  -0.233  11.074  1.00 19.27 ? 69  MET A O     1 
ATOM   537  C CB    . MET A 1 69  ? -3.607  -3.449  10.410  1.00 18.97 ? 69  MET A CB    1 
ATOM   538  C CG    . MET A 1 69  ? -4.429  -2.888  9.268   1.00 18.69 ? 69  MET A CG    1 
ATOM   539  S SD    . MET A 1 69  ? -3.408  -2.262  7.936   1.00 17.74 ? 69  MET A SD    1 
ATOM   540  C CE    . MET A 1 69  ? -3.210  -3.742  6.954   1.00 17.49 ? 69  MET A CE    1 
ATOM   541  N N     . ASN A 1 70  ? -4.492  -1.585  12.724  1.00 20.90 ? 70  ASN A N     1 
ATOM   542  C CA    . ASN A 1 70  ? -5.524  -0.641  13.150  1.00 21.90 ? 70  ASN A CA    1 
ATOM   543  C C     . ASN A 1 70  ? -4.976  0.593   13.873  1.00 21.30 ? 70  ASN A C     1 
ATOM   544  O O     . ASN A 1 70  ? -5.740  1.490   14.230  1.00 20.51 ? 70  ASN A O     1 
ATOM   545  C CB    . ASN A 1 70  ? -6.652  -1.334  13.936  1.00 23.75 ? 70  ASN A CB    1 
ATOM   546  C CG    . ASN A 1 70  ? -6.211  -1.895  15.273  1.00 25.79 ? 70  ASN A CG    1 
ATOM   547  O OD1   . ASN A 1 70  ? -5.077  -1.708  15.716  1.00 27.52 ? 70  ASN A OD1   1 
ATOM   548  N ND2   . ASN A 1 70  ? -7.131  -2.600  15.932  1.00 27.45 ? 70  ASN A ND2   1 
ATOM   549  N N     . ARG A 1 71  ? -3.657  0.643   14.047  1.00 20.33 ? 71  ARG A N     1 
ATOM   550  C CA    . ARG A 1 71  ? -2.975  1.809   14.598  1.00 20.38 ? 71  ARG A CA    1 
ATOM   551  C C     . ARG A 1 71  ? -1.995  2.431   13.594  1.00 19.34 ? 71  ARG A C     1 
ATOM   552  O O     . ARG A 1 71  ? -1.091  3.172   13.990  1.00 18.95 ? 71  ARG A O     1 
ATOM   553  C CB    . ARG A 1 71  ? -2.233  1.408   15.874  1.00 21.87 ? 71  ARG A CB    1 
ATOM   554  C CG    . ARG A 1 71  ? -3.148  0.927   16.986  1.00 22.92 ? 71  ARG A CG    1 
ATOM   555  C CD    . ARG A 1 71  ? -2.334  0.337   18.118  1.00 24.52 ? 71  ARG A CD    1 
ATOM   556  N NE    . ARG A 1 71  ? -3.156  0.040   19.289  1.00 26.22 ? 71  ARG A NE    1 
ATOM   557  C CZ    . ARG A 1 71  ? -2.676  -0.181  20.512  1.00 27.28 ? 71  ARG A CZ    1 
ATOM   558  N NH1   . ARG A 1 71  ? -3.511  -0.440  21.514  1.00 27.59 ? 71  ARG A NH1   1 
ATOM   559  N NH2   . ARG A 1 71  ? -1.367  -0.145  20.742  1.00 28.05 ? 71  ARG A NH2   1 
ATOM   560  N N     . SER A 1 72  ? -2.185  2.143   12.303  1.00 18.54 ? 72  SER A N     1 
ATOM   561  C CA    . SER A 1 72  ? -1.280  2.623   11.237  1.00 18.25 ? 72  SER A CA    1 
ATOM   562  C C     . SER A 1 72  ? -1.073  4.139   11.243  1.00 17.85 ? 72  SER A C     1 
ATOM   563  O O     . SER A 1 72  ? -0.002  4.625   10.879  1.00 17.60 ? 72  SER A O     1 
ATOM   564  C CB    . SER A 1 72  ? -1.799  2.207   9.859   1.00 18.38 ? 72  SER A CB    1 
ATOM   565  O OG    . SER A 1 72  ? -1.781  0.802   9.706   1.00 18.90 ? 72  SER A OG    1 
ATOM   566  N N     . GLY A 1 73  ? -2.102  4.882   11.644  1.00 17.25 ? 73  GLY A N     1 
ATOM   567  C CA    . GLY A 1 73  ? -2.004  6.327   11.771  1.00 16.89 ? 73  GLY A CA    1 
ATOM   568  C C     . GLY A 1 73  ? -0.949  6.821   12.747  1.00 17.16 ? 73  GLY A C     1 
ATOM   569  O O     . GLY A 1 73  ? -0.472  7.944   12.610  1.00 16.48 ? 73  GLY A O     1 
ATOM   570  N N     . GLN A 1 74  ? -0.587  6.010   13.743  1.00 18.10 ? 74  GLN A N     1 
ATOM   571  C CA    . GLN A 1 74  ? 0.430   6.426   14.724  1.00 19.34 ? 74  GLN A CA    1 
ATOM   572  C C     . GLN A 1 74  ? 1.815   6.534   14.079  1.00 18.29 ? 74  GLN A C     1 
ATOM   573  O O     . GLN A 1 74  ? 2.709   7.189   14.622  1.00 18.56 ? 74  GLN A O     1 
ATOM   574  C CB    . GLN A 1 74  ? 0.469   5.479   15.930  1.00 21.55 ? 74  GLN A CB    1 
ATOM   575  C CG    . GLN A 1 74  ? 1.254   6.046   17.111  1.00 23.39 ? 74  GLN A CG    1 
ATOM   576  C CD    . GLN A 1 74  ? 1.307   5.119   18.310  1.00 25.21 ? 74  GLN A CD    1 
ATOM   577  O OE1   . GLN A 1 74  ? 0.711   4.042   18.313  1.00 26.90 ? 74  GLN A OE1   1 
ATOM   578  N NE2   . GLN A 1 74  ? 2.022   5.545   19.349  1.00 26.84 ? 74  GLN A NE2   1 
ATOM   579  N N     . SER A 1 75  ? 1.979   5.884   12.926  1.00 17.14 ? 75  SER A N     1 
ATOM   580  C CA    . SER A 1 75  ? 3.173   6.004   12.096  1.00 16.51 ? 75  SER A CA    1 
ATOM   581  C C     . SER A 1 75  ? 2.965   7.009   10.955  1.00 16.16 ? 75  SER A C     1 
ATOM   582  O O     . SER A 1 75  ? 3.715   7.971   10.826  1.00 16.27 ? 75  SER A O     1 
ATOM   583  C CB    . SER A 1 75  ? 3.541   4.628   11.521  1.00 16.20 ? 75  SER A CB    1 
ATOM   584  O OG    . SER A 1 75  ? 4.707   4.684   10.713  1.00 16.01 ? 75  SER A OG    1 
ATOM   585  N N     . VAL A 1 76  ? 1.935   6.795   10.139  1.00 15.98 ? 76  VAL A N     1 
ATOM   586  C CA    . VAL A 1 76  ? 1.755   7.591   8.908   1.00 15.73 ? 76  VAL A CA    1 
ATOM   587  C C     . VAL A 1 76  ? 1.601   9.087   9.188   1.00 15.93 ? 76  VAL A C     1 
ATOM   588  O O     . VAL A 1 76  ? 2.213   9.919   8.511   1.00 15.88 ? 76  VAL A O     1 
ATOM   589  C CB    . VAL A 1 76  ? 0.559   7.092   8.069   1.00 15.71 ? 76  VAL A CB    1 
ATOM   590  C CG1   . VAL A 1 76  ? 0.305   8.013   6.880   1.00 15.79 ? 76  VAL A CG1   1 
ATOM   591  C CG2   . VAL A 1 76  ? 0.808   5.666   7.601   1.00 15.85 ? 76  VAL A CG2   1 
ATOM   592  N N     . VAL A 1 77  ? 0.803   9.426   10.197  1.00 16.24 ? 77  VAL A N     1 
ATOM   593  C CA    . VAL A 1 77  ? 0.501   10.823  10.483  1.00 16.56 ? 77  VAL A CA    1 
ATOM   594  C C     . VAL A 1 77  ? 1.731   11.613  10.930  1.00 16.73 ? 77  VAL A C     1 
ATOM   595  O O     . VAL A 1 77  ? 2.048   12.628  10.308  1.00 16.90 ? 77  VAL A O     1 
ATOM   596  C CB    . VAL A 1 77  ? -0.671  10.978  11.476  1.00 16.64 ? 77  VAL A CB    1 
ATOM   597  C CG1   . VAL A 1 77  ? -0.898  12.447  11.823  1.00 17.00 ? 77  VAL A CG1   1 
ATOM   598  C CG2   . VAL A 1 77  ? -1.933  10.366  10.886  1.00 16.87 ? 77  VAL A CG2   1 
ATOM   599  N N     . PRO A 1 78  ? 2.431   11.168  11.995  1.00 17.07 ? 78  PRO A N     1 
ATOM   600  C CA    . PRO A 1 78  ? 3.593   11.965  12.401  1.00 17.44 ? 78  PRO A CA    1 
ATOM   601  C C     . PRO A 1 78  ? 4.716   11.970  11.362  1.00 17.04 ? 78  PRO A C     1 
ATOM   602  O O     . PRO A 1 78  ? 5.399   12.980  11.211  1.00 17.34 ? 78  PRO A O     1 
ATOM   603  C CB    . PRO A 1 78  ? 4.057   11.294  13.704  1.00 17.74 ? 78  PRO A CB    1 
ATOM   604  C CG    . PRO A 1 78  ? 3.479   9.923   13.659  1.00 17.59 ? 78  PRO A CG    1 
ATOM   605  C CD    . PRO A 1 78  ? 2.176   10.058  12.929  1.00 17.42 ? 78  PRO A CD    1 
ATOM   606  N N     . PHE A 1 79  ? 4.879   10.863  10.638  1.00 17.09 ? 79  PHE A N     1 
ATOM   607  C CA    . PHE A 1 79  ? 5.860   10.782  9.553   1.00 17.11 ? 79  PHE A CA    1 
ATOM   608  C C     . PHE A 1 79  ? 5.584   11.846  8.496   1.00 17.55 ? 79  PHE A C     1 
ATOM   609  O O     . PHE A 1 79  ? 6.468   12.613  8.129   1.00 17.82 ? 79  PHE A O     1 
ATOM   610  C CB    . PHE A 1 79  ? 5.831   9.396   8.898   1.00 16.46 ? 79  PHE A CB    1 
ATOM   611  C CG    . PHE A 1 79  ? 6.991   9.131   7.975   1.00 16.37 ? 79  PHE A CG    1 
ATOM   612  C CD1   . PHE A 1 79  ? 6.946   9.526   6.644   1.00 16.47 ? 79  PHE A CD1   1 
ATOM   613  C CD2   . PHE A 1 79  ? 8.134   8.494   8.440   1.00 16.35 ? 79  PHE A CD2   1 
ATOM   614  C CE1   . PHE A 1 79  ? 8.014   9.281   5.795   1.00 16.33 ? 79  PHE A CE1   1 
ATOM   615  C CE2   . PHE A 1 79  ? 9.209   8.244   7.590   1.00 16.66 ? 79  PHE A CE2   1 
ATOM   616  C CZ    . PHE A 1 79  ? 9.143   8.641   6.265   1.00 16.42 ? 79  PHE A CZ    1 
ATOM   617  N N     . SER A 1 80  ? 4.355   11.879  7.997   1.00 18.78 ? 80  SER A N     1 
ATOM   618  C CA    . SER A 1 80  ? 4.004   12.803  6.926   1.00 19.71 ? 80  SER A CA    1 
ATOM   619  C C     . SER A 1 80  ? 4.034   14.248  7.423   1.00 21.00 ? 80  SER A C     1 
ATOM   620  O O     . SER A 1 80  ? 4.435   15.153  6.685   1.00 21.34 ? 80  SER A O     1 
ATOM   621  C CB    . SER A 1 80  ? 2.640   12.445  6.325   1.00 20.02 ? 80  SER A CB    1 
ATOM   622  O OG    . SER A 1 80  ? 1.588   12.776  7.205   1.00 20.46 ? 80  SER A OG    1 
ATOM   623  N N     . LYS A 1 81  ? 3.648   14.464  8.681   1.00 22.35 ? 81  LYS A N     1 
ATOM   624  C CA    . LYS A 1 81  ? 3.717   15.804  9.268   1.00 23.92 ? 81  LYS A CA    1 
ATOM   625  C C     . LYS A 1 81  ? 5.162   16.298  9.411   1.00 22.88 ? 81  LYS A C     1 
ATOM   626  O O     . LYS A 1 81  ? 5.472   17.427  9.028   1.00 22.38 ? 81  LYS A O     1 
ATOM   627  C CB    . LYS A 1 81  ? 2.988   15.869  10.616  1.00 26.95 ? 81  LYS A CB    1 
ATOM   628  C CG    . LYS A 1 81  ? 1.476   16.011  10.478  1.00 29.98 ? 81  LYS A CG    1 
ATOM   629  C CD    . LYS A 1 81  ? 0.878   16.921  11.546  1.00 33.36 ? 81  LYS A CD    1 
ATOM   630  C CE    . LYS A 1 81  ? 0.694   16.209  12.875  1.00 35.22 ? 81  LYS A CE    1 
ATOM   631  N NZ    . LYS A 1 81  ? 0.173   17.140  13.919  1.00 37.83 ? 81  LYS A NZ    1 
ATOM   632  N N     . PHE A 1 82  ? 6.042   15.451  9.936   1.00 21.96 ? 82  PHE A N     1 
ATOM   633  C CA    . PHE A 1 82  ? 7.455   15.816  10.118  1.00 21.40 ? 82  PHE A CA    1 
ATOM   634  C C     . PHE A 1 82  ? 8.123   16.186  8.797   1.00 20.44 ? 82  PHE A C     1 
ATOM   635  O O     . PHE A 1 82  ? 8.822   17.199  8.709   1.00 19.83 ? 82  PHE A O     1 
ATOM   636  C CB    . PHE A 1 82  ? 8.228   14.684  10.800  1.00 21.89 ? 82  PHE A CB    1 
ATOM   637  C CG    . PHE A 1 82  ? 9.687   14.990  11.031  1.00 22.92 ? 82  PHE A CG    1 
ATOM   638  C CD1   . PHE A 1 82  ? 10.090  15.745  12.133  1.00 24.29 ? 82  PHE A CD1   1 
ATOM   639  C CD2   . PHE A 1 82  ? 10.657  14.522  10.156  1.00 23.04 ? 82  PHE A CD2   1 
ATOM   640  C CE1   . PHE A 1 82  ? 11.432  16.024  12.347  1.00 24.26 ? 82  PHE A CE1   1 
ATOM   641  C CE2   . PHE A 1 82  ? 12.003  14.796  10.368  1.00 23.79 ? 82  PHE A CE2   1 
ATOM   642  C CZ    . PHE A 1 82  ? 12.389  15.551  11.461  1.00 24.36 ? 82  PHE A CZ    1 
ATOM   643  N N     . TYR A 1 83  ? 7.906   15.379  7.764   1.00 19.29 ? 83  TYR A N     1 
ATOM   644  C CA    . TYR A 1 83  ? 8.536   15.638  6.465   1.00 19.73 ? 83  TYR A CA    1 
ATOM   645  C C     . TYR A 1 83  ? 7.735   16.594  5.601   1.00 19.82 ? 83  TYR A C     1 
ATOM   646  O O     . TYR A 1 83  ? 8.135   16.894  4.475   1.00 20.26 ? 83  TYR A O     1 
ATOM   647  C CB    . TYR A 1 83  ? 8.803   14.328  5.736   1.00 20.07 ? 83  TYR A CB    1 
ATOM   648  C CG    . TYR A 1 83  ? 9.863   13.530  6.447   1.00 20.12 ? 83  TYR A CG    1 
ATOM   649  C CD1   . TYR A 1 83  ? 11.180  13.976  6.478   1.00 20.64 ? 83  TYR A CD1   1 
ATOM   650  C CD2   . TYR A 1 83  ? 9.551   12.353  7.112   1.00 20.86 ? 83  TYR A CD2   1 
ATOM   651  C CE1   . TYR A 1 83  ? 12.161  13.258  7.130   1.00 20.94 ? 83  TYR A CE1   1 
ATOM   652  C CE2   . TYR A 1 83  ? 10.529  11.628  7.773   1.00 20.82 ? 83  TYR A CE2   1 
ATOM   653  C CZ    . TYR A 1 83  ? 11.829  12.089  7.778   1.00 21.23 ? 83  TYR A CZ    1 
ATOM   654  O OH    . TYR A 1 83  ? 12.806  11.384  8.437   1.00 22.59 ? 83  TYR A OH    1 
ATOM   655  N N     . GLN A 1 84  ? 6.624   17.085  6.148   1.00 20.56 ? 84  GLN A N     1 
ATOM   656  C CA    . GLN A 1 84  ? 5.763   18.057  5.478   1.00 20.77 ? 84  GLN A CA    1 
ATOM   657  C C     . GLN A 1 84  ? 5.323   17.554  4.108   1.00 19.57 ? 84  GLN A C     1 
ATOM   658  O O     . GLN A 1 84  ? 5.401   18.268  3.108   1.00 19.43 ? 84  GLN A O     1 
ATOM   659  C CB    . GLN A 1 84  ? 6.455   19.420  5.387   1.00 22.90 ? 84  GLN A CB    1 
ATOM   660  C CG    . GLN A 1 84  ? 6.677   20.071  6.744   1.00 24.81 ? 84  GLN A CG    1 
ATOM   661  C CD    . GLN A 1 84  ? 6.776   21.582  6.646   1.00 27.16 ? 84  GLN A CD    1 
ATOM   662  O OE1   . GLN A 1 84  ? 7.490   22.104  5.792   1.00 29.46 ? 84  GLN A OE1   1 
ATOM   663  N NE2   . GLN A 1 84  ? 6.053   22.290  7.506   1.00 28.97 ? 84  GLN A NE2   1 
ATOM   664  N N     . ILE A 1 85  ? 4.854   16.308  4.082   1.00 18.73 ? 85  ILE A N     1 
ATOM   665  C CA    . ILE A 1 85  ? 4.350   15.686  2.870   1.00 18.49 ? 85  ILE A CA    1 
ATOM   666  C C     . ILE A 1 85  ? 2.825   15.799  2.879   1.00 18.45 ? 85  ILE A C     1 
ATOM   667  O O     . ILE A 1 85  ? 2.164   15.288  3.785   1.00 18.39 ? 85  ILE A O     1 
ATOM   668  C CB    . ILE A 1 85  ? 4.791   14.206  2.777   1.00 18.65 ? 85  ILE A CB    1 
ATOM   669  C CG1   . ILE A 1 85  ? 6.323   14.116  2.738   1.00 19.31 ? 85  ILE A CG1   1 
ATOM   670  C CG2   . ILE A 1 85  ? 4.201   13.537  1.543   1.00 18.20 ? 85  ILE A CG2   1 
ATOM   671  C CD1   . ILE A 1 85  ? 6.869   12.738  3.053   1.00 19.64 ? 85  ILE A CD1   1 
ATOM   672  N N     . ALA A 1 86  ? 2.275   16.487  1.877   1.00 17.99 ? 86  ALA A N     1 
ATOM   673  C CA    . ALA A 1 86  ? 0.827   16.655  1.772   1.00 17.69 ? 86  ALA A CA    1 
ATOM   674  C C     . ALA A 1 86  ? 0.190   15.333  1.367   1.00 17.51 ? 86  ALA A C     1 
ATOM   675  O O     . ALA A 1 86  ? 0.823   14.545  0.656   1.00 16.79 ? 86  ALA A O     1 
ATOM   676  C CB    . ALA A 1 86  ? 0.486   17.723  0.753   1.00 17.48 ? 86  ALA A CB    1 
ATOM   677  N N     . PRO A 1 87  ? -1.062  15.090  1.805   1.00 17.51 ? 87  PRO A N     1 
ATOM   678  C CA    . PRO A 1 87  ? -1.751  13.839  1.465   1.00 17.95 ? 87  PRO A CA    1 
ATOM   679  C C     . PRO A 1 87  ? -1.790  13.582  -0.042  1.00 17.75 ? 87  PRO A C     1 
ATOM   680  O O     . PRO A 1 87  ? -1.713  12.433  -0.473  1.00 17.49 ? 87  PRO A O     1 
ATOM   681  C CB    . PRO A 1 87  ? -3.173  14.023  2.031   1.00 18.35 ? 87  PRO A CB    1 
ATOM   682  C CG    . PRO A 1 87  ? -3.229  15.380  2.639   1.00 18.44 ? 87  PRO A CG    1 
ATOM   683  C CD    . PRO A 1 87  ? -1.840  15.930  2.735   1.00 18.26 ? 87  PRO A CD    1 
ATOM   684  N N     . GLU A 1 88  ? -1.874  14.652  -0.830  1.00 17.92 ? 88  GLU A N     1 
ATOM   685  C CA    . GLU A 1 88  ? -1.901  14.548  -2.291  1.00 18.39 ? 88  GLU A CA    1 
ATOM   686  C C     . GLU A 1 88  ? -0.610  13.970  -2.894  1.00 18.23 ? 88  GLU A C     1 
ATOM   687  O O     . GLU A 1 88  ? -0.605  13.523  -4.042  1.00 18.56 ? 88  GLU A O     1 
ATOM   688  C CB    . GLU A 1 88  ? -2.217  15.914  -2.923  1.00 19.15 ? 88  GLU A CB    1 
ATOM   689  C CG    . GLU A 1 88  ? -3.631  16.423  -2.651  1.00 20.12 ? 88  GLU A CG    1 
ATOM   690  C CD    . GLU A 1 88  ? -3.808  17.085  -1.290  1.00 20.76 ? 88  GLU A CD    1 
ATOM   691  O OE1   . GLU A 1 88  ? -2.823  17.226  -0.530  1.00 20.34 ? 88  GLU A OE1   1 
ATOM   692  O OE2   . GLU A 1 88  ? -4.953  17.469  -0.975  1.00 22.30 ? 88  GLU A OE2   1 
ATOM   693  N N     . ALA A 1 89  ? 0.471   13.976  -2.115  1.00 17.59 ? 89  ALA A N     1 
ATOM   694  C CA    . ALA A 1 89  ? 1.747   13.384  -2.517  1.00 17.27 ? 89  ALA A CA    1 
ATOM   695  C C     . ALA A 1 89  ? 1.981   11.995  -1.897  1.00 16.69 ? 89  ALA A C     1 
ATOM   696  O O     . ALA A 1 89  ? 3.091   11.452  -1.973  1.00 16.40 ? 89  ALA A O     1 
ATOM   697  C CB    . ALA A 1 89  ? 2.886   14.334  -2.145  1.00 17.68 ? 89  ALA A CB    1 
ATOM   698  N N     . ILE A 1 90  ? 0.946   11.414  -1.294  1.00 15.71 ? 90  ILE A N     1 
ATOM   699  C CA    . ILE A 1 90  ? 1.065   10.104  -0.644  1.00 15.42 ? 90  ILE A CA    1 
ATOM   700  C C     . ILE A 1 90  ? 0.313   9.027   -1.423  1.00 15.08 ? 90  ILE A C     1 
ATOM   701  O O     . ILE A 1 90  ? -0.819  9.242   -1.849  1.00 15.13 ? 90  ILE A O     1 
ATOM   702  C CB    . ILE A 1 90  ? 0.526   10.138  0.801   1.00 15.28 ? 90  ILE A CB    1 
ATOM   703  C CG1   . ILE A 1 90  ? 1.249   11.215  1.613   1.00 15.42 ? 90  ILE A CG1   1 
ATOM   704  C CG2   . ILE A 1 90  ? 0.672   8.766   1.463   1.00 15.37 ? 90  ILE A CG2   1 
ATOM   705  C CD1   . ILE A 1 90  ? 0.730   11.386  3.029   1.00 15.56 ? 90  ILE A CD1   1 
ATOM   706  N N     . LEU A 1 91  ? 0.967   7.884   -1.607  1.00 14.70 ? 91  LEU A N     1 
ATOM   707  C CA    . LEU A 1 91  ? 0.336   6.678   -2.139  1.00 14.47 ? 91  LEU A CA    1 
ATOM   708  C C     . LEU A 1 91  ? 0.336   5.637   -1.032  1.00 14.12 ? 91  LEU A C     1 
ATOM   709  O O     . LEU A 1 91  ? 1.380   5.322   -0.473  1.00 14.08 ? 91  LEU A O     1 
ATOM   710  C CB    . LEU A 1 91  ? 1.103   6.158   -3.351  1.00 14.81 ? 91  LEU A CB    1 
ATOM   711  C CG    . LEU A 1 91  ? 0.649   4.820   -3.936  1.00 15.01 ? 91  LEU A CG    1 
ATOM   712  C CD1   . LEU A 1 91  ? -0.762  4.937   -4.480  1.00 15.49 ? 91  LEU A CD1   1 
ATOM   713  C CD2   . LEU A 1 91  ? 1.619   4.352   -5.010  1.00 15.41 ? 91  LEU A CD2   1 
ATOM   714  N N     . ILE A 1 92  ? -0.842  5.119   -0.698  1.00 13.90 ? 92  ILE A N     1 
ATOM   715  C CA    . ILE A 1 92  ? -0.958  4.074   0.304   1.00 13.85 ? 92  ILE A CA    1 
ATOM   716  C C     . ILE A 1 92  ? -1.399  2.765   -0.352  1.00 14.11 ? 92  ILE A C     1 
ATOM   717  O O     . ILE A 1 92  ? -2.503  2.666   -0.880  1.00 14.32 ? 92  ILE A O     1 
ATOM   718  C CB    . ILE A 1 92  ? -1.925  4.466   1.440   1.00 13.77 ? 92  ILE A CB    1 
ATOM   719  C CG1   . ILE A 1 92  ? -1.461  5.787   2.072   1.00 13.81 ? 92  ILE A CG1   1 
ATOM   720  C CG2   . ILE A 1 92  ? -2.010  3.337   2.466   1.00 13.84 ? 92  ILE A CG2   1 
ATOM   721  C CD1   . ILE A 1 92  ? -2.107  6.140   3.393   1.00 14.00 ? 92  ILE A CD1   1 
ATOM   722  N N     . ALA A 1 93  ? -0.514  1.774   -0.327  1.00 14.27 ? 93  ALA A N     1 
ATOM   723  C CA    . ALA A 1 93  ? -0.818  0.453   -0.859  1.00 14.94 ? 93  ALA A CA    1 
ATOM   724  C C     . ALA A 1 93  ? -1.467  -0.380  0.233   1.00 15.30 ? 93  ALA A C     1 
ATOM   725  O O     . ALA A 1 93  ? -0.979  -0.426  1.363   1.00 15.40 ? 93  ALA A O     1 
ATOM   726  C CB    . ALA A 1 93  ? 0.445   -0.225  -1.375  1.00 14.97 ? 93  ALA A CB    1 
ATOM   727  N N     . HIS A 1 94  ? -2.571  -1.043  -0.107  1.00 15.61 ? 94  HIS A N     1 
ATOM   728  C CA    . HIS A 1 94  ? -3.338  -1.792  0.883   1.00 15.89 ? 94  HIS A CA    1 
ATOM   729  C C     . HIS A 1 94  ? -4.168  -2.898  0.228   1.00 15.92 ? 94  HIS A C     1 
ATOM   730  O O     . HIS A 1 94  ? -4.521  -2.817  -0.947  1.00 16.00 ? 94  HIS A O     1 
ATOM   731  C CB    . HIS A 1 94  ? -4.243  -0.853  1.699   1.00 15.72 ? 94  HIS A CB    1 
ATOM   732  C CG    . HIS A 1 94  ? -5.395  -0.287  0.923   1.00 16.31 ? 94  HIS A CG    1 
ATOM   733  N ND1   . HIS A 1 94  ? -6.599  -0.946  0.796   1.00 16.26 ? 94  HIS A ND1   1 
ATOM   734  C CD2   . HIS A 1 94  ? -5.532  0.880   0.250   1.00 16.40 ? 94  HIS A CD2   1 
ATOM   735  C CE1   . HIS A 1 94  ? -7.421  -0.220  0.059   1.00 16.63 ? 94  HIS A CE1   1 
ATOM   736  N NE2   . HIS A 1 94  ? -6.799  0.896   -0.282  1.00 16.72 ? 94  HIS A NE2   1 
ATOM   737  N N     . ASP A 1 95  ? -4.453  -3.932  1.008   1.00 16.53 ? 95  ASP A N     1 
ATOM   738  C CA    . ASP A 1 95  ? -5.341  -5.008  0.582   1.00 17.48 ? 95  ASP A CA    1 
ATOM   739  C C     . ASP A 1 95  ? -6.770  -4.500  0.415   1.00 18.31 ? 95  ASP A C     1 
ATOM   740  O O     . ASP A 1 95  ? -7.248  -3.656  1.184   1.00 17.98 ? 95  ASP A O     1 
ATOM   741  C CB    . ASP A 1 95  ? -5.311  -6.171  1.573   1.00 17.43 ? 95  ASP A CB    1 
ATOM   742  C CG    . ASP A 1 95  ? -5.620  -5.745  2.993   1.00 17.67 ? 95  ASP A CG    1 
ATOM   743  O OD1   . ASP A 1 95  ? -4.948  -4.818  3.510   1.00 16.95 ? 95  ASP A OD1   1 
ATOM   744  O OD2   . ASP A 1 95  ? -6.516  -6.357  3.612   1.00 18.10 ? 95  ASP A OD2   1 
ATOM   745  N N     . GLU A 1 96  ? -7.447  -5.023  -0.600  1.00 19.49 ? 96  GLU A N     1 
ATOM   746  C CA    . GLU A 1 96  ? -8.787  -4.588  -0.938  1.00 20.95 ? 96  GLU A CA    1 
ATOM   747  C C     . GLU A 1 96  ? -9.699  -5.807  -1.055  1.00 21.88 ? 96  GLU A C     1 
ATOM   748  O O     . GLU A 1 96  ? -9.552  -6.609  -1.966  1.00 21.47 ? 96  GLU A O     1 
ATOM   749  C CB    . GLU A 1 96  ? -8.779  -3.804  -2.250  1.00 21.40 ? 96  GLU A CB    1 
ATOM   750  C CG    . GLU A 1 96  ? -10.155 -3.362  -2.729  1.00 22.10 ? 96  GLU A CG    1 
ATOM   751  C CD    . GLU A 1 96  ? -10.897 -2.571  -1.681  1.00 22.71 ? 96  GLU A CD    1 
ATOM   752  O OE1   . GLU A 1 96  ? -10.506 -1.411  -1.442  1.00 23.64 ? 96  GLU A OE1   1 
ATOM   753  O OE2   . GLU A 1 96  ? -11.854 -3.113  -1.086  1.00 23.13 ? 96  GLU A OE2   1 
ATOM   754  N N     . LEU A 1 97  ? -10.637 -5.925  -0.123  1.00 23.66 ? 97  LEU A N     1 
ATOM   755  C CA    . LEU A 1 97  ? -11.627 -7.005  -0.145  1.00 24.93 ? 97  LEU A CA    1 
ATOM   756  C C     . LEU A 1 97  ? -12.549 -6.933  -1.358  1.00 24.75 ? 97  LEU A C     1 
ATOM   757  O O     . LEU A 1 97  ? -12.962 -7.960  -1.887  1.00 24.83 ? 97  LEU A O     1 
ATOM   758  C CB    . LEU A 1 97  ? -12.479 -6.968  1.123   1.00 26.31 ? 97  LEU A CB    1 
ATOM   759  C CG    . LEU A 1 97  ? -11.797 -7.459  2.395   1.00 27.42 ? 97  LEU A CG    1 
ATOM   760  C CD1   . LEU A 1 97  ? -12.642 -7.108  3.610   1.00 28.68 ? 97  LEU A CD1   1 
ATOM   761  C CD2   . LEU A 1 97  ? -11.546 -8.960  2.315   1.00 27.78 ? 97  LEU A CD2   1 
ATOM   762  N N     . ASP A 1 98  ? -12.859 -5.723  -1.807  1.00 25.17 ? 98  ASP A N     1 
ATOM   763  C CA    . ASP A 1 98  ? -13.852 -5.534  -2.866  1.00 25.79 ? 98  ASP A CA    1 
ATOM   764  C C     . ASP A 1 98  ? -13.320 -5.783  -4.290  1.00 25.62 ? 98  ASP A C     1 
ATOM   765  O O     . ASP A 1 98  ? -13.999 -5.477  -5.268  1.00 25.96 ? 98  ASP A O     1 
ATOM   766  C CB    . ASP A 1 98  ? -14.465 -4.134  -2.759  1.00 26.23 ? 98  ASP A CB    1 
ATOM   767  C CG    . ASP A 1 98  ? -15.776 -4.004  -3.527  1.00 26.93 ? 98  ASP A CG    1 
ATOM   768  O OD1   . ASP A 1 98  ? -16.573 -4.966  -3.542  1.00 27.82 ? 98  ASP A OD1   1 
ATOM   769  O OD2   . ASP A 1 98  ? -16.007 -2.944  -4.126  1.00 26.98 ? 98  ASP A OD2   1 
ATOM   770  N N     . MET A 1 99  ? -12.119 -6.341  -4.411  1.00 25.00 ? 99  MET A N     1 
ATOM   771  C CA    . MET A 1 99  ? -11.569 -6.706  -5.715  1.00 25.11 ? 99  MET A CA    1 
ATOM   772  C C     . MET A 1 99  ? -10.952 -8.089  -5.646  1.00 23.51 ? 99  MET A C     1 
ATOM   773  O O     . MET A 1 99  ? -10.470 -8.518  -4.598  1.00 22.76 ? 99  MET A O     1 
ATOM   774  C CB    . MET A 1 99  ? -10.508 -5.702  -6.154  1.00 26.04 ? 99  MET A CB    1 
ATOM   775  C CG    . MET A 1 99  ? -11.029 -4.286  -6.349  1.00 27.18 ? 99  MET A CG    1 
ATOM   776  S SD    . MET A 1 99  ? -9.768  -3.043  -6.711  1.00 29.32 ? 99  MET A SD    1 
ATOM   777  C CE    . MET A 1 99  ? -8.267  -3.853  -6.201  1.00 29.38 ? 99  MET A CE    1 
ATOM   778  N N     . ASN A 1 100 ? -10.949 -8.774  -6.782  1.00 22.38 ? 100 ASN A N     1 
ATOM   779  C CA    . ASN A 1 100 ? -10.428 -10.126 -6.856  1.00 22.15 ? 100 ASN A CA    1 
ATOM   780  C C     . ASN A 1 100 ? -8.900  -10.174 -6.841  1.00 21.65 ? 100 ASN A C     1 
ATOM   781  O O     . ASN A 1 100 ? -8.243  -9.228  -7.274  1.00 21.78 ? 100 ASN A O     1 
ATOM   782  C CB    . ASN A 1 100 ? -10.949 -10.817 -8.111  1.00 22.13 ? 100 ASN A CB    1 
ATOM   783  C CG    . ASN A 1 100 ? -12.450 -11.025 -8.074  1.00 22.19 ? 100 ASN A CG    1 
ATOM   784  O OD1   . ASN A 1 100 ? -13.002 -11.392 -7.037  1.00 23.17 ? 100 ASN A OD1   1 
ATOM   785  N ND2   . ASN A 1 100 ? -13.119 -10.788 -9.195  1.00 21.66 ? 100 ASN A ND2   1 
ATOM   786  N N     . PRO A 1 101 ? -8.332  -11.283 -6.340  1.00 22.16 ? 101 PRO A N     1 
ATOM   787  C CA    . PRO A 1 101 ? -6.898  -11.522 -6.478  1.00 22.08 ? 101 PRO A CA    1 
ATOM   788  C C     . PRO A 1 101 ? -6.470  -11.367 -7.930  1.00 22.72 ? 101 PRO A C     1 
ATOM   789  O O     . PRO A 1 101 ? -7.098  -11.943 -8.822  1.00 23.15 ? 101 PRO A O     1 
ATOM   790  C CB    . PRO A 1 101 ? -6.733  -12.968 -6.004  1.00 21.92 ? 101 PRO A CB    1 
ATOM   791  C CG    . PRO A 1 101 ? -7.869  -13.194 -5.070  1.00 21.94 ? 101 PRO A CG    1 
ATOM   792  C CD    . PRO A 1 101 ? -9.007  -12.380 -5.618  1.00 21.97 ? 101 PRO A CD    1 
ATOM   793  N N     . GLY A 1 102 ? -5.426  -10.579 -8.169  1.00 21.57 ? 102 GLY A N     1 
ATOM   794  C CA    . GLY A 1 102 ? -4.994  -10.288 -9.530  1.00 21.20 ? 102 GLY A CA    1 
ATOM   795  C C     . GLY A 1 102 ? -5.509  -8.967  -10.071 1.00 21.32 ? 102 GLY A C     1 
ATOM   796  O O     . GLY A 1 102 ? -5.059  -8.514  -11.122 1.00 21.02 ? 102 GLY A O     1 
ATOM   797  N N     . VAL A 1 103 ? -6.454  -8.350  -9.363  1.00 20.63 ? 103 VAL A N     1 
ATOM   798  C CA    . VAL A 1 103 ? -6.949  -7.039  -9.734  1.00 20.95 ? 103 VAL A CA    1 
ATOM   799  C C     . VAL A 1 103 ? -6.259  -6.006  -8.856  1.00 21.11 ? 103 VAL A C     1 
ATOM   800  O O     . VAL A 1 103 ? -6.085  -6.199  -7.653  1.00 20.10 ? 103 VAL A O     1 
ATOM   801  C CB    . VAL A 1 103 ? -8.481  -6.935  -9.602  1.00 21.69 ? 103 VAL A CB    1 
ATOM   802  C CG1   . VAL A 1 103 ? -8.962  -5.535  -9.968  1.00 22.15 ? 103 VAL A CG1   1 
ATOM   803  C CG2   . VAL A 1 103 ? -9.152  -7.973  -10.495 1.00 22.01 ? 103 VAL A CG2   1 
ATOM   804  N N     . ILE A 1 104 ? -5.853  -4.914  -9.482  1.00 21.44 ? 104 ILE A N     1 
ATOM   805  C CA    . ILE A 1 104 ? -5.143  -3.859  -8.793  1.00 22.54 ? 104 ILE A CA    1 
ATOM   806  C C     . ILE A 1 104 ? -5.570  -2.538  -9.413  1.00 22.60 ? 104 ILE A C     1 
ATOM   807  O O     . ILE A 1 104 ? -5.548  -2.384  -10.637 1.00 22.53 ? 104 ILE A O     1 
ATOM   808  C CB    . ILE A 1 104 ? -3.621  -4.091  -8.891  1.00 23.65 ? 104 ILE A CB    1 
ATOM   809  C CG1   . ILE A 1 104 ? -2.856  -3.153  -7.963  1.00 24.66 ? 104 ILE A CG1   1 
ATOM   810  C CG2   . ILE A 1 104 ? -3.133  -3.986  -10.339 1.00 23.65 ? 104 ILE A CG2   1 
ATOM   811  C CD1   . ILE A 1 104 ? -1.488  -3.703  -7.596  1.00 25.72 ? 104 ILE A CD1   1 
ATOM   812  N N     . ARG A 1 105 ? -5.999  -1.601  -8.574  1.00 22.28 ? 105 ARG A N     1 
ATOM   813  C CA    . ARG A 1 105 ? -6.467  -0.319  -9.064  1.00 23.02 ? 105 ARG A CA    1 
ATOM   814  C C     . ARG A 1 105 ? -5.976  0.839   -8.212  1.00 21.95 ? 105 ARG A C     1 
ATOM   815  O O     . ARG A 1 105 ? -5.913  0.742   -6.985  1.00 20.53 ? 105 ARG A O     1 
ATOM   816  C CB    . ARG A 1 105 ? -7.990  -0.298  -9.125  1.00 25.67 ? 105 ARG A CB    1 
ATOM   817  C CG    . ARG A 1 105 ? -8.577  -1.431  -9.961  1.00 28.23 ? 105 ARG A CG    1 
ATOM   818  C CD    . ARG A 1 105 ? -9.715  -0.978  -10.853 1.00 31.53 ? 105 ARG A CD    1 
ATOM   819  N NE    . ARG A 1 105 ? -11.012 -1.059  -10.201 1.00 34.39 ? 105 ARG A NE    1 
ATOM   820  C CZ    . ARG A 1 105 ? -11.886 -2.062  -10.330 1.00 35.06 ? 105 ARG A CZ    1 
ATOM   821  N NH1   . ARG A 1 105 ? -13.041 -1.991  -9.686  1.00 35.83 ? 105 ARG A NH1   1 
ATOM   822  N NH2   . ARG A 1 105 ? -11.627 -3.126  -11.089 1.00 36.45 ? 105 ARG A NH2   1 
ATOM   823  N N     . LEU A 1 106 ? -5.645  1.936   -8.890  1.00 21.21 ? 106 LEU A N     1 
ATOM   824  C CA    . LEU A 1 106 ? -5.301  3.187   -8.242  1.00 22.09 ? 106 LEU A CA    1 
ATOM   825  C C     . LEU A 1 106 ? -6.577  3.984   -7.984  1.00 22.34 ? 106 LEU A C     1 
ATOM   826  O O     . LEU A 1 106 ? -7.431  4.089   -8.868  1.00 22.98 ? 106 LEU A O     1 
ATOM   827  C CB    . LEU A 1 106 ? -4.359  3.981   -9.143  1.00 23.14 ? 106 LEU A CB    1 
ATOM   828  C CG    . LEU A 1 106 ? -3.624  5.174   -8.549  1.00 24.77 ? 106 LEU A CG    1 
ATOM   829  C CD1   . LEU A 1 106 ? -2.560  4.689   -7.578  1.00 24.85 ? 106 LEU A CD1   1 
ATOM   830  C CD2   . LEU A 1 106 ? -2.993  5.992   -9.668  1.00 25.45 ? 106 LEU A CD2   1 
ATOM   831  N N     . LYS A 1 107 ? -6.704  4.534   -6.776  1.00 21.28 ? 107 LYS A N     1 
ATOM   832  C CA    . LYS A 1 107 ? -7.847  5.371   -6.410  1.00 21.39 ? 107 LYS A CA    1 
ATOM   833  C C     . LYS A 1 107 ? -7.331  6.635   -5.732  1.00 20.29 ? 107 LYS A C     1 
ATOM   834  O O     . LYS A 1 107 ? -6.369  6.583   -4.975  1.00 18.40 ? 107 LYS A O     1 
ATOM   835  C CB    . LYS A 1 107 ? -8.775  4.610   -5.461  1.00 22.63 ? 107 LYS A CB    1 
ATOM   836  C CG    . LYS A 1 107 ? -10.029 5.363   -5.026  1.00 24.53 ? 107 LYS A CG    1 
ATOM   837  C CD    . LYS A 1 107 ? -10.800 4.560   -3.989  1.00 26.24 ? 107 LYS A CD    1 
ATOM   838  C CE    . LYS A 1 107 ? -12.008 5.313   -3.443  1.00 28.53 ? 107 LYS A CE    1 
ATOM   839  N NZ    . LYS A 1 107 ? -12.232 4.953   -2.013  1.00 29.86 ? 107 LYS A NZ    1 
ATOM   840  N N     . THR A 1 108 ? -7.962  7.768   -6.018  1.00 20.29 ? 108 THR A N     1 
ATOM   841  C CA    . THR A 1 108 ? -7.688  9.002   -5.283  1.00 20.33 ? 108 THR A CA    1 
ATOM   842  C C     . THR A 1 108 ? -8.924  9.375   -4.474  1.00 20.74 ? 108 THR A C     1 
ATOM   843  O O     . THR A 1 108 ? -10.041 9.414   -5.002  1.00 20.15 ? 108 THR A O     1 
ATOM   844  C CB    . THR A 1 108 ? -7.294  10.145  -6.234  1.00 20.80 ? 108 THR A CB    1 
ATOM   845  O OG1   . THR A 1 108 ? -6.133  9.755   -6.988  1.00 20.96 ? 108 THR A OG1   1 
ATOM   846  C CG2   . THR A 1 108 ? -6.994  11.435  -5.464  1.00 20.94 ? 108 THR A CG2   1 
ATOM   847  N N     . GLY A 1 109 ? -8.729  9.631   -3.185  1.00 20.68 ? 109 GLY A N     1 
ATOM   848  C CA    . GLY A 1 109 ? -9.824  10.080  -2.331  1.00 20.63 ? 109 GLY A CA    1 
ATOM   849  C C     . GLY A 1 109 ? -10.746 8.969   -1.875  1.00 20.75 ? 109 GLY A C     1 
ATOM   850  O O     . GLY A 1 109 ? -10.474 7.786   -2.088  1.00 20.39 ? 109 GLY A O     1 
ATOM   851  N N     . GLY A 1 110 ? -11.842 9.364   -1.239  1.00 21.14 ? 110 GLY A N     1 
ATOM   852  C CA    . GLY A 1 110 ? -12.849 8.425   -0.759  1.00 21.24 ? 110 GLY A CA    1 
ATOM   853  C C     . GLY A 1 110 ? -12.559 7.942   0.648   1.00 21.21 ? 110 GLY A C     1 
ATOM   854  O O     . GLY A 1 110 ? -11.590 8.363   1.281   1.00 20.79 ? 110 GLY A O     1 
ATOM   855  N N     . GLY A 1 111 ? -13.409 7.051   1.135   1.00 21.73 ? 111 GLY A N     1 
ATOM   856  C CA    . GLY A 1 111 ? -13.324 6.570   2.507   1.00 22.48 ? 111 GLY A CA    1 
ATOM   857  C C     . GLY A 1 111 ? -12.408 5.375   2.690   1.00 23.34 ? 111 GLY A C     1 
ATOM   858  O O     . GLY A 1 111 ? -11.643 5.001   1.787   1.00 22.94 ? 111 GLY A O     1 
ATOM   859  N N     . HIS A 1 112 ? -12.491 4.775   3.872   1.00 23.96 ? 112 HIS A N     1 
ATOM   860  C CA    . HIS A 1 112 ? -11.673 3.609   4.199   1.00 25.03 ? 112 HIS A CA    1 
ATOM   861  C C     . HIS A 1 112 ? -12.260 2.304   3.648   1.00 25.38 ? 112 HIS A C     1 
ATOM   862  O O     . HIS A 1 112 ? -11.554 1.303   3.552   1.00 24.52 ? 112 HIS A O     1 
ATOM   863  C CB    . HIS A 1 112 ? -11.403 3.519   5.711   1.00 25.81 ? 112 HIS A CB    1 
ATOM   864  C CG    . HIS A 1 112 ? -12.622 3.647   6.571   1.00 26.29 ? 112 HIS A CG    1 
ATOM   865  N ND1   . HIS A 1 112 ? -13.546 2.638   6.703   1.00 27.00 ? 112 HIS A ND1   1 
ATOM   866  C CD2   . HIS A 1 112 ? -13.055 4.657   7.363   1.00 26.98 ? 112 HIS A CD2   1 
ATOM   867  C CE1   . HIS A 1 112 ? -14.504 3.020   7.530   1.00 26.95 ? 112 HIS A CE1   1 
ATOM   868  N NE2   . HIS A 1 112 ? -14.229 4.243   7.945   1.00 27.22 ? 112 HIS A NE2   1 
ATOM   869  N N     . GLY A 1 113 ? -13.543 2.317   3.280   1.00 25.89 ? 113 GLY A N     1 
ATOM   870  C CA    . GLY A 1 113 ? -14.198 1.143   2.698   1.00 25.74 ? 113 GLY A CA    1 
ATOM   871  C C     . GLY A 1 113 ? -14.210 -0.078  3.607   1.00 26.05 ? 113 GLY A C     1 
ATOM   872  O O     . GLY A 1 113 ? -14.186 -1.211  3.133   1.00 26.66 ? 113 GLY A O     1 
ATOM   873  N N     . GLY A 1 114 ? -14.271 0.161   4.914   1.00 25.41 ? 114 GLY A N     1 
ATOM   874  C CA    . GLY A 1 114 ? -14.132 -0.888  5.929   1.00 25.04 ? 114 GLY A CA    1 
ATOM   875  C C     . GLY A 1 114 ? -12.707 -1.242  6.360   1.00 24.08 ? 114 GLY A C     1 
ATOM   876  O O     . GLY A 1 114 ? -12.521 -1.971  7.331   1.00 23.95 ? 114 GLY A O     1 
ATOM   877  N N     . HIS A 1 115 ? -11.697 -0.738  5.651   1.00 22.64 ? 115 HIS A N     1 
ATOM   878  C CA    . HIS A 1 115 ? -10.302 -1.083  5.956   1.00 21.52 ? 115 HIS A CA    1 
ATOM   879  C C     . HIS A 1 115 ? -9.844  -0.354  7.219   1.00 21.08 ? 115 HIS A C     1 
ATOM   880  O O     . HIS A 1 115 ? -9.794  0.874   7.243   1.00 20.93 ? 115 HIS A O     1 
ATOM   881  C CB    . HIS A 1 115 ? -9.400  -0.728  4.771   1.00 20.57 ? 115 HIS A CB    1 
ATOM   882  C CG    . HIS A 1 115 ? -8.045  -1.359  4.835   1.00 19.92 ? 115 HIS A CG    1 
ATOM   883  N ND1   . HIS A 1 115 ? -7.042  -0.880  5.644   1.00 19.26 ? 115 HIS A ND1   1 
ATOM   884  C CD2   . HIS A 1 115 ? -7.531  -2.439  4.200   1.00 19.63 ? 115 HIS A CD2   1 
ATOM   885  C CE1   . HIS A 1 115 ? -5.966  -1.634  5.507   1.00 19.29 ? 115 HIS A CE1   1 
ATOM   886  N NE2   . HIS A 1 115 ? -6.235  -2.586  4.634   1.00 18.96 ? 115 HIS A NE2   1 
ATOM   887  N N     . ASN A 1 116 ? -9.517  -1.096  8.271   1.00 21.99 ? 116 ASN A N     1 
ATOM   888  C CA    . ASN A 1 116 ? -9.216  -0.446  9.555   1.00 23.09 ? 116 ASN A CA    1 
ATOM   889  C C     . ASN A 1 116 ? -7.814  0.173   9.639   1.00 21.81 ? 116 ASN A C     1 
ATOM   890  O O     . ASN A 1 116 ? -7.535  0.939   10.556  1.00 21.45 ? 116 ASN A O     1 
ATOM   891  C CB    . ASN A 1 116 ? -9.495  -1.366  10.747  1.00 26.21 ? 116 ASN A CB    1 
ATOM   892  C CG    . ASN A 1 116 ? -10.975 -1.631  10.956  1.00 28.62 ? 116 ASN A CG    1 
ATOM   893  O OD1   . ASN A 1 116 ? -11.800 -0.737  10.809  1.00 31.21 ? 116 ASN A OD1   1 
ATOM   894  N ND2   . ASN A 1 116 ? -11.314 -2.867  11.314  1.00 31.26 ? 116 ASN A ND2   1 
ATOM   895  N N     . GLY A 1 117 ? -6.949  -0.135  8.675   1.00 19.79 ? 117 GLY A N     1 
ATOM   896  C CA    . GLY A 1 117 ? -5.721  0.636   8.479   1.00 19.07 ? 117 GLY A CA    1 
ATOM   897  C C     . GLY A 1 117 ? -6.033  2.043   7.997   1.00 18.15 ? 117 GLY A C     1 
ATOM   898  O O     . GLY A 1 117 ? -5.658  3.030   8.629   1.00 17.24 ? 117 GLY A O     1 
ATOM   899  N N     . LEU A 1 118 ? -6.737  2.137   6.874   1.00 17.59 ? 118 LEU A N     1 
ATOM   900  C CA    . LEU A 1 118 ? -7.156  3.422   6.338   1.00 17.73 ? 118 LEU A CA    1 
ATOM   901  C C     . LEU A 1 118 ? -8.016  4.181   7.344   1.00 18.34 ? 118 LEU A C     1 
ATOM   902  O O     . LEU A 1 118 ? -7.918  5.395   7.445   1.00 17.45 ? 118 LEU A O     1 
ATOM   903  C CB    . LEU A 1 118 ? -7.925  3.238   5.027   1.00 17.58 ? 118 LEU A CB    1 
ATOM   904  C CG    . LEU A 1 118 ? -7.158  2.599   3.868   1.00 17.35 ? 118 LEU A CG    1 
ATOM   905  C CD1   . LEU A 1 118 ? -8.081  2.456   2.661   1.00 17.34 ? 118 LEU A CD1   1 
ATOM   906  C CD2   . LEU A 1 118 ? -5.921  3.403   3.496   1.00 17.00 ? 118 LEU A CD2   1 
ATOM   907  N N     . ARG A 1 119 ? -8.838  3.456   8.102   1.00 19.44 ? 119 ARG A N     1 
ATOM   908  C CA    . ARG A 1 119 ? -9.721  4.084   9.088   1.00 21.27 ? 119 ARG A CA    1 
ATOM   909  C C     . ARG A 1 119 ? -8.931  4.854   10.147  1.00 20.54 ? 119 ARG A C     1 
ATOM   910  O O     . ARG A 1 119 ? -9.429  5.826   10.711  1.00 19.89 ? 119 ARG A O     1 
ATOM   911  C CB    . ARG A 1 119 ? -10.628 3.041   9.751   1.00 23.69 ? 119 ARG A CB    1 
ATOM   912  C CG    . ARG A 1 119 ? -11.490 3.610   10.871  1.00 26.64 ? 119 ARG A CG    1 
ATOM   913  C CD    . ARG A 1 119 ? -12.824 2.911   11.028  1.00 30.16 ? 119 ARG A CD    1 
ATOM   914  N NE    . ARG A 1 119 ? -12.706 1.594   11.631  1.00 33.93 ? 119 ARG A NE    1 
ATOM   915  C CZ    . ARG A 1 119 ? -13.670 0.988   12.330  1.00 36.80 ? 119 ARG A CZ    1 
ATOM   916  N NH1   . ARG A 1 119 ? -13.455 -0.224  12.832  1.00 38.17 ? 119 ARG A NH1   1 
ATOM   917  N NH2   . ARG A 1 119 ? -14.843 1.580   12.545  1.00 37.64 ? 119 ARG A NH2   1 
ATOM   918  N N     . ASP A 1 120 ? -7.702  4.435   10.371  1.00 19.51 ? 120 ASP A N     1 
ATOM   919  C CA    . ASP A 1 120 ? -6.857  5.080   11.362  1.00 18.89 ? 120 ASP A CA    1 
ATOM   920  C C     . ASP A 1 120 ? -6.057  6.256   10.821  1.00 18.11 ? 120 ASP A C     1 
ATOM   921  O O     . ASP A 1 120 ? -5.342  6.868   11.530  1.00 18.09 ? 120 ASP A O     1 
ATOM   922  C CB    . ASP A 1 120 ? -5.921  4.075   11.999  1.00 18.81 ? 120 ASP A CB    1 
ATOM   923  C CG    . ASP A 1 120 ? -5.344  4.574   13.321  1.00 19.16 ? 120 ASP A CG    1 
ATOM   924  O OD1   . ASP A 1 120 ? -6.119  4.940   14.164  1.00 19.77 ? 120 ASP A OD1   1 
ATOM   925  O OD2   . ASP A 1 120 ? -4.147  4.618   13.514  1.00 18.36 ? 120 ASP A OD2   1 
ATOM   926  N N     . ILE A 1 121 ? -6.136  6.463   9.524   1.00 17.42 ? 121 ILE A N     1 
ATOM   927  C CA    . ILE A 1 121 ? -5.377  7.471   8.835   1.00 17.04 ? 121 ILE A CA    1 
ATOM   928  C C     . ILE A 1 121 ? -6.222  8.611   8.314   1.00 17.04 ? 121 ILE A C     1 
ATOM   929  O O     . ILE A 1 121 ? -5.904  9.716   8.495   1.00 17.37 ? 121 ILE A O     1 
ATOM   930  C CB    . ILE A 1 121 ? -4.601  6.849   7.646   1.00 16.53 ? 121 ILE A CB    1 
ATOM   931  C CG1   . ILE A 1 121 ? -3.577  5.856   8.152   1.00 16.43 ? 121 ILE A CG1   1 
ATOM   932  C CG2   . ILE A 1 121 ? -3.894  7.898   6.830   1.00 16.33 ? 121 ILE A CG2   1 
ATOM   933  C CD1   . ILE A 1 121 ? -3.096  4.858   7.143   1.00 16.19 ? 121 ILE A CD1   1 
ATOM   934  N N     . VAL A 1 122 ? -7.344  8.278   7.725   1.00 17.31 ? 122 VAL A N     1 
ATOM   935  C CA    . VAL A 1 122 ? -8.184  9.265   7.086   1.00 17.51 ? 122 VAL A CA    1 
ATOM   936  C C     . VAL A 1 122 ? -8.638  10.400  8.037   1.00 17.68 ? 122 VAL A C     1 
ATOM   937  O O     . VAL A 1 122 ? -8.656  11.528  7.616   1.00 17.15 ? 122 VAL A O     1 
ATOM   938  C CB    . VAL A 1 122 ? -9.411  8.628   6.411   1.00 17.50 ? 122 VAL A CB    1 
ATOM   939  C CG1   . VAL A 1 122 ? -10.293 9.673   5.811   1.00 17.64 ? 122 VAL A CG1   1 
ATOM   940  C CG2   . VAL A 1 122 ? -8.992  7.657   5.338   1.00 17.47 ? 122 VAL A CG2   1 
ATOM   941  N N     . PRO A 1 123 ? -8.967  10.091  9.282   1.00 18.02 ? 123 PRO A N     1 
ATOM   942  C CA    . PRO A 1 123 ? -9.391  11.164  10.202  1.00 18.23 ? 123 PRO A CA    1 
ATOM   943  C C     . PRO A 1 123 ? -8.372  12.284  10.417  1.00 18.27 ? 123 PRO A C     1 
ATOM   944  O O     . PRO A 1 123 ? -8.747  13.393  10.808  1.00 18.33 ? 123 PRO A O     1 
ATOM   945  C CB    . PRO A 1 123 ? -9.615  10.423  11.522  1.00 18.24 ? 123 PRO A CB    1 
ATOM   946  C CG    . PRO A 1 123 ? -9.891  9.009   11.133  1.00 18.59 ? 123 PRO A CG    1 
ATOM   947  C CD    . PRO A 1 123 ? -9.036  8.765   9.921   1.00 18.23 ? 123 PRO A CD    1 
ATOM   948  N N     . HIS A 1 124 ? -7.097  11.995  10.168  1.00 17.92 ? 124 HIS A N     1 
ATOM   949  C CA    . HIS A 1 124 ? -6.015  12.883  10.568  1.00 18.08 ? 124 HIS A CA    1 
ATOM   950  C C     . HIS A 1 124 ? -5.424  13.672  9.419   1.00 18.55 ? 124 HIS A C     1 
ATOM   951  O O     . HIS A 1 124 ? -5.149  14.864  9.563   1.00 18.69 ? 124 HIS A O     1 
ATOM   952  C CB    . HIS A 1 124 ? -4.939  12.052  11.259  1.00 18.20 ? 124 HIS A CB    1 
ATOM   953  C CG    . HIS A 1 124 ? -5.466  11.268  12.410  1.00 17.75 ? 124 HIS A CG    1 
ATOM   954  N ND1   . HIS A 1 124 ? -5.947  11.869  13.552  1.00 17.84 ? 124 HIS A ND1   1 
ATOM   955  C CD2   . HIS A 1 124 ? -5.620  9.937   12.590  1.00 17.77 ? 124 HIS A CD2   1 
ATOM   956  C CE1   . HIS A 1 124 ? -6.371  10.940  14.387  1.00 17.87 ? 124 HIS A CE1   1 
ATOM   957  N NE2   . HIS A 1 124 ? -6.184  9.759   13.829  1.00 17.91 ? 124 HIS A NE2   1 
ATOM   958  N N     . ILE A 1 125 ? -5.221  13.016  8.282   1.00 18.57 ? 125 ILE A N     1 
ATOM   959  C CA    . ILE A 1 125 ? -4.683  13.695  7.106   1.00 18.59 ? 125 ILE A CA    1 
ATOM   960  C C     . ILE A 1 125 ? -5.747  13.936  6.033   1.00 18.60 ? 125 ILE A C     1 
ATOM   961  O O     . ILE A 1 125 ? -5.453  14.508  4.991   1.00 18.65 ? 125 ILE A O     1 
ATOM   962  C CB    . ILE A 1 125 ? -3.479  12.939  6.507   1.00 18.96 ? 125 ILE A CB    1 
ATOM   963  C CG1   . ILE A 1 125 ? -3.880  11.552  5.987   1.00 18.81 ? 125 ILE A CG1   1 
ATOM   964  C CG2   . ILE A 1 125 ? -2.366  12.824  7.538   1.00 19.13 ? 125 ILE A CG2   1 
ATOM   965  C CD1   . ILE A 1 125 ? -2.816  10.917  5.123   1.00 18.96 ? 125 ILE A CD1   1 
ATOM   966  N N     . GLY A 1 126 ? -6.982  13.523  6.301   1.00 18.34 ? 126 GLY A N     1 
ATOM   967  C CA    . GLY A 1 126 ? -8.059  13.648  5.326   1.00 18.28 ? 126 GLY A CA    1 
ATOM   968  C C     . GLY A 1 126 ? -8.002  12.537  4.291   1.00 18.25 ? 126 GLY A C     1 
ATOM   969  O O     . GLY A 1 126 ? -7.112  11.672  4.338   1.00 18.25 ? 126 GLY A O     1 
ATOM   970  N N     . PRO A 1 127 ? -8.956  12.537  3.372   1.00 18.01 ? 127 PRO A N     1 
ATOM   971  C CA    . PRO A 1 127 ? -9.125  11.451  2.408   1.00 18.17 ? 127 PRO A CA    1 
ATOM   972  C C     . PRO A 1 127 ? -8.324  11.581  1.114   1.00 17.78 ? 127 PRO A C     1 
ATOM   973  O O     . PRO A 1 127 ? -8.282  10.677  0.350   1.00 17.72 ? 127 PRO A O     1 
ATOM   974  C CB    . PRO A 1 127 ? -10.606 11.533  2.059   1.00 18.09 ? 127 PRO A CB    1 
ATOM   975  C CG    . PRO A 1 127 ? -10.879 12.970  2.124   1.00 18.37 ? 127 PRO A CG    1 
ATOM   976  C CD    . PRO A 1 127 ? -9.991  13.559  3.204   1.00 18.26 ? 127 PRO A CD    1 
ATOM   977  N N     . ASN A 1 128 ? -7.652  12.689  0.923   1.00 17.83 ? 128 ASN A N     1 
ATOM   978  C CA    . ASN A 1 128 ? -7.209  13.045  -0.391  1.00 18.16 ? 128 ASN A CA    1 
ATOM   979  C C     . ASN A 1 128 ? -5.869  12.439  -0.814  1.00 17.78 ? 128 ASN A C     1 
ATOM   980  O O     . ASN A 1 128 ? -5.206  12.978  -1.611  1.00 18.61 ? 128 ASN A O     1 
ATOM   981  C CB    . ASN A 1 128 ? -7.284  14.544  -0.643  1.00 18.76 ? 128 ASN A CB    1 
ATOM   982  C CG    . ASN A 1 128 ? -8.703  15.057  -0.611  1.00 19.73 ? 128 ASN A CG    1 
ATOM   983  O OD1   . ASN A 1 128 ? -9.540  14.539  -1.262  1.00 20.27 ? 128 ASN A OD1   1 
ATOM   984  N ND2   . ASN A 1 128 ? -8.934  16.074  0.150   1.00 20.87 ? 128 ASN A ND2   1 
ATOM   985  N N     . PHE A 1 129 ? -5.443  11.381  -0.175  1.00 16.61 ? 129 PHE A N     1 
ATOM   986  C CA    . PHE A 1 129 ? -4.266  10.644  -0.622  1.00 15.99 ? 129 PHE A CA    1 
ATOM   987  C C     . PHE A 1 129 ? -4.638  9.575   -1.638  1.00 15.88 ? 129 PHE A C     1 
ATOM   988  O O     . PHE A 1 129 ? -5.771  9.267   -1.768  1.00 14.97 ? 129 PHE A O     1 
ATOM   989  C CB    . PHE A 1 129 ? -3.532  10.033  0.566   1.00 15.69 ? 129 PHE A CB    1 
ATOM   990  C CG    . PHE A 1 129 ? -4.394  9.151   1.400   1.00 15.69 ? 129 PHE A CG    1 
ATOM   991  C CD1   . PHE A 1 129 ? -4.507  7.800   1.116   1.00 15.67 ? 129 PHE A CD1   1 
ATOM   992  C CD2   . PHE A 1 129 ? -5.095  9.660   2.470   1.00 15.85 ? 129 PHE A CD2   1 
ATOM   993  C CE1   . PHE A 1 129 ? -5.304  7.005   1.876   1.00 15.82 ? 129 PHE A CE1   1 
ATOM   994  C CE2   . PHE A 1 129 ? -5.878  8.851   3.242   1.00 15.65 ? 129 PHE A CE2   1 
ATOM   995  C CZ    . PHE A 1 129 ? -6.001  7.534   2.941   1.00 15.76 ? 129 PHE A CZ    1 
ATOM   996  N N     . HIS A 1 130 ? -3.638  9.038   -2.331  1.00 15.50 ? 130 HIS A N     1 
ATOM   997  C CA    . HIS A 1 130 ? -3.858  8.026   -3.348  1.00 15.80 ? 130 HIS A CA    1 
ATOM   998  C C     . HIS A 1 130 ? -3.725  6.652   -2.727  1.00 15.20 ? 130 HIS A C     1 
ATOM   999  O O     . HIS A 1 130 ? -3.003  6.469   -1.742  1.00 14.57 ? 130 HIS A O     1 
ATOM   1000 C CB    . HIS A 1 130 ? -2.872  8.228   -4.493  1.00 16.33 ? 130 HIS A CB    1 
ATOM   1001 C CG    . HIS A 1 130 ? -2.820  9.644   -4.966  1.00 17.42 ? 130 HIS A CG    1 
ATOM   1002 N ND1   . HIS A 1 130 ? -3.753  10.171  -5.832  1.00 18.19 ? 130 HIS A ND1   1 
ATOM   1003 C CD2   . HIS A 1 130 ? -1.982  10.659  -4.654  1.00 18.02 ? 130 HIS A CD2   1 
ATOM   1004 C CE1   . HIS A 1 130 ? -3.478  11.445  -6.053  1.00 18.58 ? 130 HIS A CE1   1 
ATOM   1005 N NE2   . HIS A 1 130 ? -2.410  11.767  -5.348  1.00 18.73 ? 130 HIS A NE2   1 
ATOM   1006 N N     . ARG A 1 131 ? -4.445  5.689   -3.287  1.00 14.94 ? 131 ARG A N     1 
ATOM   1007 C CA    . ARG A 1 131 ? -4.407  4.334   -2.785  1.00 15.01 ? 131 ARG A CA    1 
ATOM   1008 C C     . ARG A 1 131 ? -4.122  3.365   -3.920  1.00 15.48 ? 131 ARG A C     1 
ATOM   1009 O O     . ARG A 1 131 ? -4.669  3.499   -5.011  1.00 15.24 ? 131 ARG A O     1 
ATOM   1010 C CB    . ARG A 1 131 ? -5.720  3.961   -2.098  1.00 15.21 ? 131 ARG A CB    1 
ATOM   1011 C CG    . ARG A 1 131 ? -6.201  4.959   -1.057  1.00 15.51 ? 131 ARG A CG    1 
ATOM   1012 C CD    . ARG A 1 131 ? -7.137  5.982   -1.665  1.00 15.58 ? 131 ARG A CD    1 
ATOM   1013 N NE    . ARG A 1 131 ? -7.554  7.014   -0.714  1.00 16.03 ? 131 ARG A NE    1 
ATOM   1014 C CZ    . ARG A 1 131 ? -8.534  6.886   0.176   1.00 15.93 ? 131 ARG A CZ    1 
ATOM   1015 N NH1   . ARG A 1 131 ? -9.225  5.756   0.278   1.00 16.10 ? 131 ARG A NH1   1 
ATOM   1016 N NH2   . ARG A 1 131 ? -8.835  7.910   0.964   1.00 16.48 ? 131 ARG A NH2   1 
ATOM   1017 N N     . LEU A 1 132 ? -3.245  2.402   -3.654  1.00 15.58 ? 132 LEU A N     1 
ATOM   1018 C CA    . LEU A 1 132 ? -3.029  1.292   -4.560  1.00 16.06 ? 132 LEU A CA    1 
ATOM   1019 C C     . LEU A 1 132 ? -3.773  0.120   -3.958  1.00 16.22 ? 132 LEU A C     1 
ATOM   1020 O O     . LEU A 1 132 ? -3.318  -0.493  -2.992  1.00 15.88 ? 132 LEU A O     1 
ATOM   1021 C CB    . LEU A 1 132 ? -1.534  0.983   -4.737  1.00 16.38 ? 132 LEU A CB    1 
ATOM   1022 C CG    . LEU A 1 132 ? -1.231  -0.046  -5.830  1.00 16.76 ? 132 LEU A CG    1 
ATOM   1023 C CD1   . LEU A 1 132 ? -1.619  0.488   -7.199  1.00 17.25 ? 132 LEU A CD1   1 
ATOM   1024 C CD2   . LEU A 1 132 ? 0.237   -0.446  -5.802  1.00 17.10 ? 132 LEU A CD2   1 
ATOM   1025 N N     . ARG A 1 133 ? -4.947  -0.155  -4.516  1.00 16.70 ? 133 ARG A N     1 
ATOM   1026 C CA    . ARG A 1 133 ? -5.853  -1.161  -3.982  1.00 17.55 ? 133 ARG A CA    1 
ATOM   1027 C C     . ARG A 1 133 ? -5.506  -2.523  -4.566  1.00 17.32 ? 133 ARG A C     1 
ATOM   1028 O O     . ARG A 1 133 ? -5.667  -2.760  -5.766  1.00 17.08 ? 133 ARG A O     1 
ATOM   1029 C CB    . ARG A 1 133 ? -7.298  -0.774  -4.296  1.00 18.78 ? 133 ARG A CB    1 
ATOM   1030 C CG    . ARG A 1 133 ? -7.660  0.617   -3.784  1.00 19.67 ? 133 ARG A CG    1 
ATOM   1031 C CD    . ARG A 1 133 ? -8.997  1.094   -4.321  1.00 21.05 ? 133 ARG A CD    1 
ATOM   1032 N NE    . ARG A 1 133 ? -10.121 0.446   -3.651  1.00 22.92 ? 133 ARG A NE    1 
ATOM   1033 C CZ    . ARG A 1 133 ? -11.384 0.492   -4.076  1.00 24.36 ? 133 ARG A CZ    1 
ATOM   1034 N NH1   . ARG A 1 133 ? -11.705 1.162   -5.181  1.00 25.21 ? 133 ARG A NH1   1 
ATOM   1035 N NH2   . ARG A 1 133 ? -12.332 -0.130  -3.390  1.00 24.62 ? 133 ARG A NH2   1 
ATOM   1036 N N     . ILE A 1 134 ? -5.003  -3.405  -3.714  1.00 16.73 ? 134 ILE A N     1 
ATOM   1037 C CA    . ILE A 1 134 ? -4.533  -4.712  -4.150  1.00 17.02 ? 134 ILE A CA    1 
ATOM   1038 C C     . ILE A 1 134 ? -5.608  -5.728  -3.795  1.00 17.40 ? 134 ILE A C     1 
ATOM   1039 O O     . ILE A 1 134 ? -5.815  -6.039  -2.621  1.00 17.92 ? 134 ILE A O     1 
ATOM   1040 C CB    . ILE A 1 134 ? -3.190  -5.069  -3.477  1.00 16.85 ? 134 ILE A CB    1 
ATOM   1041 C CG1   . ILE A 1 134 ? -2.154  -3.975  -3.761  1.00 16.54 ? 134 ILE A CG1   1 
ATOM   1042 C CG2   . ILE A 1 134 ? -2.667  -6.410  -3.979  1.00 16.82 ? 134 ILE A CG2   1 
ATOM   1043 C CD1   . ILE A 1 134 ? -0.931  -4.037  -2.876  1.00 16.51 ? 134 ILE A CD1   1 
ATOM   1044 N N     . GLY A 1 135 ? -6.303  -6.238  -4.812  1.00 18.15 ? 135 GLY A N     1 
ATOM   1045 C CA    . GLY A 1 135 ? -7.429  -7.141  -4.582  1.00 18.15 ? 135 GLY A CA    1 
ATOM   1046 C C     . GLY A 1 135 ? -6.999  -8.404  -3.861  1.00 19.01 ? 135 GLY A C     1 
ATOM   1047 O O     . GLY A 1 135 ? -6.023  -9.032  -4.252  1.00 19.11 ? 135 GLY A O     1 
ATOM   1048 N N     . ILE A 1 136 ? -7.713  -8.757  -2.796  1.00 20.34 ? 136 ILE A N     1 
ATOM   1049 C CA    . ILE A 1 136 ? -7.464  -10.004 -2.066  1.00 21.89 ? 136 ILE A CA    1 
ATOM   1050 C C     . ILE A 1 136 ? -8.699  -10.919 -2.036  1.00 24.25 ? 136 ILE A C     1 
ATOM   1051 O O     . ILE A 1 136 ? -8.675  -11.995 -1.421  1.00 25.05 ? 136 ILE A O     1 
ATOM   1052 C CB    . ILE A 1 136 ? -6.960  -9.731  -0.626  1.00 21.70 ? 136 ILE A CB    1 
ATOM   1053 C CG1   . ILE A 1 136 ? -7.976  -8.926  0.188   1.00 21.69 ? 136 ILE A CG1   1 
ATOM   1054 C CG2   . ILE A 1 136 ? -5.627  -8.993  -0.658  1.00 21.34 ? 136 ILE A CG2   1 
ATOM   1055 C CD1   . ILE A 1 136 ? -7.812  -9.120  1.677   1.00 21.72 ? 136 ILE A CD1   1 
ATOM   1056 N N     . GLY A 1 137 ? -9.768  -10.491 -2.701  1.00 26.59 ? 137 GLY A N     1 
ATOM   1057 C CA    . GLY A 1 137 ? -11.020 -11.236 -2.728  1.00 29.53 ? 137 GLY A CA    1 
ATOM   1058 C C     . GLY A 1 137 ? -11.762 -11.146 -1.408  1.00 33.23 ? 137 GLY A C     1 
ATOM   1059 O O     . GLY A 1 137 ? -11.238 -10.631 -0.419  1.00 30.30 ? 137 GLY A O     1 
ATOM   1060 N N     . HIS A 1 138 ? -12.997 -11.638 -1.400  1.00 38.00 ? 138 HIS A N     1 
ATOM   1061 C CA    . HIS A 1 138 ? -13.799 -11.658 -0.188  1.00 42.63 ? 138 HIS A CA    1 
ATOM   1062 C C     . HIS A 1 138 ? -14.014 -13.104 0.247   1.00 45.28 ? 138 HIS A C     1 
ATOM   1063 O O     . HIS A 1 138 ? -14.106 -13.990 -0.601  1.00 45.20 ? 138 HIS A O     1 
ATOM   1064 C CB    . HIS A 1 138 ? -15.137 -10.959 -0.425  1.00 45.25 ? 138 HIS A CB    1 
ATOM   1065 C CG    . HIS A 1 138 ? -15.854 -10.598 0.838   1.00 48.23 ? 138 HIS A CG    1 
ATOM   1066 N ND1   . HIS A 1 138 ? -16.813 -11.408 1.406   1.00 50.48 ? 138 HIS A ND1   1 
ATOM   1067 C CD2   . HIS A 1 138 ? -15.729 -9.529  1.658   1.00 49.23 ? 138 HIS A CD2   1 
ATOM   1068 C CE1   . HIS A 1 138 ? -17.257 -10.847 2.517   1.00 50.73 ? 138 HIS A CE1   1 
ATOM   1069 N NE2   . HIS A 1 138 ? -16.613 -9.707  2.694   1.00 50.69 ? 138 HIS A NE2   1 
ATOM   1070 N N     . PRO A 1 139 ? -14.085 -13.357 1.569   1.00 49.68 ? 139 PRO A N     1 
ATOM   1071 C CA    . PRO A 1 139 ? -14.343 -14.728 2.020   1.00 52.75 ? 139 PRO A CA    1 
ATOM   1072 C C     . PRO A 1 139 ? -15.765 -15.198 1.725   1.00 56.07 ? 139 PRO A C     1 
ATOM   1073 O O     . PRO A 1 139 ? -16.587 -14.428 1.220   1.00 55.13 ? 139 PRO A O     1 
ATOM   1074 C CB    . PRO A 1 139 ? -14.122 -14.647 3.533   1.00 51.87 ? 139 PRO A CB    1 
ATOM   1075 C CG    . PRO A 1 139 ? -14.380 -13.225 3.876   1.00 51.34 ? 139 PRO A CG    1 
ATOM   1076 C CD    . PRO A 1 139 ? -13.876 -12.442 2.705   1.00 50.36 ? 139 PRO A CD    1 
ATOM   1077 N N     . GLY A 1 140 ? -16.043 -16.461 2.040   1.00 61.64 ? 140 GLY A N     1 
ATOM   1078 C CA    . GLY A 1 140 ? -17.378 -17.024 1.874   1.00 66.44 ? 140 GLY A CA    1 
ATOM   1079 C C     . GLY A 1 140 ? -18.394 -16.337 2.769   1.00 70.38 ? 140 GLY A C     1 
ATOM   1080 O O     . GLY A 1 140 ? -19.384 -15.781 2.288   1.00 71.23 ? 140 GLY A O     1 
ATOM   1081 N N     . SER A 1 141 ? -18.135 -16.363 4.074   1.00 74.62 ? 141 SER A N     1 
ATOM   1082 C CA    . SER A 1 141 ? -19.033 -15.752 5.053   1.00 76.87 ? 141 SER A CA    1 
ATOM   1083 C C     . SER A 1 141 ? -18.658 -14.294 5.314   1.00 79.14 ? 141 SER A C     1 
ATOM   1084 O O     . SER A 1 141 ? -17.477 -13.947 5.377   1.00 79.68 ? 141 SER A O     1 
ATOM   1085 C CB    . SER A 1 141 ? -19.012 -16.541 6.366   1.00 77.08 ? 141 SER A CB    1 
ATOM   1086 O OG    . SER A 1 141 ? -19.557 -17.837 6.188   1.00 76.33 ? 141 SER A OG    1 
ATOM   1087 N N     . LYS A 1 142 ? -19.680 -13.454 5.470   1.00 81.87 ? 142 LYS A N     1 
ATOM   1088 C CA    . LYS A 1 142 ? -19.509 -12.044 5.840   1.00 83.26 ? 142 LYS A CA    1 
ATOM   1089 C C     . LYS A 1 142 ? -18.850 -11.900 7.222   1.00 82.49 ? 142 LYS A C     1 
ATOM   1090 O O     . LYS A 1 142 ? -18.239 -10.873 7.520   1.00 82.04 ? 142 LYS A O     1 
ATOM   1091 C CB    . LYS A 1 142 ? -20.876 -11.340 5.828   1.00 85.10 ? 142 LYS A CB    1 
ATOM   1092 C CG    . LYS A 1 142 ? -20.850 -9.820  5.956   1.00 86.49 ? 142 LYS A CG    1 
ATOM   1093 C CD    . LYS A 1 142 ? -20.602 -9.123  4.624   1.00 87.18 ? 142 LYS A CD    1 
ATOM   1094 C CE    . LYS A 1 142 ? -20.908 -7.632  4.707   1.00 87.72 ? 142 LYS A CE    1 
ATOM   1095 N NZ    . LYS A 1 142 ? -22.370 -7.338  4.749   1.00 87.53 ? 142 LYS A NZ    1 
ATOM   1096 N N     . GLU A 1 143 ? -18.992 -12.938 8.051   1.00 81.67 ? 143 GLU A N     1 
ATOM   1097 C CA    . GLU A 1 143 ? -18.305 -13.039 9.345   1.00 80.90 ? 143 GLU A CA    1 
ATOM   1098 C C     . GLU A 1 143 ? -16.914 -13.722 9.228   1.00 77.93 ? 143 GLU A C     1 
ATOM   1099 O O     . GLU A 1 143 ? -16.143 -13.791 10.182  1.00 78.20 ? 143 GLU A O     1 
ATOM   1100 C CB    . GLU A 1 143 ? -19.180 -13.769 10.370  1.00 82.38 ? 143 GLU A CB    1 
ATOM   1101 C CG    . GLU A 1 143 ? -20.007 -12.852 11.265  1.00 84.21 ? 143 GLU A CG    1 
ATOM   1102 C CD    . GLU A 1 143 ? -19.213 -12.241 12.417  1.00 85.67 ? 143 GLU A CD    1 
ATOM   1103 O OE1   . GLU A 1 143 ? -18.690 -13.001 13.253  1.00 86.53 ? 143 GLU A OE1   1 
ATOM   1104 O OE2   . GLU A 1 143 ? -19.096 -11.000 12.492  1.00 86.92 ? 143 GLU A OE2   1 
ATOM   1105 N N     . ARG A 1 144 ? -16.540 -14.125 8.021   1.00 73.55 ? 144 ARG A N     1 
ATOM   1106 C CA    . ARG A 1 144 ? -15.255 -14.804 7.812   1.00 71.12 ? 144 ARG A CA    1 
ATOM   1107 C C     . ARG A 1 144 ? -14.056 -13.862 7.603   1.00 65.04 ? 144 ARG A C     1 
ATOM   1108 O O     . ARG A 1 144 ? -12.929 -14.315 7.399   1.00 64.05 ? 144 ARG A O     1 
ATOM   1109 C CB    . ARG A 1 144 ? -15.356 -15.784 6.640   1.00 73.07 ? 144 ARG A CB    1 
ATOM   1110 C CG    . ARG A 1 144 ? -15.986 -17.120 7.000   1.00 75.97 ? 144 ARG A CG    1 
ATOM   1111 C CD    . ARG A 1 144 ? -15.536 -17.590 8.375   1.00 77.85 ? 144 ARG A CD    1 
ATOM   1112 N NE    . ARG A 1 144 ? -14.280 -18.331 8.314   1.00 80.05 ? 144 ARG A NE    1 
ATOM   1113 C CZ    . ARG A 1 144 ? -13.294 -18.202 9.196   1.00 82.20 ? 144 ARG A CZ    1 
ATOM   1114 N NH1   . ARG A 1 144 ? -13.415 -17.357 10.211  1.00 83.45 ? 144 ARG A NH1   1 
ATOM   1115 N NH2   . ARG A 1 144 ? -12.185 -18.918 9.063   1.00 82.80 ? 144 ARG A NH2   1 
ATOM   1116 N N     . VAL A 1 145 ? -14.314 -12.559 7.637   1.00 58.97 ? 145 VAL A N     1 
ATOM   1117 C CA    . VAL A 1 145 ? -13.387 -11.529 7.161   1.00 56.08 ? 145 VAL A CA    1 
ATOM   1118 C C     . VAL A 1 145 ? -12.097 -11.388 7.901   1.00 52.98 ? 145 VAL A C     1 
ATOM   1119 O O     . VAL A 1 145 ? -11.097 -11.132 7.308   1.00 51.27 ? 145 VAL A O     1 
ATOM   1120 C CB    . VAL A 1 145 ? -14.083 -10.166 7.045   1.00 55.90 ? 145 VAL A CB    1 
ATOM   1121 C CG1   . VAL A 1 145 ? -13.139 -9.001  6.767   1.00 56.12 ? 145 VAL A CG1   1 
ATOM   1122 C CG2   . VAL A 1 145 ? -15.109 -10.257 5.940   1.00 56.62 ? 145 VAL A CG2   1 
ATOM   1123 N N     . SER A 1 146 ? -12.169 -11.468 9.215   1.00 49.93 ? 146 SER A N     1 
ATOM   1124 C CA    . SER A 1 146 ? -10.963 -11.486 10.036  1.00 46.79 ? 146 SER A CA    1 
ATOM   1125 C C     . SER A 1 146 ? -10.102 -12.695 9.686   1.00 43.82 ? 146 SER A C     1 
ATOM   1126 O O     . SER A 1 146 ? -8.885  -12.575 9.516   1.00 41.61 ? 146 SER A O     1 
ATOM   1127 C CB    . SER A 1 146 ? -11.324 -11.516 11.523  1.00 48.19 ? 146 SER A CB    1 
ATOM   1128 O OG    . SER A 1 146 ? -10.179 -11.280 12.321  1.00 49.96 ? 146 SER A OG    1 
ATOM   1129 N N     . GLY A 1 147 ? -10.744 -13.856 9.570   1.00 40.71 ? 147 GLY A N     1 
ATOM   1130 C CA    . GLY A 1 147 ? -10.059 -15.088 9.184   1.00 38.50 ? 147 GLY A CA    1 
ATOM   1131 C C     . GLY A 1 147 ? -9.489  -15.040 7.776   1.00 36.99 ? 147 GLY A C     1 
ATOM   1132 O O     . GLY A 1 147 ? -8.496  -15.709 7.476   1.00 37.48 ? 147 GLY A O     1 
ATOM   1133 N N     . HIS A 1 148 ? -10.121 -14.252 6.911   1.00 34.90 ? 148 HIS A N     1 
ATOM   1134 C CA    . HIS A 1 148 ? -9.657  -14.084 5.538   1.00 33.57 ? 148 HIS A CA    1 
ATOM   1135 C C     . HIS A 1 148 ? -8.446  -13.158 5.482   1.00 31.25 ? 148 HIS A C     1 
ATOM   1136 O O     . HIS A 1 148 ? -7.410  -13.541 4.950   1.00 30.13 ? 148 HIS A O     1 
ATOM   1137 C CB    . HIS A 1 148 ? -10.783 -13.536 4.664   1.00 33.58 ? 148 HIS A CB    1 
ATOM   1138 C CG    . HIS A 1 148 ? -10.448 -13.466 3.205   1.00 34.35 ? 148 HIS A CG    1 
ATOM   1139 N ND1   . HIS A 1 148 ? -10.339 -14.586 2.411   1.00 34.70 ? 148 HIS A ND1   1 
ATOM   1140 C CD2   . HIS A 1 148 ? -10.225 -12.406 2.392   1.00 34.74 ? 148 HIS A CD2   1 
ATOM   1141 C CE1   . HIS A 1 148 ? -10.052 -14.221 1.175   1.00 34.77 ? 148 HIS A CE1   1 
ATOM   1142 N NE2   . HIS A 1 148 ? -9.974  -12.903 1.137   1.00 34.54 ? 148 HIS A NE2   1 
ATOM   1143 N N     . VAL A 1 149 ? -8.565  -11.953 6.040   1.00 30.67 ? 149 VAL A N     1 
ATOM   1144 C CA    . VAL A 1 149 ? -7.479  -10.965 5.925   1.00 30.27 ? 149 VAL A CA    1 
ATOM   1145 C C     . VAL A 1 149 ? -6.251  -11.385 6.734   1.00 30.29 ? 149 VAL A C     1 
ATOM   1146 O O     . VAL A 1 149 ? -5.119  -11.133 6.326   1.00 30.13 ? 149 VAL A O     1 
ATOM   1147 C CB    . VAL A 1 149 ? -7.916  -9.512  6.269   1.00 30.18 ? 149 VAL A CB    1 
ATOM   1148 C CG1   . VAL A 1 149 ? -9.134  -9.108  5.445   1.00 30.25 ? 149 VAL A CG1   1 
ATOM   1149 C CG2   . VAL A 1 149 ? -8.178  -9.325  7.756   1.00 29.86 ? 149 VAL A CG2   1 
ATOM   1150 N N     . LEU A 1 150 ? -6.469  -12.054 7.864   1.00 30.29 ? 150 LEU A N     1 
ATOM   1151 C CA    . LEU A 1 150 ? -5.358  -12.571 8.662   1.00 31.34 ? 150 LEU A CA    1 
ATOM   1152 C C     . LEU A 1 150 ? -5.011  -14.006 8.291   1.00 32.27 ? 150 LEU A C     1 
ATOM   1153 O O     . LEU A 1 150 ? -4.263  -14.675 9.007   1.00 32.53 ? 150 LEU A O     1 
ATOM   1154 C CB    . LEU A 1 150 ? -5.672  -12.458 10.152  1.00 31.41 ? 150 LEU A CB    1 
ATOM   1155 C CG    . LEU A 1 150 ? -6.041  -11.044 10.599  1.00 31.69 ? 150 LEU A CG    1 
ATOM   1156 C CD1   . LEU A 1 150 ? -6.447  -11.044 12.065  1.00 32.02 ? 150 LEU A CD1   1 
ATOM   1157 C CD2   . LEU A 1 150 ? -4.891  -10.071 10.341  1.00 31.56 ? 150 LEU A CD2   1 
ATOM   1158 N N     . GLY A 1 151 ? -5.549  -14.467 7.165   1.00 33.41 ? 151 GLY A N     1 
ATOM   1159 C CA    . GLY A 1 151 ? -5.245  -15.787 6.634   1.00 34.68 ? 151 GLY A CA    1 
ATOM   1160 C C     . GLY A 1 151 ? -4.312  -15.708 5.444   1.00 35.49 ? 151 GLY A C     1 
ATOM   1161 O O     . GLY A 1 151 ? -4.157  -14.652 4.818   1.00 34.32 ? 151 GLY A O     1 
ATOM   1162 N N     . LYS A 1 152 ? -3.687  -16.841 5.142   1.00 36.61 ? 152 LYS A N     1 
ATOM   1163 C CA    . LYS A 1 152 ? -2.773  -16.972 4.015   1.00 37.81 ? 152 LYS A CA    1 
ATOM   1164 C C     . LYS A 1 152 ? -3.552  -17.474 2.795   1.00 37.51 ? 152 LYS A C     1 
ATOM   1165 O O     . LYS A 1 152 ? -4.294  -18.452 2.889   1.00 37.12 ? 152 LYS A O     1 
ATOM   1166 C CB    . LYS A 1 152 ? -1.649  -17.940 4.393   1.00 40.11 ? 152 LYS A CB    1 
ATOM   1167 C CG    . LYS A 1 152 ? -0.587  -18.172 3.331   1.00 42.31 ? 152 LYS A CG    1 
ATOM   1168 C CD    . LYS A 1 152 ? 0.584   -18.948 3.917   1.00 44.16 ? 152 LYS A CD    1 
ATOM   1169 C CE    . LYS A 1 152 ? 1.425   -19.623 2.842   1.00 46.21 ? 152 LYS A CE    1 
ATOM   1170 N NZ    . LYS A 1 152 ? 2.174   -18.649 2.000   1.00 46.98 ? 152 LYS A NZ    1 
ATOM   1171 N N     . ALA A 1 153 ? -3.392  -16.798 1.659   1.00 36.51 ? 153 ALA A N     1 
ATOM   1172 C CA    . ALA A 1 153 ? -4.122  -17.157 0.444   1.00 36.59 ? 153 ALA A CA    1 
ATOM   1173 C C     . ALA A 1 153 ? -3.609  -18.472 -0.138  1.00 37.33 ? 153 ALA A C     1 
ATOM   1174 O O     . ALA A 1 153 ? -2.450  -18.825 0.062   1.00 37.49 ? 153 ALA A O     1 
ATOM   1175 C CB    . ALA A 1 153 ? -4.012  -16.046 -0.593  1.00 36.36 ? 153 ALA A CB    1 
ATOM   1176 N N     . PRO A 1 154 ? -4.472  -19.208 -0.859  1.00 39.29 ? 154 PRO A N     1 
ATOM   1177 C CA    . PRO A 1 154 ? -3.973  -20.391 -1.561  1.00 40.33 ? 154 PRO A CA    1 
ATOM   1178 C C     . PRO A 1 154 ? -3.001  -20.003 -2.675  1.00 41.52 ? 154 PRO A C     1 
ATOM   1179 O O     . PRO A 1 154 ? -3.080  -18.888 -3.202  1.00 40.99 ? 154 PRO A O     1 
ATOM   1180 C CB    . PRO A 1 154 ? -5.241  -21.035 -2.135  1.00 39.67 ? 154 PRO A CB    1 
ATOM   1181 C CG    . PRO A 1 154 ? -6.258  -19.953 -2.171  1.00 39.98 ? 154 PRO A CG    1 
ATOM   1182 C CD    . PRO A 1 154 ? -5.918  -19.005 -1.058  1.00 39.44 ? 154 PRO A CD    1 
ATOM   1183 N N     . SER A 1 155 ? -2.096  -20.917 -3.021  1.00 42.31 ? 155 SER A N     1 
ATOM   1184 C CA    . SER A 1 155 ? -1.063  -20.674 -4.040  1.00 43.61 ? 155 SER A CA    1 
ATOM   1185 C C     . SER A 1 155 ? -1.628  -20.028 -5.305  1.00 43.22 ? 155 SER A C     1 
ATOM   1186 O O     . SER A 1 155 ? -0.987  -19.173 -5.924  1.00 44.05 ? 155 SER A O     1 
ATOM   1187 C CB    . SER A 1 155 ? -0.371  -21.989 -4.421  1.00 45.44 ? 155 SER A CB    1 
ATOM   1188 O OG    . SER A 1 155 ? -0.012  -22.739 -3.269  1.00 48.68 ? 155 SER A OG    1 
ATOM   1189 N N     . ASN A 1 156 ? -2.829  -20.459 -5.678  1.00 42.18 ? 156 ASN A N     1 
ATOM   1190 C CA    . ASN A 1 156 ? -3.538  -19.944 -6.844  1.00 41.77 ? 156 ASN A CA    1 
ATOM   1191 C C     . ASN A 1 156 ? -3.813  -18.440 -6.753  1.00 39.69 ? 156 ASN A C     1 
ATOM   1192 O O     . ASN A 1 156 ? -3.457  -17.674 -7.652  1.00 38.17 ? 156 ASN A O     1 
ATOM   1193 C CB    . ASN A 1 156 ? -4.853  -20.717 -7.000  1.00 43.42 ? 156 ASN A CB    1 
ATOM   1194 C CG    . ASN A 1 156 ? -5.843  -20.020 -7.905  1.00 44.68 ? 156 ASN A CG    1 
ATOM   1195 O OD1   . ASN A 1 156 ? -5.526  -19.676 -9.044  1.00 47.35 ? 156 ASN A OD1   1 
ATOM   1196 N ND2   . ASN A 1 156 ? -7.060  -19.814 -7.404  1.00 46.42 ? 156 ASN A ND2   1 
ATOM   1197 N N     . GLU A 1 157 ? -4.455  -18.032 -5.663  1.00 37.08 ? 157 GLU A N     1 
ATOM   1198 C CA    . GLU A 1 157 ? -4.769  -16.626 -5.432  1.00 35.52 ? 157 GLU A CA    1 
ATOM   1199 C C     . GLU A 1 157 ? -3.494  -15.817 -5.194  1.00 32.66 ? 157 GLU A C     1 
ATOM   1200 O O     . GLU A 1 157 ? -3.393  -14.666 -5.620  1.00 30.76 ? 157 GLU A O     1 
ATOM   1201 C CB    . GLU A 1 157 ? -5.744  -16.477 -4.261  1.00 37.08 ? 157 GLU A CB    1 
ATOM   1202 C CG    . GLU A 1 157 ? -7.108  -17.103 -4.530  1.00 38.58 ? 157 GLU A CG    1 
ATOM   1203 C CD    . GLU A 1 157 ? -8.075  -16.999 -3.359  1.00 40.23 ? 157 GLU A CD    1 
ATOM   1204 O OE1   . GLU A 1 157 ? -7.725  -16.383 -2.331  1.00 40.44 ? 157 GLU A OE1   1 
ATOM   1205 O OE2   . GLU A 1 157 ? -9.197  -17.540 -3.469  1.00 41.50 ? 157 GLU A OE2   1 
ATOM   1206 N N     . GLN A 1 158 ? -2.515  -16.432 -4.536  1.00 30.56 ? 158 GLN A N     1 
ATOM   1207 C CA    . GLN A 1 158 ? -1.233  -15.789 -4.286  1.00 28.73 ? 158 GLN A CA    1 
ATOM   1208 C C     . GLN A 1 158 ? -0.510  -15.430 -5.584  1.00 28.05 ? 158 GLN A C     1 
ATOM   1209 O O     . GLN A 1 158 ? 0.056   -14.347 -5.690  1.00 26.58 ? 158 GLN A O     1 
ATOM   1210 C CB    . GLN A 1 158 ? -0.338  -16.667 -3.402  1.00 28.51 ? 158 GLN A CB    1 
ATOM   1211 C CG    . GLN A 1 158 ? 0.883   -15.939 -2.861  1.00 28.52 ? 158 GLN A CG    1 
ATOM   1212 C CD    . GLN A 1 158 ? 0.506   -14.762 -1.975  1.00 27.87 ? 158 GLN A CD    1 
ATOM   1213 O OE1   . GLN A 1 158 ? -0.218  -14.922 -0.998  1.00 27.27 ? 158 GLN A OE1   1 
ATOM   1214 N NE2   . GLN A 1 158 ? 0.987   -13.575 -2.321  1.00 28.17 ? 158 GLN A NE2   1 
ATOM   1215 N N     . SER A 1 159 ? -0.542  -16.326 -6.569  1.00 27.02 ? 159 SER A N     1 
ATOM   1216 C CA    . SER A 1 159 ? 0.090   -16.067 -7.861  1.00 26.03 ? 159 SER A CA    1 
ATOM   1217 C C     . SER A 1 159 ? -0.550  -14.878 -8.575  1.00 24.31 ? 159 SER A C     1 
ATOM   1218 O O     . SER A 1 159 ? 0.146   -14.062 -9.177  1.00 23.41 ? 159 SER A O     1 
ATOM   1219 C CB    . SER A 1 159 ? 0.008   -17.302 -8.761  1.00 27.53 ? 159 SER A CB    1 
ATOM   1220 O OG    . SER A 1 159 ? 0.602   -18.422 -8.127  1.00 29.49 ? 159 SER A OG    1 
ATOM   1221 N N     . LEU A 1 160 ? -1.875  -14.790 -8.508  1.00 22.96 ? 160 LEU A N     1 
ATOM   1222 C CA    . LEU A 1 160 ? -2.601  -13.687 -9.122  1.00 22.91 ? 160 LEU A CA    1 
ATOM   1223 C C     . LEU A 1 160 ? -2.201  -12.355 -8.484  1.00 22.59 ? 160 LEU A C     1 
ATOM   1224 O O     . LEU A 1 160 ? -1.916  -11.380 -9.185  1.00 22.72 ? 160 LEU A O     1 
ATOM   1225 C CB    . LEU A 1 160 ? -4.115  -13.912 -9.017  1.00 23.00 ? 160 LEU A CB    1 
ATOM   1226 C CG    . LEU A 1 160 ? -4.649  -15.085 -9.851  1.00 23.05 ? 160 LEU A CG    1 
ATOM   1227 C CD1   . LEU A 1 160 ? -6.058  -15.479 -9.434  1.00 23.50 ? 160 LEU A CD1   1 
ATOM   1228 C CD2   . LEU A 1 160 ? -4.607  -14.742 -11.330 1.00 22.78 ? 160 LEU A CD2   1 
ATOM   1229 N N     . MET A 1 161 ? -2.180  -12.318 -7.158  1.00 22.38 ? 161 MET A N     1 
ATOM   1230 C CA    . MET A 1 161 ? -1.773  -11.107 -6.440  1.00 22.79 ? 161 MET A CA    1 
ATOM   1231 C C     . MET A 1 161 ? -0.318  -10.738 -6.731  1.00 22.42 ? 161 MET A C     1 
ATOM   1232 O O     . MET A 1 161 ? -0.013  -9.571  -6.975  1.00 21.92 ? 161 MET A O     1 
ATOM   1233 C CB    . MET A 1 161 ? -1.992  -11.272 -4.938  1.00 23.20 ? 161 MET A CB    1 
ATOM   1234 C CG    . MET A 1 161 ? -3.454  -11.385 -4.550  1.00 23.75 ? 161 MET A CG    1 
ATOM   1235 S SD    . MET A 1 161 ? -3.700  -11.405 -2.770  1.00 24.35 ? 161 MET A SD    1 
ATOM   1236 C CE    . MET A 1 161 ? -3.186  -13.063 -2.345  1.00 25.24 ? 161 MET A CE    1 
ATOM   1237 N N     . ASP A 1 162 ? 0.573   -11.730 -6.730  1.00 23.10 ? 162 ASP A N     1 
ATOM   1238 C CA    . ASP A 1 162 ? 1.993   -11.484 -7.031  1.00 23.60 ? 162 ASP A CA    1 
ATOM   1239 C C     . ASP A 1 162 ? 2.182   -10.901 -8.438  1.00 23.13 ? 162 ASP A C     1 
ATOM   1240 O O     . ASP A 1 162 ? 2.978   -9.989  -8.635  1.00 22.41 ? 162 ASP A O     1 
ATOM   1241 C CB    . ASP A 1 162 ? 2.835   -12.763 -6.875  1.00 24.91 ? 162 ASP A CB    1 
ATOM   1242 C CG    . ASP A 1 162 ? 2.874   -13.288 -5.441  1.00 26.28 ? 162 ASP A CG    1 
ATOM   1243 O OD1   . ASP A 1 162 ? 2.485   -12.568 -4.496  1.00 27.78 ? 162 ASP A OD1   1 
ATOM   1244 O OD2   . ASP A 1 162 ? 3.299   -14.446 -5.254  1.00 27.89 ? 162 ASP A OD2   1 
ATOM   1245 N N     . GLY A 1 163 ? 1.444   -11.431 -9.411  1.00 22.57 ? 163 GLY A N     1 
ATOM   1246 C CA    . GLY A 1 163 ? 1.495   -10.925 -10.777 1.00 21.97 ? 163 GLY A CA    1 
ATOM   1247 C C     . GLY A 1 163 ? 0.976   -9.504  -10.894 1.00 21.43 ? 163 GLY A C     1 
ATOM   1248 O O     . GLY A 1 163 ? 1.548   -8.685  -11.613 1.00 21.76 ? 163 GLY A O     1 
ATOM   1249 N N     . ALA A 1 164 ? -0.107  -9.208  -10.178 1.00 20.69 ? 164 ALA A N     1 
ATOM   1250 C CA    . ALA A 1 164 ? -0.668  -7.856  -10.156 1.00 20.75 ? 164 ALA A CA    1 
ATOM   1251 C C     . ALA A 1 164 ? 0.321   -6.858  -9.541  1.00 20.64 ? 164 ALA A C     1 
ATOM   1252 O O     . ALA A 1 164 ? 0.546   -5.772  -10.080 1.00 20.09 ? 164 ALA A O     1 
ATOM   1253 C CB    . ALA A 1 164 ? -1.985  -7.839  -9.389  1.00 20.65 ? 164 ALA A CB    1 
ATOM   1254 N N     . ILE A 1 165 ? 0.911   -7.240  -8.415  1.00 20.82 ? 165 ILE A N     1 
ATOM   1255 C CA    . ILE A 1 165 ? 1.909   -6.408  -7.741  1.00 21.68 ? 165 ILE A CA    1 
ATOM   1256 C C     . ILE A 1 165 ? 3.107   -6.141  -8.662  1.00 22.61 ? 165 ILE A C     1 
ATOM   1257 O O     . ILE A 1 165 ? 3.555   -4.999  -8.785  1.00 22.47 ? 165 ILE A O     1 
ATOM   1258 C CB    . ILE A 1 165 ? 2.343   -7.047  -6.400  1.00 21.90 ? 165 ILE A CB    1 
ATOM   1259 C CG1   . ILE A 1 165 ? 1.206   -6.913  -5.382  1.00 21.99 ? 165 ILE A CG1   1 
ATOM   1260 C CG2   . ILE A 1 165 ? 3.617   -6.404  -5.863  1.00 22.09 ? 165 ILE A CG2   1 
ATOM   1261 C CD1   . ILE A 1 165 ? 1.336   -7.817  -4.177  1.00 22.15 ? 165 ILE A CD1   1 
ATOM   1262 N N     . ASP A 1 166 ? 3.590   -7.184  -9.333  1.00 24.38 ? 166 ASP A N     1 
ATOM   1263 C CA    . ASP A 1 166 ? 4.677   -7.052  -10.313 1.00 26.22 ? 166 ASP A CA    1 
ATOM   1264 C C     . ASP A 1 166 ? 4.355   -6.029  -11.402 1.00 26.37 ? 166 ASP A C     1 
ATOM   1265 O O     . ASP A 1 166 ? 5.207   -5.213  -11.751 1.00 25.71 ? 166 ASP A O     1 
ATOM   1266 C CB    . ASP A 1 166 ? 5.000   -8.409  -10.954 1.00 27.77 ? 166 ASP A CB    1 
ATOM   1267 C CG    . ASP A 1 166 ? 6.286   -8.384  -11.765 1.00 29.55 ? 166 ASP A CG    1 
ATOM   1268 O OD1   . ASP A 1 166 ? 7.372   -8.518  -11.166 1.00 31.33 ? 166 ASP A OD1   1 
ATOM   1269 O OD2   . ASP A 1 166 ? 6.212   -8.220  -12.996 1.00 32.68 ? 166 ASP A OD2   1 
ATOM   1270 N N     . HIS A 1 167 ? 3.132   -6.073  -11.930 1.00 26.96 ? 167 HIS A N     1 
ATOM   1271 C CA    . HIS A 1 167 ? 2.667   -5.074  -12.903 1.00 27.68 ? 167 HIS A CA    1 
ATOM   1272 C C     . HIS A 1 167 ? 2.686   -3.654  -12.338 1.00 27.21 ? 167 HIS A C     1 
ATOM   1273 O O     . HIS A 1 167 ? 3.122   -2.722  -13.014 1.00 27.27 ? 167 HIS A O     1 
ATOM   1274 C CB    . HIS A 1 167 ? 1.247   -5.389  -13.389 1.00 29.21 ? 167 HIS A CB    1 
ATOM   1275 C CG    . HIS A 1 167 ? 0.673   -4.341  -14.297 1.00 30.70 ? 167 HIS A CG    1 
ATOM   1276 N ND1   . HIS A 1 167 ? 0.977   -4.271  -15.638 1.00 32.26 ? 167 HIS A ND1   1 
ATOM   1277 C CD2   . HIS A 1 167 ? -0.188  -3.324  -14.055 1.00 31.53 ? 167 HIS A CD2   1 
ATOM   1278 C CE1   . HIS A 1 167 ? 0.329   -3.259  -16.185 1.00 32.25 ? 167 HIS A CE1   1 
ATOM   1279 N NE2   . HIS A 1 167 ? -0.387  -2.667  -15.246 1.00 32.90 ? 167 HIS A NE2   1 
ATOM   1280 N N     . ALA A 1 168 ? 2.193   -3.492  -11.112 1.00 25.86 ? 168 ALA A N     1 
ATOM   1281 C CA    . ALA A 1 168 ? 2.136   -2.176  -10.483 1.00 25.97 ? 168 ALA A CA    1 
ATOM   1282 C C     . ALA A 1 168 ? 3.537   -1.578  -10.316 1.00 26.20 ? 168 ALA A C     1 
ATOM   1283 O O     . ALA A 1 168 ? 3.740   -0.393  -10.583 1.00 25.43 ? 168 ALA A O     1 
ATOM   1284 C CB    . ALA A 1 168 ? 1.422   -2.247  -9.146  1.00 25.80 ? 168 ALA A CB    1 
ATOM   1285 N N     . LEU A 1 169 ? 4.494   -2.406  -9.897  1.00 27.00 ? 169 LEU A N     1 
ATOM   1286 C CA    . LEU A 1 169 ? 5.890   -1.974  -9.741  1.00 27.52 ? 169 LEU A CA    1 
ATOM   1287 C C     . LEU A 1 169 ? 6.428   -1.337  -11.023 1.00 29.01 ? 169 LEU A C     1 
ATOM   1288 O O     . LEU A 1 169 ? 7.202   -0.381  -10.963 1.00 29.84 ? 169 LEU A O     1 
ATOM   1289 C CB    . LEU A 1 169 ? 6.791   -3.148  -9.339  1.00 27.14 ? 169 LEU A CB    1 
ATOM   1290 C CG    . LEU A 1 169 ? 6.597   -3.779  -7.955  1.00 27.44 ? 169 LEU A CG    1 
ATOM   1291 C CD1   . LEU A 1 169 ? 7.421   -5.051  -7.836  1.00 28.08 ? 169 LEU A CD1   1 
ATOM   1292 C CD2   . LEU A 1 169 ? 6.973   -2.811  -6.845  1.00 27.38 ? 169 LEU A CD2   1 
ATOM   1293 N N     . SER A 1 170 ? 6.008   -1.860  -12.176 1.00 29.77 ? 170 SER A N     1 
ATOM   1294 C CA    . SER A 1 170 ? 6.456   -1.338  -13.470 1.00 30.99 ? 170 SER A CA    1 
ATOM   1295 C C     . SER A 1 170 ? 5.860   0.031   -13.817 1.00 31.01 ? 170 SER A C     1 
ATOM   1296 O O     . SER A 1 170 ? 6.346   0.696   -14.733 1.00 30.68 ? 170 SER A O     1 
ATOM   1297 C CB    . SER A 1 170 ? 6.141   -2.338  -14.595 1.00 31.40 ? 170 SER A CB    1 
ATOM   1298 O OG    . SER A 1 170 ? 4.763   -2.322  -14.940 1.00 31.93 ? 170 SER A OG    1 
ATOM   1299 N N     . LYS A 1 171 ? 4.812   0.440   -13.099 1.00 30.58 ? 171 LYS A N     1 
ATOM   1300 C CA    . LYS A 1 171 ? 4.121   1.699   -13.369 1.00 30.78 ? 171 LYS A CA    1 
ATOM   1301 C C     . LYS A 1 171 ? 4.400   2.788   -12.333 1.00 30.23 ? 171 LYS A C     1 
ATOM   1302 O O     . LYS A 1 171 ? 3.927   3.917   -12.488 1.00 29.62 ? 171 LYS A O     1 
ATOM   1303 C CB    . LYS A 1 171 ? 2.607   1.462   -13.457 1.00 31.10 ? 171 LYS A CB    1 
ATOM   1304 C CG    . LYS A 1 171 ? 2.183   0.375   -14.437 1.00 31.22 ? 171 LYS A CG    1 
ATOM   1305 C CD    . LYS A 1 171 ? 2.762   0.597   -15.824 1.00 32.58 ? 171 LYS A CD    1 
ATOM   1306 C CE    . LYS A 1 171 ? 2.131   -0.327  -16.855 1.00 33.45 ? 171 LYS A CE    1 
ATOM   1307 N NZ    . LYS A 1 171 ? 2.698   -0.105  -18.212 1.00 33.61 ? 171 LYS A NZ    1 
ATOM   1308 N N     . VAL A 1 172 ? 5.164   2.465   -11.287 1.00 30.35 ? 172 VAL A N     1 
ATOM   1309 C CA    . VAL A 1 172 ? 5.498   3.446   -10.239 1.00 30.32 ? 172 VAL A CA    1 
ATOM   1310 C C     . VAL A 1 172 ? 6.228   4.662   -10.833 1.00 30.86 ? 172 VAL A C     1 
ATOM   1311 O O     . VAL A 1 172 ? 6.092   5.786   -10.341 1.00 29.28 ? 172 VAL A O     1 
ATOM   1312 C CB    . VAL A 1 172 ? 6.318   2.798   -9.094  1.00 30.64 ? 172 VAL A CB    1 
ATOM   1313 C CG1   . VAL A 1 172 ? 6.766   3.839   -8.076  1.00 30.31 ? 172 VAL A CG1   1 
ATOM   1314 C CG2   . VAL A 1 172 ? 5.494   1.717   -8.404  1.00 31.03 ? 172 VAL A CG2   1 
ATOM   1315 N N     . LYS A 1 173 ? 6.984   4.433   -11.902 1.00 32.21 ? 173 LYS A N     1 
ATOM   1316 C CA    . LYS A 1 173 ? 7.595   5.514   -12.673 1.00 34.18 ? 173 LYS A CA    1 
ATOM   1317 C C     . LYS A 1 173 ? 6.589   6.633   -12.970 1.00 33.94 ? 173 LYS A C     1 
ATOM   1318 O O     . LYS A 1 173 ? 6.872   7.812   -12.737 1.00 33.84 ? 173 LYS A O     1 
ATOM   1319 C CB    . LYS A 1 173 ? 8.159   4.952   -13.980 1.00 36.90 ? 173 LYS A CB    1 
ATOM   1320 C CG    . LYS A 1 173 ? 8.743   5.994   -14.917 1.00 39.23 ? 173 LYS A CG    1 
ATOM   1321 C CD    . LYS A 1 173 ? 9.127   5.378   -16.251 1.00 40.66 ? 173 LYS A CD    1 
ATOM   1322 C CE    . LYS A 1 173 ? 9.566   6.445   -17.242 1.00 41.87 ? 173 LYS A CE    1 
ATOM   1323 N NZ    . LYS A 1 173 ? 10.727  7.231   -16.739 1.00 43.43 ? 173 LYS A NZ    1 
ATOM   1324 N N     . LEU A 1 174 ? 5.415   6.257   -13.468 1.00 32.93 ? 174 LEU A N     1 
ATOM   1325 C CA    . LEU A 1 174 ? 4.350   7.220   -13.759 1.00 33.36 ? 174 LEU A CA    1 
ATOM   1326 C C     . LEU A 1 174 ? 3.844   7.974   -12.525 1.00 32.79 ? 174 LEU A C     1 
ATOM   1327 O O     . LEU A 1 174 ? 3.510   9.153   -12.614 1.00 31.73 ? 174 LEU A O     1 
ATOM   1328 C CB    . LEU A 1 174 ? 3.172   6.524   -14.444 1.00 33.89 ? 174 LEU A CB    1 
ATOM   1329 C CG    . LEU A 1 174 ? 3.458   5.981   -15.845 1.00 34.68 ? 174 LEU A CG    1 
ATOM   1330 C CD1   . LEU A 1 174 ? 2.409   4.960   -16.253 1.00 35.06 ? 174 LEU A CD1   1 
ATOM   1331 C CD2   . LEU A 1 174 ? 3.518   7.120   -16.855 1.00 35.38 ? 174 LEU A CD2   1 
ATOM   1332 N N     . LEU A 1 175 ? 3.780   7.289   -11.385 1.00 33.40 ? 175 LEU A N     1 
ATOM   1333 C CA    . LEU A 1 175 ? 3.297   7.892   -10.138 1.00 33.83 ? 175 LEU A CA    1 
ATOM   1334 C C     . LEU A 1 175 ? 4.242   8.956   -9.586  1.00 34.53 ? 175 LEU A C     1 
ATOM   1335 O O     . LEU A 1 175 ? 3.812   10.066  -9.251  1.00 34.38 ? 175 LEU A O     1 
ATOM   1336 C CB    . LEU A 1 175 ? 3.048   6.804   -9.086  1.00 34.97 ? 175 LEU A CB    1 
ATOM   1337 C CG    . LEU A 1 175 ? 1.788   5.983   -9.374  1.00 35.57 ? 175 LEU A CG    1 
ATOM   1338 C CD1   . LEU A 1 175 ? 1.884   4.581   -8.798  1.00 36.96 ? 175 LEU A CD1   1 
ATOM   1339 C CD2   . LEU A 1 175 ? 0.557   6.707   -8.842  1.00 36.19 ? 175 LEU A CD2   1 
ATOM   1340 N N     . VAL A 1 176 ? 5.528   8.628   -9.498  1.00 33.96 ? 176 VAL A N     1 
ATOM   1341 C CA    . VAL A 1 176 ? 6.517   9.574   -8.967  1.00 34.93 ? 176 VAL A CA    1 
ATOM   1342 C C     . VAL A 1 176 ? 6.737   10.762  -9.918  1.00 36.59 ? 176 VAL A C     1 
ATOM   1343 O O     . VAL A 1 176 ? 7.153   11.841  -9.488  1.00 36.79 ? 176 VAL A O     1 
ATOM   1344 C CB    . VAL A 1 176 ? 7.864   8.888   -8.624  1.00 34.20 ? 176 VAL A CB    1 
ATOM   1345 C CG1   . VAL A 1 176 ? 7.640   7.751   -7.640  1.00 33.94 ? 176 VAL A CG1   1 
ATOM   1346 C CG2   . VAL A 1 176 ? 8.572   8.378   -9.873  1.00 34.45 ? 176 VAL A CG2   1 
ATOM   1347 N N     . GLN A 1 177 ? 6.438   10.555  -11.200 1.00 38.65 ? 177 GLN A N     1 
ATOM   1348 C CA    . GLN A 1 177 ? 6.517   11.613  -12.211 1.00 41.06 ? 177 GLN A CA    1 
ATOM   1349 C C     . GLN A 1 177 ? 5.298   12.535  -12.207 1.00 42.06 ? 177 GLN A C     1 
ATOM   1350 O O     . GLN A 1 177 ? 5.283   13.541  -12.919 1.00 43.93 ? 177 GLN A O     1 
ATOM   1351 C CB    . GLN A 1 177 ? 6.691   11.002  -13.607 1.00 42.37 ? 177 GLN A CB    1 
ATOM   1352 C CG    . GLN A 1 177 ? 8.099   10.488  -13.872 1.00 43.71 ? 177 GLN A CG    1 
ATOM   1353 C CD    . GLN A 1 177 ? 8.236   9.675   -15.151 1.00 45.05 ? 177 GLN A CD    1 
ATOM   1354 O OE1   . GLN A 1 177 ? 9.295   9.097   -15.405 1.00 46.81 ? 177 GLN A OE1   1 
ATOM   1355 N NE2   . GLN A 1 177 ? 7.178   9.623   -15.961 1.00 45.64 ? 177 GLN A NE2   1 
ATOM   1356 N N     . GLY A 1 178 ? 4.352   12.200  -11.364 1.00 42.05 ? 178 GLY A N     1 
ATOM   1357 C CA    . GLY A 1 178 ? 3.078   12.841  -11.329 1.00 43.42 ? 178 GLY A CA    1 
ATOM   1358 C C     . GLY A 1 178 ? 2.223   12.803  -12.573 1.00 44.24 ? 178 GLY A C     1 
ATOM   1359 O O     . GLY A 1 178 ? 1.730   13.802  -13.043 1.00 45.66 ? 178 GLY A O     1 
ATOM   1360 N N     . GLN A 1 179 ? 2.026   11.617  -13.085 1.00 44.27 ? 179 GLN A N     1 
ATOM   1361 C CA    . GLN A 1 179 ? 1.106   11.410  -14.159 1.00 44.35 ? 179 GLN A CA    1 
ATOM   1362 C C     . GLN A 1 179 ? 0.161   10.415  -13.609 1.00 43.43 ? 179 GLN A C     1 
ATOM   1363 O O     . GLN A 1 179 ? 0.069   9.304   -14.037 1.00 42.23 ? 179 GLN A O     1 
ATOM   1364 C CB    . GLN A 1 179 ? 1.828   10.856  -15.365 1.00 45.16 ? 179 GLN A CB    1 
ATOM   1365 C CG    . GLN A 1 179 ? 2.848   11.805  -15.918 1.00 46.01 ? 179 GLN A CG    1 
ATOM   1366 C CD    . GLN A 1 179 ? 3.382   11.343  -17.208 1.00 46.72 ? 179 GLN A CD    1 
ATOM   1367 O OE1   . GLN A 1 179 ? 4.266   10.497  -17.263 1.00 47.38 ? 179 GLN A OE1   1 
ATOM   1368 N NE2   . GLN A 1 179 ? 2.850   11.897  -18.269 1.00 46.84 ? 179 GLN A NE2   1 
ATOM   1369 N N     . VAL A 1 180 ? -0.580  10.884  -12.639 1.00 43.90 ? 180 VAL A N     1 
ATOM   1370 C CA    . VAL A 1 180 ? -1.514  10.038  -11.909 1.00 45.05 ? 180 VAL A CA    1 
ATOM   1371 C C     . VAL A 1 180 ? -2.633  9.490   -12.820 1.00 45.49 ? 180 VAL A C     1 
ATOM   1372 O O     . VAL A 1 180 ? -3.002  8.327   -12.726 1.00 44.05 ? 180 VAL A O     1 
ATOM   1373 C CB    . VAL A 1 180 ? -2.072  10.719  -10.633 1.00 45.89 ? 180 VAL A CB    1 
ATOM   1374 C CG1   . VAL A 1 180 ? -3.061  9.809   -9.954  1.00 46.09 ? 180 VAL A CG1   1 
ATOM   1375 C CG2   . VAL A 1 180 ? -0.969  11.036  -9.637  1.00 45.94 ? 180 VAL A CG2   1 
ATOM   1376 N N     . PRO A 1 181 ? -3.142  10.330  -13.724 1.00 45.72 ? 181 PRO A N     1 
ATOM   1377 C CA    . PRO A 1 181 ? -4.150  9.852   -14.676 1.00 45.46 ? 181 PRO A CA    1 
ATOM   1378 C C     . PRO A 1 181 ? -3.656  8.697   -15.552 1.00 44.70 ? 181 PRO A C     1 
ATOM   1379 O O     . PRO A 1 181 ? -4.371  7.707   -15.720 1.00 43.17 ? 181 PRO A O     1 
ATOM   1380 C CB    . PRO A 1 181 ? -4.438  11.091  -15.534 1.00 46.07 ? 181 PRO A CB    1 
ATOM   1381 C CG    . PRO A 1 181 ? -4.102  12.242  -14.654 1.00 46.04 ? 181 PRO A CG    1 
ATOM   1382 C CD    . PRO A 1 181 ? -2.914  11.782  -13.867 1.00 46.14 ? 181 PRO A CD    1 
ATOM   1383 N N     . GLN A 1 182 ? -2.450  8.825   -16.099 1.00 44.34 ? 182 GLN A N     1 
ATOM   1384 C CA    . GLN A 1 182 ? -1.866  7.759   -16.917 1.00 44.66 ? 182 GLN A CA    1 
ATOM   1385 C C     . GLN A 1 182 ? -1.584  6.510   -16.088 1.00 42.41 ? 182 GLN A C     1 
ATOM   1386 O O     . GLN A 1 182 ? -1.845  5.395   -16.537 1.00 40.20 ? 182 GLN A O     1 
ATOM   1387 C CB    . GLN A 1 182 ? -0.588  8.235   -17.617 1.00 48.05 ? 182 GLN A CB    1 
ATOM   1388 C CG    . GLN A 1 182 ? -0.844  8.912   -18.958 1.00 50.24 ? 182 GLN A CG    1 
ATOM   1389 C CD    . GLN A 1 182 ? 0.145   10.026  -19.259 1.00 52.64 ? 182 GLN A CD    1 
ATOM   1390 O OE1   . GLN A 1 182 ? 0.236   11.004  -18.513 1.00 54.31 ? 182 GLN A OE1   1 
ATOM   1391 N NE2   . GLN A 1 182 ? 0.881   9.894   -20.363 1.00 54.19 ? 182 GLN A NE2   1 
ATOM   1392 N N     . ALA A 1 183 ? -1.058  6.703   -14.879 1.00 39.96 ? 183 ALA A N     1 
ATOM   1393 C CA    . ALA A 1 183 ? -0.808  5.590   -13.971 1.00 38.85 ? 183 ALA A CA    1 
ATOM   1394 C C     . ALA A 1 183 ? -2.115  4.872   -13.648 1.00 38.21 ? 183 ALA A C     1 
ATOM   1395 O O     . ALA A 1 183 ? -2.161  3.644   -13.616 1.00 36.44 ? 183 ALA A O     1 
ATOM   1396 C CB    . ALA A 1 183 ? -0.132  6.076   -12.696 1.00 38.54 ? 183 ALA A CB    1 
ATOM   1397 N N     . MET A 1 184 ? -3.177  5.644   -13.428 1.00 38.51 ? 184 MET A N     1 
ATOM   1398 C CA    . MET A 1 184 ? -4.498  5.077   -13.159 1.00 40.19 ? 184 MET A CA    1 
ATOM   1399 C C     . MET A 1 184 ? -4.976  4.259   -14.359 1.00 39.55 ? 184 MET A C     1 
ATOM   1400 O O     . MET A 1 184 ? -5.429  3.131   -14.199 1.00 40.34 ? 184 MET A O     1 
ATOM   1401 C CB    . MET A 1 184 ? -5.510  6.182   -12.819 1.00 41.61 ? 184 MET A CB    1 
ATOM   1402 C CG    . MET A 1 184 ? -6.722  5.704   -12.034 1.00 42.89 ? 184 MET A CG    1 
ATOM   1403 S SD    . MET A 1 184 ? -7.698  7.064   -11.356 1.00 45.02 ? 184 MET A SD    1 
ATOM   1404 C CE    . MET A 1 184 ? -6.760  7.514   -9.895  1.00 44.03 ? 184 MET A CE    1 
ATOM   1405 N N     . ASN A 1 185 ? -4.857  4.821   -15.557 1.00 39.12 ? 185 ASN A N     1 
ATOM   1406 C CA    . ASN A 1 185 ? -5.264  4.119   -16.775 0.50 38.50 ? 185 ASN A CA    1 
ATOM   1407 C C     . ASN A 1 185 ? -4.534  2.788   -16.955 1.00 38.32 ? 185 ASN A C     1 
ATOM   1408 O O     . ASN A 1 185 ? -5.164  1.762   -17.211 1.00 37.41 ? 185 ASN A O     1 
ATOM   1409 C CB    . ASN A 1 185 ? -5.054  5.002   -18.012 0.50 38.94 ? 185 ASN A CB    1 
ATOM   1410 C CG    . ASN A 1 185 ? -6.138  6.051   -18.169 0.50 39.14 ? 185 ASN A CG    1 
ATOM   1411 O OD1   . ASN A 1 185 ? -7.213  5.940   -17.581 0.50 39.66 ? 185 ASN A OD1   1 
ATOM   1412 N ND2   . ASN A 1 185 ? -5.862  7.073   -18.970 0.50 39.78 ? 185 ASN A ND2   1 
ATOM   1413 N N     . GLN A 1 186 ? -3.212  2.806   -16.794 1.00 37.37 ? 186 GLN A N     1 
ATOM   1414 C CA    . GLN A 1 186 ? -2.387  1.624   -17.075 1.00 37.47 ? 186 GLN A CA    1 
ATOM   1415 C C     . GLN A 1 186 ? -2.392  0.574   -15.959 1.00 35.90 ? 186 GLN A C     1 
ATOM   1416 O O     . GLN A 1 186 ? -2.257  -0.620  -16.236 1.00 37.16 ? 186 GLN A O     1 
ATOM   1417 C CB    . GLN A 1 186 ? -0.954  2.041   -17.409 1.00 38.58 ? 186 GLN A CB    1 
ATOM   1418 C CG    . GLN A 1 186 ? -0.837  2.726   -18.762 1.00 39.93 ? 186 GLN A CG    1 
ATOM   1419 C CD    . GLN A 1 186 ? 0.567   3.228   -19.051 1.00 40.95 ? 186 GLN A CD    1 
ATOM   1420 O OE1   . GLN A 1 186 ? 1.546   2.517   -18.831 1.00 41.92 ? 186 GLN A OE1   1 
ATOM   1421 N NE2   . GLN A 1 186 ? 0.668   4.455   -19.556 1.00 41.74 ? 186 GLN A NE2   1 
ATOM   1422 N N     . ILE A 1 187 ? -2.526  1.012   -14.709 1.00 33.45 ? 187 ILE A N     1 
ATOM   1423 C CA    . ILE A 1 187 ? -2.639  0.080   -13.581 1.00 32.49 ? 187 ILE A CA    1 
ATOM   1424 C C     . ILE A 1 187 ? -4.015  -0.571  -13.604 1.00 32.22 ? 187 ILE A C     1 
ATOM   1425 O O     . ILE A 1 187 ? -4.134  -1.797  -13.529 1.00 32.47 ? 187 ILE A O     1 
ATOM   1426 C CB    . ILE A 1 187 ? -2.447  0.776   -12.216 1.00 31.74 ? 187 ILE A CB    1 
ATOM   1427 C CG1   . ILE A 1 187 ? -0.991  1.204   -12.031 1.00 31.67 ? 187 ILE A CG1   1 
ATOM   1428 C CG2   . ILE A 1 187 ? -2.838  -0.160  -11.076 1.00 32.07 ? 187 ILE A CG2   1 
ATOM   1429 C CD1   . ILE A 1 187 ? -0.780  2.195   -10.905 1.00 31.42 ? 187 ILE A CD1   1 
ATOM   1430 N N     . ASN A 1 188 ? -5.049  0.263   -13.714 1.00 31.79 ? 188 ASN A N     1 
ATOM   1431 C CA    . ASN A 1 188 ? -6.432  -0.192  -13.585 1.00 31.77 ? 188 ASN A CA    1 
ATOM   1432 C C     . ASN A 1 188 ? -6.886  -1.081  -14.740 1.00 32.75 ? 188 ASN A C     1 
ATOM   1433 O O     . ASN A 1 188 ? -7.875  -1.795  -14.607 1.00 32.49 ? 188 ASN A O     1 
ATOM   1434 C CB    . ASN A 1 188 ? -7.393  0.998   -13.425 1.00 31.68 ? 188 ASN A CB    1 
ATOM   1435 C CG    . ASN A 1 188 ? -7.084  1.847   -12.195 1.00 32.15 ? 188 ASN A CG    1 
ATOM   1436 O OD1   . ASN A 1 188 ? -5.979  1.796   -11.652 1.00 30.84 ? 188 ASN A OD1   1 
ATOM   1437 N ND2   . ASN A 1 188 ? -8.056  2.652   -11.767 1.00 32.33 ? 188 ASN A ND2   1 
ATOM   1438 N N     . ALA A 1 189 ? -6.165  -1.038  -15.861 1.00 34.32 ? 189 ALA A N     1 
ATOM   1439 C CA    . ALA A 1 189 ? -6.460  -1.899  -17.012 1.00 35.51 ? 189 ALA A CA    1 
ATOM   1440 C C     . ALA A 1 189 ? -5.891  -3.318  -16.877 1.00 36.57 ? 189 ALA A C     1 
ATOM   1441 O O     . ALA A 1 189 ? -6.232  -4.196  -17.680 1.00 37.46 ? 189 ALA A O     1 
ATOM   1442 C CB    . ALA A 1 189 ? -5.942  -1.256  -18.289 1.00 36.26 ? 189 ALA A CB    1 
ATOM   1443 N N     . TYR A 1 190 ? -5.035  -3.547  -15.879 1.00 36.53 ? 190 TYR A N     1 
ATOM   1444 C CA    . TYR A 1 190 ? -4.367  -4.844  -15.712 1.00 36.37 ? 190 TYR A CA    1 
ATOM   1445 C C     . TYR A 1 190 ? -5.350  -6.012  -15.602 1.00 37.29 ? 190 TYR A C     1 
ATOM   1446 O O     . TYR A 1 190 ? -6.255  -5.999  -14.767 1.00 35.99 ? 190 TYR A O     1 
ATOM   1447 C CB    . TYR A 1 190 ? -3.451  -4.842  -14.483 1.00 36.04 ? 190 TYR A CB    1 
ATOM   1448 C CG    . TYR A 1 190 ? -2.745  -6.167  -14.245 1.00 35.97 ? 190 TYR A CG    1 
ATOM   1449 C CD1   . TYR A 1 190 ? -1.649  -6.544  -15.018 1.00 36.10 ? 190 TYR A CD1   1 
ATOM   1450 C CD2   . TYR A 1 190 ? -3.182  -7.046  -13.259 1.00 35.98 ? 190 TYR A CD2   1 
ATOM   1451 C CE1   . TYR A 1 190 ? -1.004  -7.756  -14.809 1.00 35.89 ? 190 TYR A CE1   1 
ATOM   1452 C CE2   . TYR A 1 190 ? -2.543  -8.260  -13.047 1.00 36.00 ? 190 TYR A CE2   1 
ATOM   1453 C CZ    . TYR A 1 190 ? -1.455  -8.610  -13.821 1.00 36.07 ? 190 TYR A CZ    1 
ATOM   1454 O OH    . TYR A 1 190 ? -0.819  -9.821  -13.603 1.00 36.20 ? 190 TYR A OH    1 
ATOM   1455 N N     . LYS A 1 191 ? -5.156  -7.009  -16.464 1.00 38.79 ? 191 LYS A N     1 
ATOM   1456 C CA    . LYS A 1 191 ? -5.859  -8.284  -16.377 1.00 40.45 ? 191 LYS A CA    1 
ATOM   1457 C C     . LYS A 1 191 ? -4.830  -9.326  -15.951 1.00 42.43 ? 191 LYS A C     1 
ATOM   1458 O O     . LYS A 1 191 ? -3.749  -9.395  -16.548 1.00 42.95 ? 191 LYS A O     1 
ATOM   1459 C CB    . LYS A 1 191 ? -6.438  -8.684  -17.736 1.00 41.12 ? 191 LYS A CB    1 
ATOM   1460 C CG    . LYS A 1 191 ? -7.245  -7.606  -18.445 1.00 41.36 ? 191 LYS A CG    1 
ATOM   1461 C CD    . LYS A 1 191 ? -7.315  -7.895  -19.938 1.00 41.90 ? 191 LYS A CD    1 
ATOM   1462 C CE    . LYS A 1 191 ? -8.118  -6.849  -20.690 1.00 42.24 ? 191 LYS A CE    1 
ATOM   1463 N NZ    . LYS A 1 191 ? -9.576  -7.106  -20.573 1.00 42.56 ? 191 LYS A NZ    1 
ATOM   1464 N N     . PRO A 1 192 ? -5.152  -10.145 -14.932 1.00 44.52 ? 192 PRO A N     1 
ATOM   1465 C CA    . PRO A 1 192 ? -4.191  -11.155 -14.476 1.00 46.26 ? 192 PRO A CA    1 
ATOM   1466 C C     . PRO A 1 192 ? -3.869  -12.188 -15.550 1.00 47.79 ? 192 PRO A C     1 
ATOM   1467 O O     . PRO A 1 192 ? -2.720  -12.621 -15.669 1.00 49.47 ? 192 PRO A O     1 
ATOM   1468 C CB    . PRO A 1 192 ? -4.907  -11.821 -13.296 1.00 45.62 ? 192 PRO A CB    1 
ATOM   1469 C CG    . PRO A 1 192 ? -6.355  -11.542 -13.507 1.00 45.48 ? 192 PRO A CG    1 
ATOM   1470 C CD    . PRO A 1 192 ? -6.406  -10.193 -14.158 1.00 44.89 ? 192 PRO A CD    1 
ATOM   1471 N N     . ALA A 1 193 ? -4.890  -12.565 -16.316 1.00 49.70 ? 193 ALA A N     1 
ATOM   1472 C CA    . ALA A 1 193 ? -4.755  -13.532 -17.394 1.00 52.18 ? 193 ALA A CA    1 
ATOM   1473 C C     . ALA A 1 193 ? -5.339  -12.973 -18.685 1.00 53.31 ? 193 ALA A C     1 
ATOM   1474 O O     . ALA A 1 193 ? -6.026  -11.953 -18.673 1.00 54.03 ? 193 ALA A O     1 
ATOM   1475 C CB    . ALA A 1 193 ? -5.459  -14.817 -17.014 1.00 52.13 ? 193 ALA A CB    1 
ATOM   1476 O OXT   . ALA A 1 193 ? -5.135  -13.525 -19.767 1.00 55.18 ? 193 ALA A OXT   1 
HETATM 1477 O "O5'" . CTN B 2 .   ? -8.545  -3.693  8.731   1.00 44.86 ? 201 CTN A "O5'" 1 
HETATM 1478 C "C5'" . CTN B 2 .   ? -7.684  -3.505  9.880   1.00 41.44 ? 201 CTN A "C5'" 1 
HETATM 1479 C "C4'" . CTN B 2 .   ? -7.406  -4.852  10.542  1.00 43.93 ? 201 CTN A "C4'" 1 
HETATM 1480 O "O4'" . CTN B 2 .   ? -6.094  -5.061  11.094  1.00 49.63 ? 201 CTN A "O4'" 1 
HETATM 1481 C "C1'" . CTN B 2 .   ? -6.158  -6.329  11.773  1.00 47.89 ? 201 CTN A "C1'" 1 
HETATM 1482 N N1    . CTN B 2 .   ? -5.352  -6.495  13.001  1.00 50.87 ? 201 CTN A N1    1 
HETATM 1483 C C6    . CTN B 2 .   ? -5.128  -7.762  13.393  1.00 53.36 ? 201 CTN A C6    1 
HETATM 1484 C C5    . CTN B 2 .   ? -4.398  -8.062  14.537  1.00 54.47 ? 201 CTN A C5    1 
HETATM 1485 C C4    . CTN B 2 .   ? -3.884  -7.024  15.301  1.00 55.46 ? 201 CTN A C4    1 
HETATM 1486 N N3    . CTN B 2 .   ? -4.108  -5.739  14.926  1.00 53.52 ? 201 CTN A N3    1 
HETATM 1487 C C2    . CTN B 2 .   ? -4.823  -5.436  13.803  1.00 51.73 ? 201 CTN A C2    1 
HETATM 1488 O O2    . CTN B 2 .   ? -4.986  -4.228  13.512  1.00 42.23 ? 201 CTN A O2    1 
HETATM 1489 N N4    . CTN B 2 .   ? -3.166  -7.315  16.418  1.00 57.09 ? 201 CTN A N4    1 
HETATM 1490 C "C2'" . CTN B 2 .   ? -7.639  -6.498  12.114  1.00 47.59 ? 201 CTN A "C2'" 1 
HETATM 1491 O "O2'" . CTN B 2 .   ? -8.143  -7.613  11.364  1.00 49.97 ? 201 CTN A "O2'" 1 
HETATM 1492 C "C3'" . CTN B 2 .   ? -8.306  -5.204  11.687  1.00 44.50 ? 201 CTN A "C3'" 1 
HETATM 1493 O "O3'" . CTN B 2 .   ? -9.638  -5.385  11.212  1.00 46.81 ? 201 CTN A "O3'" 1 
HETATM 1494 O O     . HOH C 3 .   ? -2.151  -4.103  3.220   1.00 14.73 ? 301 HOH A O     1 
HETATM 1495 O O     . HOH C 3 .   ? 1.786   -2.501  11.415  1.00 21.54 ? 302 HOH A O     1 
HETATM 1496 O O     . HOH C 3 .   ? 0.303   -0.761  8.508   1.00 16.31 ? 303 HOH A O     1 
HETATM 1497 O O     . HOH C 3 .   ? -1.623  -9.059  8.545   1.00 25.12 ? 304 HOH A O     1 
HETATM 1498 O O     . HOH C 3 .   ? -8.718  2.945   -0.904  1.00 16.64 ? 305 HOH A O     1 
HETATM 1499 O O     . HOH C 3 .   ? 4.635   -8.882  4.783   1.00 23.04 ? 306 HOH A O     1 
HETATM 1500 O O     . HOH C 3 .   ? -1.820  -14.401 1.364   1.00 29.67 ? 307 HOH A O     1 
HETATM 1501 O O     . HOH C 3 .   ? -6.752  14.991  2.586   1.00 17.70 ? 308 HOH A O     1 
HETATM 1502 O O     . HOH C 3 .   ? 12.164  8.253   4.823   1.00 24.06 ? 309 HOH A O     1 
HETATM 1503 O O     . HOH C 3 .   ? -10.662 -3.802  2.032   1.00 26.86 ? 310 HOH A O     1 
HETATM 1504 O O     . HOH C 3 .   ? 14.801  7.589   5.815   1.00 46.50 ? 311 HOH A O     1 
HETATM 1505 O O     . HOH C 3 .   ? -3.832  -3.263  17.921  1.00 53.59 ? 312 HOH A O     1 
HETATM 1506 O O     . HOH C 3 .   ? -14.584 2.608   -4.371  1.00 50.49 ? 313 HOH A O     1 
HETATM 1507 O O     . HOH C 3 .   ? 16.716  4.406   3.009   1.00 23.75 ? 314 HOH A O     1 
HETATM 1508 O O     . HOH C 3 .   ? 4.980   -8.950  8.987   1.00 27.24 ? 315 HOH A O     1 
HETATM 1509 O O     . HOH C 3 .   ? -6.304  -4.407  -12.489 1.00 30.44 ? 316 HOH A O     1 
HETATM 1510 O O     . HOH C 3 .   ? 12.257  14.481  -6.137  1.00 20.42 ? 317 HOH A O     1 
HETATM 1511 O O     . HOH C 3 .   ? -10.441 1.975   -7.508  1.00 33.66 ? 318 HOH A O     1 
HETATM 1512 O O     . HOH C 3 .   ? 18.590  5.803   -4.034  1.00 31.58 ? 319 HOH A O     1 
HETATM 1513 O O     . HOH C 3 .   ? -6.257  17.435  1.451   1.00 33.46 ? 320 HOH A O     1 
HETATM 1514 O O     . HOH C 3 .   ? -3.920  7.174   14.975  1.00 32.10 ? 321 HOH A O     1 
HETATM 1515 O O     . HOH C 3 .   ? -15.130 5.702   5.036   1.00 27.23 ? 322 HOH A O     1 
HETATM 1516 O O     . HOH C 3 .   ? 13.977  8.880   11.975  1.00 44.79 ? 323 HOH A O     1 
HETATM 1517 O O     . HOH C 3 .   ? -10.011 7.617   -8.100  1.00 22.03 ? 324 HOH A O     1 
HETATM 1518 O O     . HOH C 3 .   ? 8.228   12.390  -6.596  1.00 29.33 ? 325 HOH A O     1 
HETATM 1519 O O     . HOH C 3 .   ? 15.234  13.699  -12.257 1.00 34.55 ? 326 HOH A O     1 
HETATM 1520 O O     . HOH C 3 .   ? -15.134 -0.028  -1.412  1.00 38.64 ? 327 HOH A O     1 
HETATM 1521 O O     . HOH C 3 .   ? -14.662 -9.195  -3.830  1.00 36.18 ? 328 HOH A O     1 
HETATM 1522 O O     . HOH C 3 .   ? 7.659   -9.733  -0.497  1.00 42.76 ? 329 HOH A O     1 
HETATM 1523 O O     . HOH C 3 .   ? 8.016   -7.592  10.917  1.00 40.09 ? 330 HOH A O     1 
HETATM 1524 O O     . HOH C 3 .   ? -8.278  -17.831 4.815   1.00 48.55 ? 331 HOH A O     1 
HETATM 1525 O O     . HOH C 3 .   ? -8.985  -5.334  -15.528 1.00 50.83 ? 332 HOH A O     1 
HETATM 1526 O O     . HOH C 3 .   ? 8.424   -12.254 14.309  1.00 49.76 ? 333 HOH A O     1 
HETATM 1527 O O     . HOH C 3 .   ? 18.169  4.133   0.482   1.00 32.29 ? 334 HOH A O     1 
HETATM 1528 O O     . HOH C 3 .   ? -8.807  3.779   14.158  1.00 30.41 ? 335 HOH A O     1 
HETATM 1529 O O     . HOH C 3 .   ? -4.004  15.030  -6.512  1.00 39.70 ? 336 HOH A O     1 
HETATM 1530 O O     . HOH C 3 .   ? -18.504 -12.844 -1.433  1.00 33.56 ? 337 HOH A O     1 
HETATM 1531 O O     . HOH C 3 .   ? -5.664  14.495  13.961  1.00 25.08 ? 338 HOH A O     1 
HETATM 1532 O O     . HOH C 3 .   ? -13.838 -1.977  0.327   1.00 33.54 ? 339 HOH A O     1 
HETATM 1533 O O     . HOH C 3 .   ? 0.232   -1.571  -19.606 1.00 50.52 ? 340 HOH A O     1 
HETATM 1534 O O     . HOH C 3 .   ? -12.626 12.007  -0.971  1.00 28.51 ? 341 HOH A O     1 
HETATM 1535 O O     . HOH C 3 .   ? 5.206   -10.009 -6.928  1.00 31.25 ? 342 HOH A O     1 
HETATM 1536 O O     . HOH C 3 .   ? -5.270  4.056   16.893  1.00 33.98 ? 343 HOH A O     1 
HETATM 1537 O O     . HOH C 3 .   ? -14.239 -11.957 -4.322  1.00 36.55 ? 344 HOH A O     1 
HETATM 1538 O O     . HOH C 3 .   ? 2.742   4.047   21.797  1.00 45.19 ? 345 HOH A O     1 
HETATM 1539 O O     . HOH C 3 .   ? 2.769   -15.078 7.661   1.00 39.58 ? 346 HOH A O     1 
HETATM 1540 O O     . HOH C 3 .   ? -8.171  -11.939 -16.232 1.00 37.11 ? 347 HOH A O     1 
HETATM 1541 O O     . HOH C 3 .   ? 9.551   13.780  -14.018 1.00 58.61 ? 348 HOH A O     1 
HETATM 1542 O O     . HOH C 3 .   ? -15.162 6.267   -2.052  1.00 32.96 ? 349 HOH A O     1 
HETATM 1543 O O     . HOH C 3 .   ? 19.834  1.994   -0.106  1.00 34.14 ? 350 HOH A O     1 
HETATM 1544 O O     . HOH C 3 .   ? 10.077  12.419  -0.230  1.00 35.21 ? 351 HOH A O     1 
HETATM 1545 O O     . HOH C 3 .   ? -18.854 5.783   7.117   1.00 41.49 ? 352 HOH A O     1 
HETATM 1546 O O     . HOH C 3 .   ? 12.893  8.988   9.272   1.00 36.65 ? 353 HOH A O     1 
HETATM 1547 O O     . HOH C 3 .   ? -16.307 -7.400  -4.988  1.00 33.85 ? 354 HOH A O     1 
HETATM 1548 O O     . HOH C 3 .   ? -21.588 -17.747 2.541   1.00 43.57 ? 355 HOH A O     1 
HETATM 1549 O O     . HOH C 3 .   ? 8.316   2.031   -11.817 1.00 36.65 ? 356 HOH A O     1 
HETATM 1550 O O     . HOH C 3 .   ? 10.561  -2.329  -14.749 1.00 50.61 ? 357 HOH A O     1 
HETATM 1551 O O     . HOH C 3 .   ? -4.333  17.097  5.540   1.00 34.96 ? 358 HOH A O     1 
HETATM 1552 O O     . HOH C 3 .   ? 0.006   -17.490 0.105   1.00 36.61 ? 359 HOH A O     1 
HETATM 1553 O O     . HOH C 3 .   ? 8.831   2.841   18.217  1.00 42.02 ? 360 HOH A O     1 
HETATM 1554 O O     . HOH C 3 .   ? 8.274   8.220   19.257  1.00 51.19 ? 361 HOH A O     1 
HETATM 1555 O O     . HOH C 3 .   ? -13.278 -5.028  6.230   1.00 43.99 ? 362 HOH A O     1 
HETATM 1556 O O     . HOH C 3 .   ? -9.687  -3.204  14.206  1.00 43.21 ? 363 HOH A O     1 
HETATM 1557 O O     . HOH C 3 .   ? 5.635   0.446   16.816  1.00 53.22 ? 364 HOH A O     1 
HETATM 1558 O O     . HOH C 3 .   ? -9.130  -5.632  3.670   1.00 27.83 ? 365 HOH A O     1 
HETATM 1559 O O     . HOH C 3 .   ? -6.178  -18.689 -12.016 1.00 33.44 ? 366 HOH A O     1 
HETATM 1560 O O     . HOH C 3 .   ? -1.839  7.475   17.459  1.00 25.79 ? 367 HOH A O     1 
HETATM 1561 O O     . HOH C 3 .   ? -12.115 6.686   9.877   1.00 37.48 ? 368 HOH A O     1 
HETATM 1562 O O     . HOH C 3 .   ? 3.221   -9.570  15.673  1.00 42.81 ? 369 HOH A O     1 
HETATM 1563 O O     . HOH C 3 .   ? -4.562  -8.453  -6.541  1.00 19.46 ? 370 HOH A O     1 
HETATM 1564 O O     . HOH C 3 .   ? -2.036  -11.369 -11.964 1.00 41.53 ? 371 HOH A O     1 
HETATM 1565 O O     . HOH C 3 .   ? -8.967  1.431   12.812  1.00 28.37 ? 372 HOH A O     1 
HETATM 1566 O O     . HOH C 3 .   ? -7.257  7.354   14.854  1.00 32.03 ? 373 HOH A O     1 
HETATM 1567 O O     . HOH C 3 .   ? 1.788   20.434  -2.972  1.00 48.87 ? 374 HOH A O     1 
HETATM 1568 O O     . HOH C 3 .   ? 13.773  6.621   14.459  1.00 33.81 ? 375 HOH A O     1 
HETATM 1569 O O     . HOH C 3 .   ? 17.475  4.169   -5.601  1.00 27.86 ? 376 HOH A O     1 
HETATM 1570 O O     . HOH C 3 .   ? 15.675  4.713   -10.596 1.00 34.56 ? 377 HOH A O     1 
HETATM 1571 O O     . HOH C 3 .   ? -0.910  -0.939  24.075  1.00 43.52 ? 378 HOH A O     1 
HETATM 1572 O O     . HOH C 3 .   ? 0.835   -0.642  18.689  1.00 34.90 ? 379 HOH A O     1 
HETATM 1573 O O     . HOH C 3 .   ? -10.684 -1.018  1.416   1.00 35.07 ? 380 HOH A O     1 
HETATM 1574 O O     . HOH C 3 .   ? -6.607  -14.031 -1.760  1.00 30.12 ? 381 HOH A O     1 
HETATM 1575 O O     . HOH C 3 .   ? 5.620   15.531  -4.072  1.00 44.88 ? 382 HOH A O     1 
HETATM 1576 O O     . HOH C 3 .   ? 7.249   -8.542  5.977   1.00 39.29 ? 383 HOH A O     1 
HETATM 1577 O O     . HOH C 3 .   ? 4.065   -10.320 -4.180  1.00 43.78 ? 384 HOH A O     1 
HETATM 1578 O O     . HOH C 3 .   ? -13.026 -3.641  3.675   1.00 35.61 ? 385 HOH A O     1 
HETATM 1579 O O     . HOH C 3 .   ? 7.324   20.910  -10.876 1.00 45.82 ? 386 HOH A O     1 
HETATM 1580 O O     . HOH C 3 .   ? -10.101 -2.715  -16.353 1.00 42.96 ? 387 HOH A O     1 
HETATM 1581 O O     . HOH C 3 .   ? -3.408  13.755  -9.207  1.00 51.42 ? 388 HOH A O     1 
HETATM 1582 O O     . HOH C 3 .   ? -11.491 2.597   -0.677  1.00 47.88 ? 389 HOH A O     1 
HETATM 1583 O O     . HOH C 3 .   ? -14.725 4.306   -0.101  1.00 43.33 ? 390 HOH A O     1 
HETATM 1584 O O     . HOH C 3 .   ? -1.762  -15.791 11.450  1.00 57.79 ? 391 HOH A O     1 
HETATM 1585 O O     . HOH C 3 .   ? -24.100 -8.883  11.827  1.00 53.95 ? 392 HOH A O     1 
HETATM 1586 O O     . HOH C 3 .   ? 9.209   -9.180  -13.468 1.00 47.67 ? 393 HOH A O     1 
HETATM 1587 O O     . HOH C 3 .   ? 9.828   0.867   14.857  1.00 42.73 ? 394 HOH A O     1 
HETATM 1588 O O     . HOH C 3 .   ? 17.625  -2.360  -0.873  1.00 37.95 ? 395 HOH A O     1 
HETATM 1589 O O     . HOH C 3 .   ? -0.118  14.286  5.479   1.00 38.38 ? 396 HOH A O     1 
HETATM 1590 O O     . HOH C 3 .   ? 15.415  11.442  11.812  1.00 51.50 ? 397 HOH A O     1 
HETATM 1591 O O     . HOH C 3 .   ? 2.655   -19.026 -2.624  1.00 43.16 ? 398 HOH A O     1 
HETATM 1592 O O     . HOH C 3 .   ? 14.111  -1.004  -12.671 1.00 54.59 ? 399 HOH A O     1 
HETATM 1593 O O     . HOH C 3 .   ? -0.555  -13.527 -11.941 1.00 34.91 ? 400 HOH A O     1 
HETATM 1594 O O     . HOH C 3 .   ? 0.596   9.435   16.558  1.00 41.00 ? 401 HOH A O     1 
HETATM 1595 O O     . HOH C 3 .   ? 1.581   17.642  -2.742  1.00 47.02 ? 402 HOH A O     1 
HETATM 1596 O O     . HOH C 3 .   ? 4.419   -15.327 -2.783  1.00 44.32 ? 403 HOH A O     1 
HETATM 1597 O O     . HOH C 3 .   ? 10.603  -2.935  13.831  1.00 51.75 ? 404 HOH A O     1 
HETATM 1598 O O     . HOH C 3 .   ? 5.703   12.281  17.109  1.00 46.94 ? 405 HOH A O     1 
HETATM 1599 O O     . HOH C 3 .   ? -10.179 -14.683 -2.371  1.00 57.46 ? 406 HOH A O     1 
HETATM 1600 O O     . HOH C 3 .   ? -0.255  -25.327 -2.543  1.00 55.60 ? 407 HOH A O     1 
HETATM 1601 O O     . HOH C 3 .   ? -12.695 0.724   -8.976  1.00 47.17 ? 408 HOH A O     1 
HETATM 1602 O O     . HOH C 3 .   ? -6.317  10.947  -9.392  1.00 51.26 ? 409 HOH A O     1 
HETATM 1603 O O     . HOH C 3 .   ? -19.023 -6.809  0.784   1.00 49.41 ? 410 HOH A O     1 
HETATM 1604 O O     . HOH C 3 .   ? 10.158  16.094  2.635   1.00 55.61 ? 411 HOH A O     1 
HETATM 1605 O O     . HOH C 3 .   ? -9.362  -3.723  -13.052 1.00 52.18 ? 412 HOH A O     1 
HETATM 1606 O O     . HOH C 3 .   ? 8.335   14.187  15.305  1.00 61.32 ? 413 HOH A O     1 
HETATM 1607 O O     . HOH C 3 .   ? -3.170  -7.044  -18.362 1.00 43.02 ? 414 HOH A O     1 
HETATM 1608 O O     . HOH C 3 .   ? -8.904  -19.778 -5.386  1.00 46.51 ? 415 HOH A O     1 
HETATM 1609 O O     . HOH C 3 .   ? 14.502  -4.459  -12.097 1.00 48.15 ? 416 HOH A O     1 
HETATM 1610 O O     . HOH C 3 .   ? 9.441   -5.399  -11.490 1.00 47.50 ? 417 HOH A O     1 
HETATM 1611 O O     . HOH C 3 .   ? -12.601 8.380   8.092   1.00 28.17 ? 418 HOH A O     1 
HETATM 1612 O O     . HOH C 3 .   ? 3.347   -15.801 0.563   1.00 53.92 ? 419 HOH A O     1 
HETATM 1613 O O     . HOH C 3 .   ? 4.115   -13.141 -0.432  1.00 46.22 ? 420 HOH A O     1 
HETATM 1614 O O     . HOH C 3 .   ? 8.944   -6.251  7.396   1.00 53.03 ? 421 HOH A O     1 
HETATM 1615 O O     . HOH C 3 .   ? 14.182  -4.677  9.468   1.00 52.92 ? 422 HOH A O     1 
HETATM 1616 O O     . HOH C 3 .   ? 13.361  -4.576  6.693   1.00 49.08 ? 423 HOH A O     1 
HETATM 1617 O O     . HOH C 3 .   ? -17.853 -7.383  3.862   1.00 59.99 ? 424 HOH A O     1 
HETATM 1618 O O     . HOH C 3 .   ? -10.390 -5.466  6.455   1.00 44.68 ? 425 HOH A O     1 
HETATM 1619 O O     . HOH C 3 .   ? 10.019  16.011  -7.406  1.00 57.06 ? 426 HOH A O     1 
HETATM 1620 O O     . HOH C 3 .   ? -23.750 -9.708  4.396   1.00 54.33 ? 427 HOH A O     1 
HETATM 1621 O O     . HOH C 3 .   ? -8.074  15.084  -4.865  1.00 60.39 ? 428 HOH A O     1 
HETATM 1622 O O     . HOH C 3 .   ? -2.030  6.212   -20.786 1.00 59.93 ? 429 HOH A O     1 
HETATM 1623 O O     . HOH C 3 .   ? -14.936 -3.212  8.414   1.00 59.28 ? 430 HOH A O     1 
HETATM 1624 O O     . HOH C 3 .   ? 16.222  16.559  6.062   1.00 50.89 ? 431 HOH A O     1 
HETATM 1625 O O     . HOH C 3 .   ? -12.721 8.440   -4.845  1.00 42.58 ? 432 HOH A O     1 
HETATM 1626 O O     . HOH C 3 .   ? 3.733   -16.480 -6.976  1.00 47.13 ? 433 HOH A O     1 
HETATM 1627 O O     . HOH C 3 .   ? 11.618  -6.257  9.250   1.00 45.56 ? 434 HOH A O     1 
HETATM 1628 O O     . HOH C 3 .   ? -16.636 7.572   7.762   1.00 51.26 ? 435 HOH A O     1 
HETATM 1629 O O     . HOH C 3 .   ? -6.801  17.327  -7.289  1.00 59.05 ? 436 HOH A O     1 
# 
loop_
_pdbx_poly_seq_scheme.asym_id 
_pdbx_poly_seq_scheme.entity_id 
_pdbx_poly_seq_scheme.seq_id 
_pdbx_poly_seq_scheme.mon_id 
_pdbx_poly_seq_scheme.ndb_seq_num 
_pdbx_poly_seq_scheme.pdb_seq_num 
_pdbx_poly_seq_scheme.auth_seq_num 
_pdbx_poly_seq_scheme.pdb_mon_id 
_pdbx_poly_seq_scheme.auth_mon_id 
_pdbx_poly_seq_scheme.pdb_strand_id 
_pdbx_poly_seq_scheme.pdb_ins_code 
_pdbx_poly_seq_scheme.hetero 
A 1 1   MET 1   1   1   MET MET A . n 
A 1 2   SER 2   2   2   SER SER A . n 
A 1 3   ASN 3   3   3   ASN ASN A . n 
A 1 4   ILE 4   4   4   ILE ILE A . n 
A 1 5   SER 5   5   5   SER SER A . n 
A 1 6   LEU 6   6   6   LEU LEU A . n 
A 1 7   ILE 7   7   7   ILE ILE A . n 
A 1 8   VAL 8   8   8   VAL VAL A . n 
A 1 9   GLY 9   9   9   GLY GLY A . n 
A 1 10  LEU 10  10  10  LEU LEU A . n 
A 1 11  GLY 11  11  11  GLY GLY A . n 
A 1 12  ASN 12  12  12  ASN ASN A . n 
A 1 13  PRO 13  13  13  PRO PRO A . n 
A 1 14  GLY 14  14  14  GLY GLY A . n 
A 1 15  SER 15  15  15  SER SER A . n 
A 1 16  GLU 16  16  16  GLU GLU A . n 
A 1 17  TYR 17  17  17  TYR TYR A . n 
A 1 18  ALA 18  18  18  ALA ALA A . n 
A 1 19  GLN 19  19  19  GLN GLN A . n 
A 1 20  THR 20  20  20  THR THR A . n 
A 1 21  ARG 21  21  21  ARG ARG A . n 
A 1 22  HIS 22  22  22  HIS HIS A . n 
A 1 23  ASN 23  23  23  ASN ASN A . n 
A 1 24  ALA 24  24  24  ALA ALA A . n 
A 1 25  GLY 25  25  25  GLY GLY A . n 
A 1 26  PHE 26  26  26  PHE PHE A . n 
A 1 27  TRP 27  27  27  TRP TRP A . n 
A 1 28  PHE 28  28  28  PHE PHE A . n 
A 1 29  VAL 29  29  29  VAL VAL A . n 
A 1 30  GLU 30  30  30  GLU GLU A . n 
A 1 31  GLN 31  31  31  GLN GLN A . n 
A 1 32  LEU 32  32  32  LEU LEU A . n 
A 1 33  ALA 33  33  33  ALA ALA A . n 
A 1 34  ASP 34  34  34  ASP ASP A . n 
A 1 35  LYS 35  35  35  LYS LYS A . n 
A 1 36  TYR 36  36  36  TYR TYR A . n 
A 1 37  GLY 37  37  37  GLY GLY A . n 
A 1 38  ILE 38  38  38  ILE ILE A . n 
A 1 39  THR 39  39  39  THR THR A . n 
A 1 40  LEU 40  40  40  LEU LEU A . n 
A 1 41  LYS 41  41  41  LYS LYS A . n 
A 1 42  ASN 42  42  42  ASN ASN A . n 
A 1 43  ASP 43  43  43  ASP ASP A . n 
A 1 44  PRO 44  44  44  PRO PRO A . n 
A 1 45  LYS 45  45  45  LYS LYS A . n 
A 1 46  PHE 46  46  46  PHE PHE A . n 
A 1 47  HIS 47  47  47  HIS HIS A . n 
A 1 48  GLY 48  48  48  GLY GLY A . n 
A 1 49  ILE 49  49  49  ILE ILE A . n 
A 1 50  SER 50  50  50  SER SER A . n 
A 1 51  GLY 51  51  51  GLY GLY A . n 
A 1 52  ARG 52  52  52  ARG ARG A . n 
A 1 53  GLY 53  53  53  GLY GLY A . n 
A 1 54  ASN 54  54  54  ASN ASN A . n 
A 1 55  ILE 55  55  55  ILE ILE A . n 
A 1 56  GLU 56  56  56  GLU GLU A . n 
A 1 57  GLY 57  57  57  GLY GLY A . n 
A 1 58  HIS 58  58  58  HIS HIS A . n 
A 1 59  ASP 59  59  59  ASP ASP A . n 
A 1 60  VAL 60  60  60  VAL VAL A . n 
A 1 61  ARG 61  61  61  ARG ARG A . n 
A 1 62  LEU 62  62  62  LEU LEU A . n 
A 1 63  LEU 63  63  63  LEU LEU A . n 
A 1 64  LEU 64  64  64  LEU LEU A . n 
A 1 65  PRO 65  65  65  PRO PRO A . n 
A 1 66  MET 66  66  66  MET MET A . n 
A 1 67  THR 67  67  67  THR THR A . n 
A 1 68  TYR 68  68  68  TYR TYR A . n 
A 1 69  MET 69  69  69  MET MET A . n 
A 1 70  ASN 70  70  70  ASN ASN A . n 
A 1 71  ARG 71  71  71  ARG ARG A . n 
A 1 72  SER 72  72  72  SER SER A . n 
A 1 73  GLY 73  73  73  GLY GLY A . n 
A 1 74  GLN 74  74  74  GLN GLN A . n 
A 1 75  SER 75  75  75  SER SER A . n 
A 1 76  VAL 76  76  76  VAL VAL A . n 
A 1 77  VAL 77  77  77  VAL VAL A . n 
A 1 78  PRO 78  78  78  PRO PRO A . n 
A 1 79  PHE 79  79  79  PHE PHE A . n 
A 1 80  SER 80  80  80  SER SER A . n 
A 1 81  LYS 81  81  81  LYS LYS A . n 
A 1 82  PHE 82  82  82  PHE PHE A . n 
A 1 83  TYR 83  83  83  TYR TYR A . n 
A 1 84  GLN 84  84  84  GLN GLN A . n 
A 1 85  ILE 85  85  85  ILE ILE A . n 
A 1 86  ALA 86  86  86  ALA ALA A . n 
A 1 87  PRO 87  87  87  PRO PRO A . n 
A 1 88  GLU 88  88  88  GLU GLU A . n 
A 1 89  ALA 89  89  89  ALA ALA A . n 
A 1 90  ILE 90  90  90  ILE ILE A . n 
A 1 91  LEU 91  91  91  LEU LEU A . n 
A 1 92  ILE 92  92  92  ILE ILE A . n 
A 1 93  ALA 93  93  93  ALA ALA A . n 
A 1 94  HIS 94  94  94  HIS HIS A . n 
A 1 95  ASP 95  95  95  ASP ASP A . n 
A 1 96  GLU 96  96  96  GLU GLU A . n 
A 1 97  LEU 97  97  97  LEU LEU A . n 
A 1 98  ASP 98  98  98  ASP ASP A . n 
A 1 99  MET 99  99  99  MET MET A . n 
A 1 100 ASN 100 100 100 ASN ASN A . n 
A 1 101 PRO 101 101 101 PRO PRO A . n 
A 1 102 GLY 102 102 102 GLY GLY A . n 
A 1 103 VAL 103 103 103 VAL VAL A . n 
A 1 104 ILE 104 104 104 ILE ILE A . n 
A 1 105 ARG 105 105 105 ARG ARG A . n 
A 1 106 LEU 106 106 106 LEU LEU A . n 
A 1 107 LYS 107 107 107 LYS LYS A . n 
A 1 108 THR 108 108 108 THR THR A . n 
A 1 109 GLY 109 109 109 GLY GLY A . n 
A 1 110 GLY 110 110 110 GLY GLY A . n 
A 1 111 GLY 111 111 111 GLY GLY A . n 
A 1 112 HIS 112 112 112 HIS HIS A . n 
A 1 113 GLY 113 113 113 GLY GLY A . n 
A 1 114 GLY 114 114 114 GLY GLY A . n 
A 1 115 HIS 115 115 115 HIS HIS A . n 
A 1 116 ASN 116 116 116 ASN ASN A . n 
A 1 117 GLY 117 117 117 GLY GLY A . n 
A 1 118 LEU 118 118 118 LEU LEU A . n 
A 1 119 ARG 119 119 119 ARG ARG A . n 
A 1 120 ASP 120 120 120 ASP ASP A . n 
A 1 121 ILE 121 121 121 ILE ILE A . n 
A 1 122 VAL 122 122 122 VAL VAL A . n 
A 1 123 PRO 123 123 123 PRO PRO A . n 
A 1 124 HIS 124 124 124 HIS HIS A . n 
A 1 125 ILE 125 125 125 ILE ILE A . n 
A 1 126 GLY 126 126 126 GLY GLY A . n 
A 1 127 PRO 127 127 127 PRO PRO A . n 
A 1 128 ASN 128 128 128 ASN ASN A . n 
A 1 129 PHE 129 129 129 PHE PHE A . n 
A 1 130 HIS 130 130 130 HIS HIS A . n 
A 1 131 ARG 131 131 131 ARG ARG A . n 
A 1 132 LEU 132 132 132 LEU LEU A . n 
A 1 133 ARG 133 133 133 ARG ARG A . n 
A 1 134 ILE 134 134 134 ILE ILE A . n 
A 1 135 GLY 135 135 135 GLY GLY A . n 
A 1 136 ILE 136 136 136 ILE ILE A . n 
A 1 137 GLY 137 137 137 GLY GLY A . n 
A 1 138 HIS 138 138 138 HIS HIS A . n 
A 1 139 PRO 139 139 139 PRO PRO A . n 
A 1 140 GLY 140 140 140 GLY GLY A . n 
A 1 141 SER 141 141 141 SER SER A . n 
A 1 142 LYS 142 142 142 LYS LYS A . n 
A 1 143 GLU 143 143 143 GLU GLU A . n 
A 1 144 ARG 144 144 144 ARG ARG A . n 
A 1 145 VAL 145 145 145 VAL VAL A . n 
A 1 146 SER 146 146 146 SER SER A . n 
A 1 147 GLY 147 147 147 GLY GLY A . n 
A 1 148 HIS 148 148 148 HIS HIS A . n 
A 1 149 VAL 149 149 149 VAL VAL A . n 
A 1 150 LEU 150 150 150 LEU LEU A . n 
A 1 151 GLY 151 151 151 GLY GLY A . n 
A 1 152 LYS 152 152 152 LYS LYS A . n 
A 1 153 ALA 153 153 153 ALA ALA A . n 
A 1 154 PRO 154 154 154 PRO PRO A . n 
A 1 155 SER 155 155 155 SER SER A . n 
A 1 156 ASN 156 156 156 ASN ASN A . n 
A 1 157 GLU 157 157 157 GLU GLU A . n 
A 1 158 GLN 158 158 158 GLN GLN A . n 
A 1 159 SER 159 159 159 SER SER A . n 
A 1 160 LEU 160 160 160 LEU LEU A . n 
A 1 161 MET 161 161 161 MET MET A . n 
A 1 162 ASP 162 162 162 ASP ASP A . n 
A 1 163 GLY 163 163 163 GLY GLY A . n 
A 1 164 ALA 164 164 164 ALA ALA A . n 
A 1 165 ILE 165 165 165 ILE ILE A . n 
A 1 166 ASP 166 166 166 ASP ASP A . n 
A 1 167 HIS 167 167 167 HIS HIS A . n 
A 1 168 ALA 168 168 168 ALA ALA A . n 
A 1 169 LEU 169 169 169 LEU LEU A . n 
A 1 170 SER 170 170 170 SER SER A . n 
A 1 171 LYS 171 171 171 LYS LYS A . n 
A 1 172 VAL 172 172 172 VAL VAL A . n 
A 1 173 LYS 173 173 173 LYS LYS A . n 
A 1 174 LEU 174 174 174 LEU LEU A . n 
A 1 175 LEU 175 175 175 LEU LEU A . n 
A 1 176 VAL 176 176 176 VAL VAL A . n 
A 1 177 GLN 177 177 177 GLN GLN A . n 
A 1 178 GLY 178 178 178 GLY GLY A . n 
A 1 179 GLN 179 179 179 GLN GLN A . n 
A 1 180 VAL 180 180 180 VAL VAL A . n 
A 1 181 PRO 181 181 181 PRO PRO A . n 
A 1 182 GLN 182 182 182 GLN GLN A . n 
A 1 183 ALA 183 183 183 ALA ALA A . n 
A 1 184 MET 184 184 184 MET MET A . n 
A 1 185 ASN 185 185 185 ASN ASN A . n 
A 1 186 GLN 186 186 186 GLN GLN A . n 
A 1 187 ILE 187 187 187 ILE ILE A . n 
A 1 188 ASN 188 188 188 ASN ASN A . n 
A 1 189 ALA 189 189 189 ALA ALA A . n 
A 1 190 TYR 190 190 190 TYR TYR A . n 
A 1 191 LYS 191 191 191 LYS LYS A . n 
A 1 192 PRO 192 192 192 PRO PRO A . n 
A 1 193 ALA 193 193 193 ALA ALA A . n 
# 
loop_
_pdbx_nonpoly_scheme.asym_id 
_pdbx_nonpoly_scheme.entity_id 
_pdbx_nonpoly_scheme.mon_id 
_pdbx_nonpoly_scheme.ndb_seq_num 
_pdbx_nonpoly_scheme.pdb_seq_num 
_pdbx_nonpoly_scheme.auth_seq_num 
_pdbx_nonpoly_scheme.pdb_mon_id 
_pdbx_nonpoly_scheme.auth_mon_id 
_pdbx_nonpoly_scheme.pdb_strand_id 
_pdbx_nonpoly_scheme.pdb_ins_code 
B 2 CTN 1   201 1   CTN CTN A . 
C 3 HOH 1   301 1   HOH HOH A . 
C 3 HOH 2   302 2   HOH HOH A . 
C 3 HOH 3   303 3   HOH HOH A . 
C 3 HOH 4   304 4   HOH HOH A . 
C 3 HOH 5   305 125 HOH HOH A . 
C 3 HOH 6   306 65  HOH HOH A . 
C 3 HOH 7   307 7   HOH HOH A . 
C 3 HOH 8   308 8   HOH HOH A . 
C 3 HOH 9   309 9   HOH HOH A . 
C 3 HOH 10  310 10  HOH HOH A . 
C 3 HOH 11  311 11  HOH HOH A . 
C 3 HOH 12  312 12  HOH HOH A . 
C 3 HOH 13  313 13  HOH HOH A . 
C 3 HOH 14  314 14  HOH HOH A . 
C 3 HOH 15  315 15  HOH HOH A . 
C 3 HOH 16  316 16  HOH HOH A . 
C 3 HOH 17  317 17  HOH HOH A . 
C 3 HOH 18  318 18  HOH HOH A . 
C 3 HOH 19  319 19  HOH HOH A . 
C 3 HOH 20  320 20  HOH HOH A . 
C 3 HOH 21  321 21  HOH HOH A . 
C 3 HOH 22  322 22  HOH HOH A . 
C 3 HOH 23  323 23  HOH HOH A . 
C 3 HOH 24  324 24  HOH HOH A . 
C 3 HOH 25  325 25  HOH HOH A . 
C 3 HOH 26  326 26  HOH HOH A . 
C 3 HOH 27  327 27  HOH HOH A . 
C 3 HOH 28  328 28  HOH HOH A . 
C 3 HOH 29  329 29  HOH HOH A . 
C 3 HOH 30  330 30  HOH HOH A . 
C 3 HOH 31  331 31  HOH HOH A . 
C 3 HOH 32  332 32  HOH HOH A . 
C 3 HOH 33  333 33  HOH HOH A . 
C 3 HOH 34  334 34  HOH HOH A . 
C 3 HOH 35  335 35  HOH HOH A . 
C 3 HOH 36  336 36  HOH HOH A . 
C 3 HOH 37  337 37  HOH HOH A . 
C 3 HOH 38  338 38  HOH HOH A . 
C 3 HOH 39  339 39  HOH HOH A . 
C 3 HOH 40  340 40  HOH HOH A . 
C 3 HOH 41  341 41  HOH HOH A . 
C 3 HOH 42  342 42  HOH HOH A . 
C 3 HOH 43  343 43  HOH HOH A . 
C 3 HOH 44  344 44  HOH HOH A . 
C 3 HOH 45  345 45  HOH HOH A . 
C 3 HOH 46  346 46  HOH HOH A . 
C 3 HOH 47  347 47  HOH HOH A . 
C 3 HOH 48  348 48  HOH HOH A . 
C 3 HOH 49  349 49  HOH HOH A . 
C 3 HOH 50  350 50  HOH HOH A . 
C 3 HOH 51  351 51  HOH HOH A . 
C 3 HOH 52  352 52  HOH HOH A . 
C 3 HOH 53  353 53  HOH HOH A . 
C 3 HOH 54  354 54  HOH HOH A . 
C 3 HOH 55  355 55  HOH HOH A . 
C 3 HOH 56  356 56  HOH HOH A . 
C 3 HOH 57  357 57  HOH HOH A . 
C 3 HOH 58  358 58  HOH HOH A . 
C 3 HOH 59  359 59  HOH HOH A . 
C 3 HOH 60  360 60  HOH HOH A . 
C 3 HOH 61  361 61  HOH HOH A . 
C 3 HOH 62  362 62  HOH HOH A . 
C 3 HOH 63  363 63  HOH HOH A . 
C 3 HOH 64  364 64  HOH HOH A . 
C 3 HOH 65  365 6   HOH HOH A . 
C 3 HOH 66  366 66  HOH HOH A . 
C 3 HOH 67  367 67  HOH HOH A . 
C 3 HOH 68  368 68  HOH HOH A . 
C 3 HOH 69  369 69  HOH HOH A . 
C 3 HOH 70  370 70  HOH HOH A . 
C 3 HOH 71  371 71  HOH HOH A . 
C 3 HOH 72  372 72  HOH HOH A . 
C 3 HOH 73  373 73  HOH HOH A . 
C 3 HOH 74  374 74  HOH HOH A . 
C 3 HOH 75  375 75  HOH HOH A . 
C 3 HOH 76  376 76  HOH HOH A . 
C 3 HOH 77  377 77  HOH HOH A . 
C 3 HOH 78  378 78  HOH HOH A . 
C 3 HOH 79  379 79  HOH HOH A . 
C 3 HOH 80  380 80  HOH HOH A . 
C 3 HOH 81  381 81  HOH HOH A . 
C 3 HOH 82  382 82  HOH HOH A . 
C 3 HOH 83  383 83  HOH HOH A . 
C 3 HOH 84  384 84  HOH HOH A . 
C 3 HOH 85  385 85  HOH HOH A . 
C 3 HOH 86  386 86  HOH HOH A . 
C 3 HOH 87  387 87  HOH HOH A . 
C 3 HOH 88  388 88  HOH HOH A . 
C 3 HOH 89  389 89  HOH HOH A . 
C 3 HOH 90  390 90  HOH HOH A . 
C 3 HOH 91  391 91  HOH HOH A . 
C 3 HOH 92  392 92  HOH HOH A . 
C 3 HOH 93  393 93  HOH HOH A . 
C 3 HOH 94  394 94  HOH HOH A . 
C 3 HOH 95  395 95  HOH HOH A . 
C 3 HOH 96  396 96  HOH HOH A . 
C 3 HOH 97  397 97  HOH HOH A . 
C 3 HOH 98  398 98  HOH HOH A . 
C 3 HOH 99  399 99  HOH HOH A . 
C 3 HOH 100 400 100 HOH HOH A . 
C 3 HOH 101 401 101 HOH HOH A . 
C 3 HOH 102 402 102 HOH HOH A . 
C 3 HOH 103 403 103 HOH HOH A . 
C 3 HOH 104 404 104 HOH HOH A . 
C 3 HOH 105 405 105 HOH HOH A . 
C 3 HOH 106 406 106 HOH HOH A . 
C 3 HOH 107 407 107 HOH HOH A . 
C 3 HOH 108 408 108 HOH HOH A . 
C 3 HOH 109 409 109 HOH HOH A . 
C 3 HOH 110 410 110 HOH HOH A . 
C 3 HOH 111 411 111 HOH HOH A . 
C 3 HOH 112 412 112 HOH HOH A . 
C 3 HOH 113 413 113 HOH HOH A . 
C 3 HOH 114 414 114 HOH HOH A . 
C 3 HOH 115 415 115 HOH HOH A . 
C 3 HOH 116 416 116 HOH HOH A . 
C 3 HOH 117 417 117 HOH HOH A . 
C 3 HOH 118 418 118 HOH HOH A . 
C 3 HOH 119 419 119 HOH HOH A . 
C 3 HOH 120 420 120 HOH HOH A . 
C 3 HOH 121 421 121 HOH HOH A . 
C 3 HOH 122 422 122 HOH HOH A . 
C 3 HOH 123 423 123 HOH HOH A . 
C 3 HOH 124 424 124 HOH HOH A . 
C 3 HOH 125 425 5   HOH HOH A . 
C 3 HOH 126 426 126 HOH HOH A . 
C 3 HOH 127 427 127 HOH HOH A . 
C 3 HOH 128 428 128 HOH HOH A . 
C 3 HOH 129 429 129 HOH HOH A . 
C 3 HOH 130 430 130 HOH HOH A . 
C 3 HOH 131 431 131 HOH HOH A . 
C 3 HOH 132 432 132 HOH HOH A . 
C 3 HOH 133 433 133 HOH HOH A . 
C 3 HOH 134 434 134 HOH HOH A . 
C 3 HOH 135 435 135 HOH HOH A . 
C 3 HOH 136 436 136 HOH HOH A . 
# 
_pdbx_struct_assembly.id                   1 
_pdbx_struct_assembly.details              author_and_software_defined_assembly 
_pdbx_struct_assembly.method_details       PISA 
_pdbx_struct_assembly.oligomeric_details   monomeric 
_pdbx_struct_assembly.oligomeric_count     1 
# 
_pdbx_struct_assembly_gen.assembly_id       1 
_pdbx_struct_assembly_gen.oper_expression   1 
_pdbx_struct_assembly_gen.asym_id_list      A,B,C 
# 
_pdbx_struct_oper_list.id                   1 
_pdbx_struct_oper_list.type                 'identity operation' 
_pdbx_struct_oper_list.name                 1_555 
_pdbx_struct_oper_list.symmetry_operation   x,y,z 
_pdbx_struct_oper_list.matrix[1][1]         1.0000000000 
_pdbx_struct_oper_list.matrix[1][2]         0.0000000000 
_pdbx_struct_oper_list.matrix[1][3]         0.0000000000 
_pdbx_struct_oper_list.vector[1]            0.0000000000 
_pdbx_struct_oper_list.matrix[2][1]         0.0000000000 
_pdbx_struct_oper_list.matrix[2][2]         1.0000000000 
_pdbx_struct_oper_list.matrix[2][3]         0.0000000000 
_pdbx_struct_oper_list.vector[2]            0.0000000000 
_pdbx_struct_oper_list.matrix[3][1]         0.0000000000 
_pdbx_struct_oper_list.matrix[3][2]         0.0000000000 
_pdbx_struct_oper_list.matrix[3][3]         1.0000000000 
_pdbx_struct_oper_list.vector[3]            0.0000000000 
# 
loop_
_pdbx_audit_revision_history.ordinal 
_pdbx_audit_revision_history.data_content_type 
_pdbx_audit_revision_history.major_revision 
_pdbx_audit_revision_history.minor_revision 
_pdbx_audit_revision_history.revision_date 
1 'Structure model' 1 0 2013-06-05 
2 'Structure model' 1 1 2013-07-17 
3 'Structure model' 1 2 2013-08-14 
4 'Structure model' 1 3 2023-11-08 
# 
_pdbx_audit_revision_details.ordinal             1 
_pdbx_audit_revision_details.revision_ordinal    1 
_pdbx_audit_revision_details.data_content_type   'Structure model' 
_pdbx_audit_revision_details.provider            repository 
_pdbx_audit_revision_details.type                'Initial release' 
_pdbx_audit_revision_details.description         ? 
_pdbx_audit_revision_details.details             ? 
# 
loop_
_pdbx_audit_revision_group.ordinal 
_pdbx_audit_revision_group.revision_ordinal 
_pdbx_audit_revision_group.data_content_type 
_pdbx_audit_revision_group.group 
1 2 'Structure model' 'Database references'    
2 3 'Structure model' 'Database references'    
3 4 'Structure model' 'Data collection'        
4 4 'Structure model' 'Database references'    
5 4 'Structure model' 'Derived calculations'   
6 4 'Structure model' 'Refinement description' 
# 
loop_
_pdbx_audit_revision_category.ordinal 
_pdbx_audit_revision_category.revision_ordinal 
_pdbx_audit_revision_category.data_content_type 
_pdbx_audit_revision_category.category 
1 4 'Structure model' chem_comp_atom                
2 4 'Structure model' chem_comp_bond                
3 4 'Structure model' database_2                    
4 4 'Structure model' pdbx_initial_refinement_model 
5 4 'Structure model' struct_site                   
# 
loop_
_pdbx_audit_revision_item.ordinal 
_pdbx_audit_revision_item.revision_ordinal 
_pdbx_audit_revision_item.data_content_type 
_pdbx_audit_revision_item.item 
1 4 'Structure model' '_database_2.pdbx_DOI'                
2 4 'Structure model' '_database_2.pdbx_database_accession' 
3 4 'Structure model' '_struct_site.pdbx_auth_asym_id'      
4 4 'Structure model' '_struct_site.pdbx_auth_comp_id'      
5 4 'Structure model' '_struct_site.pdbx_auth_seq_id'       
# 
loop_
_software.name 
_software.classification 
_software.version 
_software.citation_id 
_software.pdbx_ordinal 
HKL-2000 'data collection' .        ? 1 
AMoRE    phasing           .        ? 2 
REFMAC   refinement        5.7.0032 ? 3 
HKL-2000 'data reduction'  .        ? 4 
HKL-2000 'data scaling'    .        ? 5 
# 
_pdbx_validate_torsion.id              1 
_pdbx_validate_torsion.PDB_model_num   1 
_pdbx_validate_torsion.auth_comp_id    TYR 
_pdbx_validate_torsion.auth_asym_id    A 
_pdbx_validate_torsion.auth_seq_id     68 
_pdbx_validate_torsion.PDB_ins_code    ? 
_pdbx_validate_torsion.label_alt_id    ? 
_pdbx_validate_torsion.phi             74.29 
_pdbx_validate_torsion.psi             149.17 
# 
loop_
_chem_comp_atom.comp_id 
_chem_comp_atom.atom_id 
_chem_comp_atom.type_symbol 
_chem_comp_atom.pdbx_aromatic_flag 
_chem_comp_atom.pdbx_stereo_config 
_chem_comp_atom.pdbx_ordinal 
ALA N      N N N 1   
ALA CA     C N S 2   
ALA C      C N N 3   
ALA O      O N N 4   
ALA CB     C N N 5   
ALA OXT    O N N 6   
ALA H      H N N 7   
ALA H2     H N N 8   
ALA HA     H N N 9   
ALA HB1    H N N 10  
ALA HB2    H N N 11  
ALA HB3    H N N 12  
ALA HXT    H N N 13  
ARG N      N N N 14  
ARG CA     C N S 15  
ARG C      C N N 16  
ARG O      O N N 17  
ARG CB     C N N 18  
ARG CG     C N N 19  
ARG CD     C N N 20  
ARG NE     N N N 21  
ARG CZ     C N N 22  
ARG NH1    N N N 23  
ARG NH2    N N N 24  
ARG OXT    O N N 25  
ARG H      H N N 26  
ARG H2     H N N 27  
ARG HA     H N N 28  
ARG HB2    H N N 29  
ARG HB3    H N N 30  
ARG HG2    H N N 31  
ARG HG3    H N N 32  
ARG HD2    H N N 33  
ARG HD3    H N N 34  
ARG HE     H N N 35  
ARG HH11   H N N 36  
ARG HH12   H N N 37  
ARG HH21   H N N 38  
ARG HH22   H N N 39  
ARG HXT    H N N 40  
ASN N      N N N 41  
ASN CA     C N S 42  
ASN C      C N N 43  
ASN O      O N N 44  
ASN CB     C N N 45  
ASN CG     C N N 46  
ASN OD1    O N N 47  
ASN ND2    N N N 48  
ASN OXT    O N N 49  
ASN H      H N N 50  
ASN H2     H N N 51  
ASN HA     H N N 52  
ASN HB2    H N N 53  
ASN HB3    H N N 54  
ASN HD21   H N N 55  
ASN HD22   H N N 56  
ASN HXT    H N N 57  
ASP N      N N N 58  
ASP CA     C N S 59  
ASP C      C N N 60  
ASP O      O N N 61  
ASP CB     C N N 62  
ASP CG     C N N 63  
ASP OD1    O N N 64  
ASP OD2    O N N 65  
ASP OXT    O N N 66  
ASP H      H N N 67  
ASP H2     H N N 68  
ASP HA     H N N 69  
ASP HB2    H N N 70  
ASP HB3    H N N 71  
ASP HD2    H N N 72  
ASP HXT    H N N 73  
CTN "O5'"  O N N 74  
CTN "C5'"  C N N 75  
CTN "C4'"  C N R 76  
CTN "O4'"  O N N 77  
CTN "C1'"  C N R 78  
CTN N1     N Y N 79  
CTN C6     C Y N 80  
CTN C5     C Y N 81  
CTN C4     C Y N 82  
CTN N3     N Y N 83  
CTN C2     C Y N 84  
CTN O2     O N N 85  
CTN N4     N N N 86  
CTN "C2'"  C N R 87  
CTN "O2'"  O N N 88  
CTN "C3'"  C N S 89  
CTN "O3'"  O N N 90  
CTN "H5'"  H N N 91  
CTN "H5'1" H N N 92  
CTN "H5'2" H N N 93  
CTN "H4'"  H N N 94  
CTN "H1'"  H N N 95  
CTN H6     H N N 96  
CTN H5     H N N 97  
CTN HN41   H N N 98  
CTN HN42   H N N 99  
CTN "H2'"  H N N 100 
CTN H1     H N N 101 
CTN "H3'"  H N N 102 
CTN H2     H N N 103 
GLN N      N N N 104 
GLN CA     C N S 105 
GLN C      C N N 106 
GLN O      O N N 107 
GLN CB     C N N 108 
GLN CG     C N N 109 
GLN CD     C N N 110 
GLN OE1    O N N 111 
GLN NE2    N N N 112 
GLN OXT    O N N 113 
GLN H      H N N 114 
GLN H2     H N N 115 
GLN HA     H N N 116 
GLN HB2    H N N 117 
GLN HB3    H N N 118 
GLN HG2    H N N 119 
GLN HG3    H N N 120 
GLN HE21   H N N 121 
GLN HE22   H N N 122 
GLN HXT    H N N 123 
GLU N      N N N 124 
GLU CA     C N S 125 
GLU C      C N N 126 
GLU O      O N N 127 
GLU CB     C N N 128 
GLU CG     C N N 129 
GLU CD     C N N 130 
GLU OE1    O N N 131 
GLU OE2    O N N 132 
GLU OXT    O N N 133 
GLU H      H N N 134 
GLU H2     H N N 135 
GLU HA     H N N 136 
GLU HB2    H N N 137 
GLU HB3    H N N 138 
GLU HG2    H N N 139 
GLU HG3    H N N 140 
GLU HE2    H N N 141 
GLU HXT    H N N 142 
GLY N      N N N 143 
GLY CA     C N N 144 
GLY C      C N N 145 
GLY O      O N N 146 
GLY OXT    O N N 147 
GLY H      H N N 148 
GLY H2     H N N 149 
GLY HA2    H N N 150 
GLY HA3    H N N 151 
GLY HXT    H N N 152 
HIS N      N N N 153 
HIS CA     C N S 154 
HIS C      C N N 155 
HIS O      O N N 156 
HIS CB     C N N 157 
HIS CG     C Y N 158 
HIS ND1    N Y N 159 
HIS CD2    C Y N 160 
HIS CE1    C Y N 161 
HIS NE2    N Y N 162 
HIS OXT    O N N 163 
HIS H      H N N 164 
HIS H2     H N N 165 
HIS HA     H N N 166 
HIS HB2    H N N 167 
HIS HB3    H N N 168 
HIS HD1    H N N 169 
HIS HD2    H N N 170 
HIS HE1    H N N 171 
HIS HE2    H N N 172 
HIS HXT    H N N 173 
HOH O      O N N 174 
HOH H1     H N N 175 
HOH H2     H N N 176 
ILE N      N N N 177 
ILE CA     C N S 178 
ILE C      C N N 179 
ILE O      O N N 180 
ILE CB     C N S 181 
ILE CG1    C N N 182 
ILE CG2    C N N 183 
ILE CD1    C N N 184 
ILE OXT    O N N 185 
ILE H      H N N 186 
ILE H2     H N N 187 
ILE HA     H N N 188 
ILE HB     H N N 189 
ILE HG12   H N N 190 
ILE HG13   H N N 191 
ILE HG21   H N N 192 
ILE HG22   H N N 193 
ILE HG23   H N N 194 
ILE HD11   H N N 195 
ILE HD12   H N N 196 
ILE HD13   H N N 197 
ILE HXT    H N N 198 
LEU N      N N N 199 
LEU CA     C N S 200 
LEU C      C N N 201 
LEU O      O N N 202 
LEU CB     C N N 203 
LEU CG     C N N 204 
LEU CD1    C N N 205 
LEU CD2    C N N 206 
LEU OXT    O N N 207 
LEU H      H N N 208 
LEU H2     H N N 209 
LEU HA     H N N 210 
LEU HB2    H N N 211 
LEU HB3    H N N 212 
LEU HG     H N N 213 
LEU HD11   H N N 214 
LEU HD12   H N N 215 
LEU HD13   H N N 216 
LEU HD21   H N N 217 
LEU HD22   H N N 218 
LEU HD23   H N N 219 
LEU HXT    H N N 220 
LYS N      N N N 221 
LYS CA     C N S 222 
LYS C      C N N 223 
LYS O      O N N 224 
LYS CB     C N N 225 
LYS CG     C N N 226 
LYS CD     C N N 227 
LYS CE     C N N 228 
LYS NZ     N N N 229 
LYS OXT    O N N 230 
LYS H      H N N 231 
LYS H2     H N N 232 
LYS HA     H N N 233 
LYS HB2    H N N 234 
LYS HB3    H N N 235 
LYS HG2    H N N 236 
LYS HG3    H N N 237 
LYS HD2    H N N 238 
LYS HD3    H N N 239 
LYS HE2    H N N 240 
LYS HE3    H N N 241 
LYS HZ1    H N N 242 
LYS HZ2    H N N 243 
LYS HZ3    H N N 244 
LYS HXT    H N N 245 
MET N      N N N 246 
MET CA     C N S 247 
MET C      C N N 248 
MET O      O N N 249 
MET CB     C N N 250 
MET CG     C N N 251 
MET SD     S N N 252 
MET CE     C N N 253 
MET OXT    O N N 254 
MET H      H N N 255 
MET H2     H N N 256 
MET HA     H N N 257 
MET HB2    H N N 258 
MET HB3    H N N 259 
MET HG2    H N N 260 
MET HG3    H N N 261 
MET HE1    H N N 262 
MET HE2    H N N 263 
MET HE3    H N N 264 
MET HXT    H N N 265 
PHE N      N N N 266 
PHE CA     C N S 267 
PHE C      C N N 268 
PHE O      O N N 269 
PHE CB     C N N 270 
PHE CG     C Y N 271 
PHE CD1    C Y N 272 
PHE CD2    C Y N 273 
PHE CE1    C Y N 274 
PHE CE2    C Y N 275 
PHE CZ     C Y N 276 
PHE OXT    O N N 277 
PHE H      H N N 278 
PHE H2     H N N 279 
PHE HA     H N N 280 
PHE HB2    H N N 281 
PHE HB3    H N N 282 
PHE HD1    H N N 283 
PHE HD2    H N N 284 
PHE HE1    H N N 285 
PHE HE2    H N N 286 
PHE HZ     H N N 287 
PHE HXT    H N N 288 
PRO N      N N N 289 
PRO CA     C N S 290 
PRO C      C N N 291 
PRO O      O N N 292 
PRO CB     C N N 293 
PRO CG     C N N 294 
PRO CD     C N N 295 
PRO OXT    O N N 296 
PRO H      H N N 297 
PRO HA     H N N 298 
PRO HB2    H N N 299 
PRO HB3    H N N 300 
PRO HG2    H N N 301 
PRO HG3    H N N 302 
PRO HD2    H N N 303 
PRO HD3    H N N 304 
PRO HXT    H N N 305 
SER N      N N N 306 
SER CA     C N S 307 
SER C      C N N 308 
SER O      O N N 309 
SER CB     C N N 310 
SER OG     O N N 311 
SER OXT    O N N 312 
SER H      H N N 313 
SER H2     H N N 314 
SER HA     H N N 315 
SER HB2    H N N 316 
SER HB3    H N N 317 
SER HG     H N N 318 
SER HXT    H N N 319 
THR N      N N N 320 
THR CA     C N S 321 
THR C      C N N 322 
THR O      O N N 323 
THR CB     C N R 324 
THR OG1    O N N 325 
THR CG2    C N N 326 
THR OXT    O N N 327 
THR H      H N N 328 
THR H2     H N N 329 
THR HA     H N N 330 
THR HB     H N N 331 
THR HG1    H N N 332 
THR HG21   H N N 333 
THR HG22   H N N 334 
THR HG23   H N N 335 
THR HXT    H N N 336 
TRP N      N N N 337 
TRP CA     C N S 338 
TRP C      C N N 339 
TRP O      O N N 340 
TRP CB     C N N 341 
TRP CG     C Y N 342 
TRP CD1    C Y N 343 
TRP CD2    C Y N 344 
TRP NE1    N Y N 345 
TRP CE2    C Y N 346 
TRP CE3    C Y N 347 
TRP CZ2    C Y N 348 
TRP CZ3    C Y N 349 
TRP CH2    C Y N 350 
TRP OXT    O N N 351 
TRP H      H N N 352 
TRP H2     H N N 353 
TRP HA     H N N 354 
TRP HB2    H N N 355 
TRP HB3    H N N 356 
TRP HD1    H N N 357 
TRP HE1    H N N 358 
TRP HE3    H N N 359 
TRP HZ2    H N N 360 
TRP HZ3    H N N 361 
TRP HH2    H N N 362 
TRP HXT    H N N 363 
TYR N      N N N 364 
TYR CA     C N S 365 
TYR C      C N N 366 
TYR O      O N N 367 
TYR CB     C N N 368 
TYR CG     C Y N 369 
TYR CD1    C Y N 370 
TYR CD2    C Y N 371 
TYR CE1    C Y N 372 
TYR CE2    C Y N 373 
TYR CZ     C Y N 374 
TYR OH     O N N 375 
TYR OXT    O N N 376 
TYR H      H N N 377 
TYR H2     H N N 378 
TYR HA     H N N 379 
TYR HB2    H N N 380 
TYR HB3    H N N 381 
TYR HD1    H N N 382 
TYR HD2    H N N 383 
TYR HE1    H N N 384 
TYR HE2    H N N 385 
TYR HH     H N N 386 
TYR HXT    H N N 387 
VAL N      N N N 388 
VAL CA     C N S 389 
VAL C      C N N 390 
VAL O      O N N 391 
VAL CB     C N N 392 
VAL CG1    C N N 393 
VAL CG2    C N N 394 
VAL OXT    O N N 395 
VAL H      H N N 396 
VAL H2     H N N 397 
VAL HA     H N N 398 
VAL HB     H N N 399 
VAL HG11   H N N 400 
VAL HG12   H N N 401 
VAL HG13   H N N 402 
VAL HG21   H N N 403 
VAL HG22   H N N 404 
VAL HG23   H N N 405 
VAL HXT    H N N 406 
# 
loop_
_chem_comp_bond.comp_id 
_chem_comp_bond.atom_id_1 
_chem_comp_bond.atom_id_2 
_chem_comp_bond.value_order 
_chem_comp_bond.pdbx_aromatic_flag 
_chem_comp_bond.pdbx_stereo_config 
_chem_comp_bond.pdbx_ordinal 
ALA N     CA     sing N N 1   
ALA N     H      sing N N 2   
ALA N     H2     sing N N 3   
ALA CA    C      sing N N 4   
ALA CA    CB     sing N N 5   
ALA CA    HA     sing N N 6   
ALA C     O      doub N N 7   
ALA C     OXT    sing N N 8   
ALA CB    HB1    sing N N 9   
ALA CB    HB2    sing N N 10  
ALA CB    HB3    sing N N 11  
ALA OXT   HXT    sing N N 12  
ARG N     CA     sing N N 13  
ARG N     H      sing N N 14  
ARG N     H2     sing N N 15  
ARG CA    C      sing N N 16  
ARG CA    CB     sing N N 17  
ARG CA    HA     sing N N 18  
ARG C     O      doub N N 19  
ARG C     OXT    sing N N 20  
ARG CB    CG     sing N N 21  
ARG CB    HB2    sing N N 22  
ARG CB    HB3    sing N N 23  
ARG CG    CD     sing N N 24  
ARG CG    HG2    sing N N 25  
ARG CG    HG3    sing N N 26  
ARG CD    NE     sing N N 27  
ARG CD    HD2    sing N N 28  
ARG CD    HD3    sing N N 29  
ARG NE    CZ     sing N N 30  
ARG NE    HE     sing N N 31  
ARG CZ    NH1    sing N N 32  
ARG CZ    NH2    doub N N 33  
ARG NH1   HH11   sing N N 34  
ARG NH1   HH12   sing N N 35  
ARG NH2   HH21   sing N N 36  
ARG NH2   HH22   sing N N 37  
ARG OXT   HXT    sing N N 38  
ASN N     CA     sing N N 39  
ASN N     H      sing N N 40  
ASN N     H2     sing N N 41  
ASN CA    C      sing N N 42  
ASN CA    CB     sing N N 43  
ASN CA    HA     sing N N 44  
ASN C     O      doub N N 45  
ASN C     OXT    sing N N 46  
ASN CB    CG     sing N N 47  
ASN CB    HB2    sing N N 48  
ASN CB    HB3    sing N N 49  
ASN CG    OD1    doub N N 50  
ASN CG    ND2    sing N N 51  
ASN ND2   HD21   sing N N 52  
ASN ND2   HD22   sing N N 53  
ASN OXT   HXT    sing N N 54  
ASP N     CA     sing N N 55  
ASP N     H      sing N N 56  
ASP N     H2     sing N N 57  
ASP CA    C      sing N N 58  
ASP CA    CB     sing N N 59  
ASP CA    HA     sing N N 60  
ASP C     O      doub N N 61  
ASP C     OXT    sing N N 62  
ASP CB    CG     sing N N 63  
ASP CB    HB2    sing N N 64  
ASP CB    HB3    sing N N 65  
ASP CG    OD1    doub N N 66  
ASP CG    OD2    sing N N 67  
ASP OD2   HD2    sing N N 68  
ASP OXT   HXT    sing N N 69  
CTN "O5'" "C5'"  sing N N 70  
CTN "O5'" "H5'"  sing N N 71  
CTN "C5'" "C4'"  sing N N 72  
CTN "C5'" "H5'1" sing N N 73  
CTN "C5'" "H5'2" sing N N 74  
CTN "C4'" "O4'"  sing N N 75  
CTN "C4'" "C3'"  sing N N 76  
CTN "C4'" "H4'"  sing N N 77  
CTN "O4'" "C1'"  sing N N 78  
CTN "C1'" N1     sing N N 79  
CTN "C1'" "C2'"  sing N N 80  
CTN "C1'" "H1'"  sing N N 81  
CTN N1    C6     sing Y N 82  
CTN N1    C2     sing Y N 83  
CTN C6    C5     doub Y N 84  
CTN C6    H6     sing N N 85  
CTN C5    C4     sing Y N 86  
CTN C5    H5     sing N N 87  
CTN C4    N3     doub Y N 88  
CTN C4    N4     sing N N 89  
CTN N3    C2     sing Y N 90  
CTN C2    O2     doub N N 91  
CTN N4    HN41   sing N N 92  
CTN N4    HN42   sing N N 93  
CTN "C2'" "O2'"  sing N N 94  
CTN "C2'" "C3'"  sing N N 95  
CTN "C2'" "H2'"  sing N N 96  
CTN "O2'" H1     sing N N 97  
CTN "C3'" "O3'"  sing N N 98  
CTN "C3'" "H3'"  sing N N 99  
CTN "O3'" H2     sing N N 100 
GLN N     CA     sing N N 101 
GLN N     H      sing N N 102 
GLN N     H2     sing N N 103 
GLN CA    C      sing N N 104 
GLN CA    CB     sing N N 105 
GLN CA    HA     sing N N 106 
GLN C     O      doub N N 107 
GLN C     OXT    sing N N 108 
GLN CB    CG     sing N N 109 
GLN CB    HB2    sing N N 110 
GLN CB    HB3    sing N N 111 
GLN CG    CD     sing N N 112 
GLN CG    HG2    sing N N 113 
GLN CG    HG3    sing N N 114 
GLN CD    OE1    doub N N 115 
GLN CD    NE2    sing N N 116 
GLN NE2   HE21   sing N N 117 
GLN NE2   HE22   sing N N 118 
GLN OXT   HXT    sing N N 119 
GLU N     CA     sing N N 120 
GLU N     H      sing N N 121 
GLU N     H2     sing N N 122 
GLU CA    C      sing N N 123 
GLU CA    CB     sing N N 124 
GLU CA    HA     sing N N 125 
GLU C     O      doub N N 126 
GLU C     OXT    sing N N 127 
GLU CB    CG     sing N N 128 
GLU CB    HB2    sing N N 129 
GLU CB    HB3    sing N N 130 
GLU CG    CD     sing N N 131 
GLU CG    HG2    sing N N 132 
GLU CG    HG3    sing N N 133 
GLU CD    OE1    doub N N 134 
GLU CD    OE2    sing N N 135 
GLU OE2   HE2    sing N N 136 
GLU OXT   HXT    sing N N 137 
GLY N     CA     sing N N 138 
GLY N     H      sing N N 139 
GLY N     H2     sing N N 140 
GLY CA    C      sing N N 141 
GLY CA    HA2    sing N N 142 
GLY CA    HA3    sing N N 143 
GLY C     O      doub N N 144 
GLY C     OXT    sing N N 145 
GLY OXT   HXT    sing N N 146 
HIS N     CA     sing N N 147 
HIS N     H      sing N N 148 
HIS N     H2     sing N N 149 
HIS CA    C      sing N N 150 
HIS CA    CB     sing N N 151 
HIS CA    HA     sing N N 152 
HIS C     O      doub N N 153 
HIS C     OXT    sing N N 154 
HIS CB    CG     sing N N 155 
HIS CB    HB2    sing N N 156 
HIS CB    HB3    sing N N 157 
HIS CG    ND1    sing Y N 158 
HIS CG    CD2    doub Y N 159 
HIS ND1   CE1    doub Y N 160 
HIS ND1   HD1    sing N N 161 
HIS CD2   NE2    sing Y N 162 
HIS CD2   HD2    sing N N 163 
HIS CE1   NE2    sing Y N 164 
HIS CE1   HE1    sing N N 165 
HIS NE2   HE2    sing N N 166 
HIS OXT   HXT    sing N N 167 
HOH O     H1     sing N N 168 
HOH O     H2     sing N N 169 
ILE N     CA     sing N N 170 
ILE N     H      sing N N 171 
ILE N     H2     sing N N 172 
ILE CA    C      sing N N 173 
ILE CA    CB     sing N N 174 
ILE CA    HA     sing N N 175 
ILE C     O      doub N N 176 
ILE C     OXT    sing N N 177 
ILE CB    CG1    sing N N 178 
ILE CB    CG2    sing N N 179 
ILE CB    HB     sing N N 180 
ILE CG1   CD1    sing N N 181 
ILE CG1   HG12   sing N N 182 
ILE CG1   HG13   sing N N 183 
ILE CG2   HG21   sing N N 184 
ILE CG2   HG22   sing N N 185 
ILE CG2   HG23   sing N N 186 
ILE CD1   HD11   sing N N 187 
ILE CD1   HD12   sing N N 188 
ILE CD1   HD13   sing N N 189 
ILE OXT   HXT    sing N N 190 
LEU N     CA     sing N N 191 
LEU N     H      sing N N 192 
LEU N     H2     sing N N 193 
LEU CA    C      sing N N 194 
LEU CA    CB     sing N N 195 
LEU CA    HA     sing N N 196 
LEU C     O      doub N N 197 
LEU C     OXT    sing N N 198 
LEU CB    CG     sing N N 199 
LEU CB    HB2    sing N N 200 
LEU CB    HB3    sing N N 201 
LEU CG    CD1    sing N N 202 
LEU CG    CD2    sing N N 203 
LEU CG    HG     sing N N 204 
LEU CD1   HD11   sing N N 205 
LEU CD1   HD12   sing N N 206 
LEU CD1   HD13   sing N N 207 
LEU CD2   HD21   sing N N 208 
LEU CD2   HD22   sing N N 209 
LEU CD2   HD23   sing N N 210 
LEU OXT   HXT    sing N N 211 
LYS N     CA     sing N N 212 
LYS N     H      sing N N 213 
LYS N     H2     sing N N 214 
LYS CA    C      sing N N 215 
LYS CA    CB     sing N N 216 
LYS CA    HA     sing N N 217 
LYS C     O      doub N N 218 
LYS C     OXT    sing N N 219 
LYS CB    CG     sing N N 220 
LYS CB    HB2    sing N N 221 
LYS CB    HB3    sing N N 222 
LYS CG    CD     sing N N 223 
LYS CG    HG2    sing N N 224 
LYS CG    HG3    sing N N 225 
LYS CD    CE     sing N N 226 
LYS CD    HD2    sing N N 227 
LYS CD    HD3    sing N N 228 
LYS CE    NZ     sing N N 229 
LYS CE    HE2    sing N N 230 
LYS CE    HE3    sing N N 231 
LYS NZ    HZ1    sing N N 232 
LYS NZ    HZ2    sing N N 233 
LYS NZ    HZ3    sing N N 234 
LYS OXT   HXT    sing N N 235 
MET N     CA     sing N N 236 
MET N     H      sing N N 237 
MET N     H2     sing N N 238 
MET CA    C      sing N N 239 
MET CA    CB     sing N N 240 
MET CA    HA     sing N N 241 
MET C     O      doub N N 242 
MET C     OXT    sing N N 243 
MET CB    CG     sing N N 244 
MET CB    HB2    sing N N 245 
MET CB    HB3    sing N N 246 
MET CG    SD     sing N N 247 
MET CG    HG2    sing N N 248 
MET CG    HG3    sing N N 249 
MET SD    CE     sing N N 250 
MET CE    HE1    sing N N 251 
MET CE    HE2    sing N N 252 
MET CE    HE3    sing N N 253 
MET OXT   HXT    sing N N 254 
PHE N     CA     sing N N 255 
PHE N     H      sing N N 256 
PHE N     H2     sing N N 257 
PHE CA    C      sing N N 258 
PHE CA    CB     sing N N 259 
PHE CA    HA     sing N N 260 
PHE C     O      doub N N 261 
PHE C     OXT    sing N N 262 
PHE CB    CG     sing N N 263 
PHE CB    HB2    sing N N 264 
PHE CB    HB3    sing N N 265 
PHE CG    CD1    doub Y N 266 
PHE CG    CD2    sing Y N 267 
PHE CD1   CE1    sing Y N 268 
PHE CD1   HD1    sing N N 269 
PHE CD2   CE2    doub Y N 270 
PHE CD2   HD2    sing N N 271 
PHE CE1   CZ     doub Y N 272 
PHE CE1   HE1    sing N N 273 
PHE CE2   CZ     sing Y N 274 
PHE CE2   HE2    sing N N 275 
PHE CZ    HZ     sing N N 276 
PHE OXT   HXT    sing N N 277 
PRO N     CA     sing N N 278 
PRO N     CD     sing N N 279 
PRO N     H      sing N N 280 
PRO CA    C      sing N N 281 
PRO CA    CB     sing N N 282 
PRO CA    HA     sing N N 283 
PRO C     O      doub N N 284 
PRO C     OXT    sing N N 285 
PRO CB    CG     sing N N 286 
PRO CB    HB2    sing N N 287 
PRO CB    HB3    sing N N 288 
PRO CG    CD     sing N N 289 
PRO CG    HG2    sing N N 290 
PRO CG    HG3    sing N N 291 
PRO CD    HD2    sing N N 292 
PRO CD    HD3    sing N N 293 
PRO OXT   HXT    sing N N 294 
SER N     CA     sing N N 295 
SER N     H      sing N N 296 
SER N     H2     sing N N 297 
SER CA    C      sing N N 298 
SER CA    CB     sing N N 299 
SER CA    HA     sing N N 300 
SER C     O      doub N N 301 
SER C     OXT    sing N N 302 
SER CB    OG     sing N N 303 
SER CB    HB2    sing N N 304 
SER CB    HB3    sing N N 305 
SER OG    HG     sing N N 306 
SER OXT   HXT    sing N N 307 
THR N     CA     sing N N 308 
THR N     H      sing N N 309 
THR N     H2     sing N N 310 
THR CA    C      sing N N 311 
THR CA    CB     sing N N 312 
THR CA    HA     sing N N 313 
THR C     O      doub N N 314 
THR C     OXT    sing N N 315 
THR CB    OG1    sing N N 316 
THR CB    CG2    sing N N 317 
THR CB    HB     sing N N 318 
THR OG1   HG1    sing N N 319 
THR CG2   HG21   sing N N 320 
THR CG2   HG22   sing N N 321 
THR CG2   HG23   sing N N 322 
THR OXT   HXT    sing N N 323 
TRP N     CA     sing N N 324 
TRP N     H      sing N N 325 
TRP N     H2     sing N N 326 
TRP CA    C      sing N N 327 
TRP CA    CB     sing N N 328 
TRP CA    HA     sing N N 329 
TRP C     O      doub N N 330 
TRP C     OXT    sing N N 331 
TRP CB    CG     sing N N 332 
TRP CB    HB2    sing N N 333 
TRP CB    HB3    sing N N 334 
TRP CG    CD1    doub Y N 335 
TRP CG    CD2    sing Y N 336 
TRP CD1   NE1    sing Y N 337 
TRP CD1   HD1    sing N N 338 
TRP CD2   CE2    doub Y N 339 
TRP CD2   CE3    sing Y N 340 
TRP NE1   CE2    sing Y N 341 
TRP NE1   HE1    sing N N 342 
TRP CE2   CZ2    sing Y N 343 
TRP CE3   CZ3    doub Y N 344 
TRP CE3   HE3    sing N N 345 
TRP CZ2   CH2    doub Y N 346 
TRP CZ2   HZ2    sing N N 347 
TRP CZ3   CH2    sing Y N 348 
TRP CZ3   HZ3    sing N N 349 
TRP CH2   HH2    sing N N 350 
TRP OXT   HXT    sing N N 351 
TYR N     CA     sing N N 352 
TYR N     H      sing N N 353 
TYR N     H2     sing N N 354 
TYR CA    C      sing N N 355 
TYR CA    CB     sing N N 356 
TYR CA    HA     sing N N 357 
TYR C     O      doub N N 358 
TYR C     OXT    sing N N 359 
TYR CB    CG     sing N N 360 
TYR CB    HB2    sing N N 361 
TYR CB    HB3    sing N N 362 
TYR CG    CD1    doub Y N 363 
TYR CG    CD2    sing Y N 364 
TYR CD1   CE1    sing Y N 365 
TYR CD1   HD1    sing N N 366 
TYR CD2   CE2    doub Y N 367 
TYR CD2   HD2    sing N N 368 
TYR CE1   CZ     doub Y N 369 
TYR CE1   HE1    sing N N 370 
TYR CE2   CZ     sing Y N 371 
TYR CE2   HE2    sing N N 372 
TYR CZ    OH     sing N N 373 
TYR OH    HH     sing N N 374 
TYR OXT   HXT    sing N N 375 
VAL N     CA     sing N N 376 
VAL N     H      sing N N 377 
VAL N     H2     sing N N 378 
VAL CA    C      sing N N 379 
VAL CA    CB     sing N N 380 
VAL CA    HA     sing N N 381 
VAL C     O      doub N N 382 
VAL C     OXT    sing N N 383 
VAL CB    CG1    sing N N 384 
VAL CB    CG2    sing N N 385 
VAL CB    HB     sing N N 386 
VAL CG1   HG11   sing N N 387 
VAL CG1   HG12   sing N N 388 
VAL CG1   HG13   sing N N 389 
VAL CG2   HG21   sing N N 390 
VAL CG2   HG22   sing N N 391 
VAL CG2   HG23   sing N N 392 
VAL OXT   HXT    sing N N 393 
# 
loop_
_pdbx_entity_nonpoly.entity_id 
_pdbx_entity_nonpoly.name 
_pdbx_entity_nonpoly.comp_id 
2 '4-AMINO-1-BETA-D-RIBOFURANOSYL-2(1H)-PYRIMIDINONE' CTN 
3 water                                               HOH 
# 
_pdbx_initial_refinement_model.id               1 
_pdbx_initial_refinement_model.entity_id_list   ? 
_pdbx_initial_refinement_model.type             'experimental model' 
_pdbx_initial_refinement_model.source_name      PDB 
_pdbx_initial_refinement_model.accession_code   4IKO 
_pdbx_initial_refinement_model.details          ? 
# 
